data_7OCT
#
_entry.id   7OCT
#
_cell.length_a   99.304
_cell.length_b   156.957
_cell.length_c   220.028
_cell.angle_alpha   90.000
_cell.angle_beta   90.000
_cell.angle_gamma   90.000
#
_symmetry.space_group_name_H-M   'C 2 2 21'
#
loop_
_entity.id
_entity.type
_entity.pdbx_description
1 polymer 'HAD hydrolase, family IA, variant 3'
2 non-polymer 1,2-ETHANEDIOL
3 non-polymer 'MAGNESIUM ION'
4 non-polymer 'NADPH DIHYDRO-NICOTINAMIDE-ADENINE-DINUCLEOTIDE PHOSPHATE'
5 non-polymer 'SULFATE ION'
6 non-polymer 'CHLORIDE ION'
7 non-polymer 'POTASSIUM ION'
8 non-polymer '4-(2-HYDROXYETHYL)-1-PIPERAZINE ETHANESULFONIC ACID'
9 non-polymer 'ACETATE ION'
10 water water
#
_entity_poly.entity_id   1
_entity_poly.type   'polypeptide(L)'
_entity_poly.pdbx_seq_one_letter_code
;MVLIFHGKPVHGAIFDMDGTMFDTERLRFQTLQQASQELIGQEFSHEYLMQCLGLSATTAEKLAQRLYGVDVPYKEIRKR
ADEMELEHIRKHGVPIKKGLVQVLERLRKSGLRMAVATSSRRAIAEEYLINANVYKFFDVITCGDEVEQGKPHPEIFLKA
ASQLHLDANQCLMFEDSENGLTSAHTSKGLTILLKDIKEPNDEMLEKAHFYYDQMYDFLTDLDQFIPVMDMPEMQEPFPQ
SLNQLTVGIHGFGAIGGGYIAQILSHWDGYTKPKRIIASTRNSLFREAVNAFGTYSIRYGQFSYDERIENMSIVDSDNEQ
QMLEMYTHSSLIALCLPEQAIESESKIIAKGLYARFNSQLETCIEPLTFLIILAKVGAKYLVMKHLKEALLELTNDEDVT
EHILKEHYFCDTVVNRMVSKLSNQNLYRQLRIKHNFLEQHLEDVEQEDQIEIEDCNKLTPDQLNQASIYVDNMRRNFQPG
HILQSMDLILFHSETDMPIYVEKGSPLLEKLRQVVLVDQITDIQLIKNRLWNGVHAMLAWYASLMGYESIGVAMGDHLVK
AFAENLIAEVKQGLAIVLPNYAKDLDRMSQSFLDSCEYAFKDPCQRVARDPLRKLNHNERVMASIAVNIRHDLPYKNLLK
GAALGYAYAIQFLEIEETKAVEHLQQQIQNLDLSTAQRRQLEAELVQLIQYLFSEQGKQPLDIKSNNTKTTSTQYVAAAL
EHHHHHH
;
_entity_poly.pdbx_strand_id   A,B
#
loop_
_chem_comp.id
_chem_comp.type
_chem_comp.name
_chem_comp.formula
ACT non-polymer 'ACETATE ION' 'C2 H3 O2 -1'
CL non-polymer 'CHLORIDE ION' 'Cl -1'
EDO non-polymer 1,2-ETHANEDIOL 'C2 H6 O2'
EPE non-polymer '4-(2-HYDROXYETHYL)-1-PIPERAZINE ETHANESULFONIC ACID' 'C8 H18 N2 O4 S'
K non-polymer 'POTASSIUM ION' 'K 1'
MG non-polymer 'MAGNESIUM ION' 'Mg 2'
NDP non-polymer 'NADPH DIHYDRO-NICOTINAMIDE-ADENINE-DINUCLEOTIDE PHOSPHATE' 'C21 H30 N7 O17 P3'
SO4 non-polymer 'SULFATE ION' 'O4 S -2'
#
# COMPACT_ATOMS: atom_id res chain seq x y z
N VAL A 2 26.74 -10.80 5.78
CA VAL A 2 25.24 -10.92 5.63
C VAL A 2 24.90 -11.14 4.15
N LEU A 3 25.50 -10.36 3.25
CA LEU A 3 25.40 -10.53 1.77
C LEU A 3 26.75 -11.03 1.26
N ILE A 4 26.80 -12.25 0.74
CA ILE A 4 28.04 -12.88 0.19
C ILE A 4 28.12 -12.55 -1.31
N PHE A 5 29.18 -11.87 -1.73
CA PHE A 5 29.47 -11.53 -3.14
C PHE A 5 30.84 -12.11 -3.53
N HIS A 6 30.82 -13.17 -4.34
CA HIS A 6 32.02 -13.92 -4.80
C HIS A 6 32.88 -14.31 -3.60
N GLY A 7 32.25 -14.95 -2.60
CA GLY A 7 32.92 -15.57 -1.43
C GLY A 7 33.47 -14.55 -0.46
N LYS A 8 32.99 -13.31 -0.51
CA LYS A 8 33.44 -12.18 0.35
C LYS A 8 32.23 -11.63 1.11
N PRO A 9 32.28 -11.53 2.45
CA PRO A 9 31.18 -10.97 3.22
C PRO A 9 31.10 -9.43 3.04
N VAL A 10 29.97 -8.95 2.52
CA VAL A 10 29.70 -7.51 2.25
C VAL A 10 28.69 -7.00 3.27
N HIS A 11 29.03 -5.94 4.00
CA HIS A 11 28.15 -5.23 4.97
C HIS A 11 27.87 -3.79 4.48
N GLY A 12 28.67 -3.27 3.53
CA GLY A 12 28.57 -1.89 3.04
C GLY A 12 28.59 -1.82 1.52
N ALA A 13 28.10 -0.71 0.96
CA ALA A 13 28.09 -0.41 -0.49
C ALA A 13 28.21 1.11 -0.70
N ILE A 14 29.38 1.57 -1.19
CA ILE A 14 29.67 3.03 -1.42
C ILE A 14 29.72 3.27 -2.93
N PHE A 15 28.86 4.14 -3.44
CA PHE A 15 28.69 4.45 -4.89
C PHE A 15 29.27 5.83 -5.22
N ASP A 16 29.99 5.92 -6.34
CA ASP A 16 30.27 7.20 -7.05
C ASP A 16 28.94 7.68 -7.65
N MET A 17 28.76 8.99 -7.81
CA MET A 17 27.50 9.60 -8.30
C MET A 17 27.54 9.75 -9.82
N ASP A 18 28.35 10.69 -10.33
CA ASP A 18 28.39 11.04 -11.78
C ASP A 18 29.17 9.97 -12.53
N GLY A 19 28.55 9.34 -13.53
CA GLY A 19 29.14 8.32 -14.41
C GLY A 19 28.86 6.90 -13.95
N THR A 20 28.57 6.71 -12.66
CA THR A 20 28.36 5.39 -12.00
C THR A 20 26.87 5.17 -11.73
N MET A 21 26.21 6.13 -11.10
CA MET A 21 24.75 6.08 -10.75
C MET A 21 23.94 6.79 -11.84
N PHE A 22 24.36 7.98 -12.26
CA PHE A 22 23.65 8.85 -13.23
C PHE A 22 24.48 8.99 -14.51
N ASP A 23 23.79 9.13 -15.65
CA ASP A 23 24.41 9.29 -17.00
C ASP A 23 24.61 10.79 -17.26
N THR A 24 25.34 11.45 -16.35
CA THR A 24 25.55 12.93 -16.31
C THR A 24 26.75 13.32 -17.17
N GLU A 25 27.64 12.37 -17.50
CA GLU A 25 28.84 12.59 -18.34
C GLU A 25 28.40 12.79 -19.79
N ARG A 26 27.44 12.00 -20.27
CA ARG A 26 26.89 12.10 -21.65
CA ARG A 26 26.90 12.11 -21.66
C ARG A 26 26.05 13.36 -21.78
N LEU A 27 25.39 13.78 -20.69
CA LEU A 27 24.58 15.03 -20.62
C LEU A 27 25.53 16.24 -20.72
N ARG A 28 26.68 16.16 -20.05
CA ARG A 28 27.76 17.20 -20.09
C ARG A 28 28.33 17.30 -21.51
N PHE A 29 28.52 16.15 -22.18
CA PHE A 29 28.91 16.05 -23.62
C PHE A 29 27.95 16.87 -24.48
N GLN A 30 26.64 16.58 -24.35
CA GLN A 30 25.55 17.17 -25.17
C GLN A 30 25.53 18.70 -24.98
N THR A 31 25.53 19.16 -23.73
CA THR A 31 25.42 20.59 -23.34
C THR A 31 26.65 21.36 -23.84
N LEU A 32 27.85 20.80 -23.67
CA LEU A 32 29.14 21.43 -24.12
C LEU A 32 29.10 21.68 -25.63
N GLN A 33 28.52 20.75 -26.41
CA GLN A 33 28.36 20.87 -27.88
C GLN A 33 27.31 21.94 -28.18
N GLN A 34 26.15 21.87 -27.53
CA GLN A 34 25.01 22.82 -27.71
C GLN A 34 25.45 24.23 -27.30
N ALA A 35 26.25 24.36 -26.23
CA ALA A 35 26.78 25.63 -25.70
C ALA A 35 27.77 26.24 -26.69
N SER A 36 28.66 25.41 -27.25
CA SER A 36 29.69 25.79 -28.25
C SER A 36 29.02 26.26 -29.55
N GLN A 37 27.94 25.58 -29.97
CA GLN A 37 27.15 25.91 -31.19
C GLN A 37 26.55 27.33 -31.05
N GLU A 38 26.12 27.70 -29.84
CA GLU A 38 25.52 29.02 -29.55
C GLU A 38 26.57 30.13 -29.67
N LEU A 39 27.66 30.03 -28.90
CA LEU A 39 28.64 31.12 -28.68
C LEU A 39 29.59 31.24 -29.88
N ILE A 40 30.50 30.28 -30.06
CA ILE A 40 31.61 30.35 -31.06
C ILE A 40 31.10 29.95 -32.46
N GLY A 41 29.91 29.34 -32.55
CA GLY A 41 29.25 28.99 -33.83
C GLY A 41 29.50 27.56 -34.23
N GLN A 42 30.75 27.08 -34.08
CA GLN A 42 31.17 25.69 -34.33
C GLN A 42 31.10 24.91 -33.02
N GLU A 43 30.38 23.77 -33.00
CA GLU A 43 30.28 22.90 -31.78
C GLU A 43 31.59 22.14 -31.62
N PHE A 44 32.01 21.90 -30.36
CA PHE A 44 33.21 21.09 -30.02
C PHE A 44 33.02 19.67 -30.56
N SER A 45 34.09 19.09 -31.11
CA SER A 45 34.08 17.72 -31.71
C SER A 45 33.84 16.68 -30.62
N HIS A 46 33.20 15.57 -31.00
CA HIS A 46 33.03 14.35 -30.14
C HIS A 46 34.40 13.85 -29.68
N GLU A 47 35.38 13.85 -30.58
CA GLU A 47 36.74 13.28 -30.38
C GLU A 47 37.48 14.09 -29.30
N TYR A 48 37.31 15.42 -29.29
CA TYR A 48 37.90 16.34 -28.28
C TYR A 48 37.33 16.02 -26.88
N LEU A 49 36.00 15.92 -26.79
CA LEU A 49 35.27 15.67 -25.51
C LEU A 49 35.64 14.28 -24.96
N MET A 50 35.84 13.30 -25.84
CA MET A 50 36.30 11.93 -25.47
C MET A 50 37.72 12.00 -24.91
N GLN A 51 38.56 12.87 -25.49
CA GLN A 51 39.98 13.07 -25.08
C GLN A 51 40.03 13.78 -23.72
N CYS A 52 39.00 14.55 -23.38
CA CYS A 52 38.92 15.38 -22.15
C CYS A 52 38.51 14.54 -20.93
N LEU A 53 37.83 13.40 -21.14
CA LEU A 53 37.41 12.47 -20.07
C LEU A 53 38.63 12.05 -19.25
N GLY A 54 38.67 12.43 -17.97
CA GLY A 54 39.79 12.13 -17.03
C GLY A 54 40.63 13.35 -16.74
N LEU A 55 40.81 14.23 -17.73
CA LEU A 55 41.64 15.46 -17.63
C LEU A 55 40.91 16.51 -16.79
N SER A 56 41.67 17.43 -16.18
CA SER A 56 41.15 18.56 -15.36
C SER A 56 40.55 19.63 -16.28
N ALA A 57 39.84 20.60 -15.69
CA ALA A 57 39.20 21.74 -16.39
C ALA A 57 40.28 22.61 -17.07
N THR A 58 41.44 22.75 -16.42
CA THR A 58 42.60 23.55 -16.92
C THR A 58 43.23 22.86 -18.12
N THR A 59 43.49 21.55 -18.01
CA THR A 59 44.08 20.70 -19.08
C THR A 59 43.13 20.66 -20.29
N ALA A 60 41.82 20.58 -20.02
CA ALA A 60 40.73 20.58 -21.03
C ALA A 60 40.68 21.94 -21.73
N GLU A 61 40.84 23.03 -20.98
CA GLU A 61 40.81 24.43 -21.50
C GLU A 61 42.00 24.65 -22.45
N LYS A 62 43.21 24.26 -22.01
CA LYS A 62 44.47 24.40 -22.79
C LYS A 62 44.37 23.59 -24.10
N LEU A 63 43.68 22.44 -24.07
CA LEU A 63 43.46 21.57 -25.25
C LEU A 63 42.51 22.26 -26.22
N ALA A 64 41.44 22.89 -25.71
CA ALA A 64 40.45 23.67 -26.51
C ALA A 64 41.14 24.86 -27.18
N GLN A 65 42.10 25.49 -26.49
CA GLN A 65 42.88 26.65 -27.00
C GLN A 65 43.75 26.22 -28.19
N ARG A 66 44.40 25.05 -28.07
CA ARG A 66 45.31 24.49 -29.12
C ARG A 66 44.54 24.25 -30.42
N LEU A 67 43.27 23.82 -30.33
CA LEU A 67 42.45 23.37 -31.48
C LEU A 67 41.63 24.55 -32.05
N TYR A 68 40.92 25.28 -31.18
CA TYR A 68 39.89 26.28 -31.56
C TYR A 68 40.40 27.72 -31.36
N GLY A 69 41.69 27.89 -31.05
CA GLY A 69 42.34 29.21 -30.90
C GLY A 69 42.44 29.64 -29.45
N VAL A 70 43.42 30.50 -29.14
CA VAL A 70 43.80 30.93 -27.76
C VAL A 70 42.67 31.76 -27.14
N ASP A 71 41.95 32.55 -27.95
CA ASP A 71 40.88 33.47 -27.49
C ASP A 71 39.51 32.77 -27.51
N VAL A 72 39.50 31.44 -27.38
CA VAL A 72 38.25 30.63 -27.27
C VAL A 72 37.63 30.87 -25.90
N PRO A 73 36.33 31.21 -25.81
CA PRO A 73 35.66 31.45 -24.53
C PRO A 73 35.22 30.15 -23.86
N TYR A 74 36.19 29.36 -23.38
CA TYR A 74 35.99 28.00 -22.80
C TYR A 74 35.21 28.11 -21.49
N LYS A 75 35.65 28.98 -20.58
CA LYS A 75 35.02 29.22 -19.25
C LYS A 75 33.57 29.69 -19.43
N GLU A 76 33.31 30.48 -20.48
CA GLU A 76 31.96 30.99 -20.82
C GLU A 76 31.09 29.83 -21.34
N ILE A 77 31.65 29.00 -22.23
CA ILE A 77 30.98 27.78 -22.78
C ILE A 77 30.70 26.80 -21.63
N ARG A 78 31.69 26.56 -20.77
CA ARG A 78 31.61 25.60 -19.64
C ARG A 78 30.49 26.02 -18.68
N LYS A 79 30.39 27.31 -18.37
CA LYS A 79 29.37 27.87 -17.44
C LYS A 79 27.97 27.74 -18.04
N ARG A 80 27.83 28.03 -19.33
CA ARG A 80 26.56 27.89 -20.10
C ARG A 80 26.13 26.42 -20.09
N ALA A 81 27.07 25.50 -20.33
CA ALA A 81 26.85 24.04 -20.32
C ALA A 81 26.38 23.58 -18.94
N ASP A 82 26.98 24.11 -17.88
CA ASP A 82 26.61 23.83 -16.46
C ASP A 82 25.18 24.30 -16.19
N GLU A 83 24.79 25.46 -16.74
CA GLU A 83 23.45 26.06 -16.60
C GLU A 83 22.42 25.20 -17.35
N MET A 84 22.74 24.79 -18.59
CA MET A 84 21.89 23.93 -19.46
C MET A 84 21.69 22.56 -18.80
N GLU A 85 22.70 22.07 -18.07
CA GLU A 85 22.69 20.75 -17.38
C GLU A 85 21.66 20.77 -16.24
N LEU A 86 21.79 21.74 -15.32
CA LEU A 86 20.89 21.91 -14.14
C LEU A 86 19.45 22.08 -14.61
N GLU A 87 19.22 22.91 -15.64
CA GLU A 87 17.88 23.24 -16.20
C GLU A 87 17.20 21.93 -16.63
N HIS A 88 17.88 21.13 -17.45
CA HIS A 88 17.39 19.83 -18.01
C HIS A 88 17.13 18.84 -16.86
N ILE A 89 18.06 18.77 -15.89
CA ILE A 89 18.01 17.84 -14.73
C ILE A 89 16.81 18.19 -13.83
N ARG A 90 16.51 19.48 -13.65
CA ARG A 90 15.49 19.96 -12.69
C ARG A 90 14.08 19.68 -13.21
N LYS A 91 13.84 19.82 -14.52
CA LYS A 91 12.49 19.73 -15.14
C LYS A 91 12.24 18.31 -15.68
N HIS A 92 13.21 17.71 -16.37
CA HIS A 92 13.09 16.39 -17.05
C HIS A 92 13.61 15.25 -16.15
N GLY A 93 14.36 15.58 -15.09
CA GLY A 93 14.89 14.61 -14.11
C GLY A 93 16.32 14.20 -14.43
N VAL A 94 17.09 13.81 -13.41
CA VAL A 94 18.49 13.31 -13.54
C VAL A 94 18.44 12.01 -14.35
N PRO A 95 19.31 11.84 -15.39
CA PRO A 95 19.34 10.60 -16.15
C PRO A 95 19.98 9.48 -15.32
N ILE A 96 19.15 8.55 -14.82
CA ILE A 96 19.58 7.41 -13.96
C ILE A 96 20.08 6.28 -14.87
N LYS A 97 21.26 5.73 -14.56
CA LYS A 97 21.84 4.55 -15.26
C LYS A 97 20.87 3.38 -15.16
N LYS A 98 20.61 2.71 -16.29
CA LYS A 98 19.64 1.59 -16.41
C LYS A 98 20.03 0.47 -15.43
N GLY A 99 19.16 0.17 -14.46
CA GLY A 99 19.31 -0.96 -13.53
C GLY A 99 19.78 -0.56 -12.14
N LEU A 100 19.98 0.74 -11.89
CA LEU A 100 20.51 1.25 -10.60
C LEU A 100 19.53 0.93 -9.47
N VAL A 101 18.28 1.35 -9.61
CA VAL A 101 17.20 1.19 -8.59
C VAL A 101 17.04 -0.30 -8.27
N GLN A 102 17.12 -1.17 -9.29
CA GLN A 102 17.04 -2.64 -9.15
C GLN A 102 18.19 -3.15 -8.27
N VAL A 103 19.39 -2.56 -8.42
CA VAL A 103 20.61 -2.91 -7.63
C VAL A 103 20.46 -2.37 -6.21
N LEU A 104 20.10 -1.09 -6.06
CA LEU A 104 20.03 -0.38 -4.75
C LEU A 104 19.02 -1.08 -3.83
N GLU A 105 17.88 -1.53 -4.36
CA GLU A 105 16.83 -2.25 -3.60
C GLU A 105 17.37 -3.61 -3.15
N ARG A 106 18.11 -4.31 -4.03
CA ARG A 106 18.69 -5.65 -3.76
C ARG A 106 19.69 -5.54 -2.59
N LEU A 107 20.59 -4.55 -2.65
CA LEU A 107 21.65 -4.33 -1.62
C LEU A 107 21.00 -3.89 -0.31
N ARG A 108 19.95 -3.05 -0.38
CA ARG A 108 19.27 -2.47 0.80
C ARG A 108 18.49 -3.58 1.54
N LYS A 109 17.74 -4.39 0.79
CA LYS A 109 16.92 -5.50 1.34
C LYS A 109 17.83 -6.65 1.82
N SER A 110 19.11 -6.65 1.40
CA SER A 110 20.16 -7.57 1.89
C SER A 110 20.78 -7.03 3.19
N GLY A 111 20.34 -5.84 3.65
CA GLY A 111 20.69 -5.26 4.97
C GLY A 111 21.99 -4.51 4.94
N LEU A 112 22.48 -4.11 3.76
CA LEU A 112 23.75 -3.36 3.59
C LEU A 112 23.53 -1.89 3.94
N ARG A 113 24.43 -1.32 4.74
CA ARG A 113 24.57 0.15 4.93
C ARG A 113 25.21 0.73 3.66
N MET A 114 24.72 1.87 3.17
CA MET A 114 25.10 2.41 1.85
C MET A 114 25.38 3.91 1.95
N ALA A 115 26.38 4.38 1.20
CA ALA A 115 26.84 5.79 1.15
C ALA A 115 27.08 6.21 -0.31
N VAL A 116 27.22 7.51 -0.56
CA VAL A 116 27.63 8.10 -1.86
C VAL A 116 28.93 8.89 -1.64
N ALA A 117 30.01 8.48 -2.30
CA ALA A 117 31.33 9.17 -2.30
C ALA A 117 31.50 9.91 -3.63
N THR A 118 31.16 11.21 -3.64
CA THR A 118 31.13 12.08 -4.85
C THR A 118 32.06 13.28 -4.65
N SER A 119 32.81 13.65 -5.68
CA SER A 119 33.71 14.84 -5.70
C SER A 119 32.87 16.12 -5.83
N SER A 120 31.60 15.98 -6.21
CA SER A 120 30.58 17.07 -6.21
C SER A 120 30.44 17.66 -4.81
N ARG A 121 29.88 18.87 -4.70
CA ARG A 121 29.63 19.56 -3.41
C ARG A 121 28.28 19.11 -2.86
N ARG A 122 28.11 19.17 -1.54
CA ARG A 122 26.93 18.66 -0.78
C ARG A 122 25.63 19.14 -1.45
N ALA A 123 25.50 20.44 -1.67
CA ALA A 123 24.27 21.12 -2.15
C ALA A 123 23.74 20.46 -3.42
N ILE A 124 24.57 20.40 -4.47
CA ILE A 124 24.19 19.87 -5.82
C ILE A 124 24.01 18.36 -5.75
N ALA A 125 24.84 17.67 -4.97
CA ALA A 125 24.81 16.19 -4.77
C ALA A 125 23.46 15.78 -4.15
N GLU A 126 23.06 16.45 -3.07
CA GLU A 126 21.80 16.16 -2.32
C GLU A 126 20.58 16.39 -3.23
N GLU A 127 20.61 17.43 -4.07
CA GLU A 127 19.51 17.76 -5.03
C GLU A 127 19.34 16.62 -6.04
N TYR A 128 20.45 16.16 -6.63
CA TYR A 128 20.50 15.10 -7.65
C TYR A 128 19.90 13.80 -7.09
N LEU A 129 20.27 13.44 -5.86
CA LEU A 129 19.84 12.19 -5.17
C LEU A 129 18.35 12.28 -4.84
N ILE A 130 17.86 13.46 -4.47
CA ILE A 130 16.41 13.75 -4.23
C ILE A 130 15.67 13.70 -5.58
N ASN A 131 16.23 14.36 -6.61
CA ASN A 131 15.69 14.44 -7.98
C ASN A 131 15.43 13.03 -8.51
N ALA A 132 16.43 12.15 -8.42
CA ALA A 132 16.40 10.76 -8.94
C ALA A 132 15.58 9.85 -8.01
N ASN A 133 15.33 10.29 -6.78
CA ASN A 133 14.57 9.55 -5.73
C ASN A 133 15.36 8.30 -5.34
N VAL A 134 16.65 8.47 -5.05
CA VAL A 134 17.58 7.37 -4.64
C VAL A 134 18.27 7.73 -3.32
N TYR A 135 17.98 8.89 -2.73
CA TYR A 135 18.60 9.39 -1.48
C TYR A 135 18.17 8.51 -0.30
N LYS A 136 16.92 8.02 -0.34
CA LYS A 136 16.31 7.09 0.66
C LYS A 136 17.23 5.88 0.90
N PHE A 137 17.93 5.42 -0.15
CA PHE A 137 18.74 4.17 -0.14
C PHE A 137 20.06 4.37 0.61
N PHE A 138 20.53 5.62 0.77
CA PHE A 138 21.86 5.95 1.32
C PHE A 138 21.74 6.50 2.74
N ASP A 139 22.55 5.95 3.65
CA ASP A 139 22.59 6.31 5.09
C ASP A 139 23.34 7.63 5.27
N VAL A 140 24.55 7.69 4.71
CA VAL A 140 25.43 8.90 4.71
C VAL A 140 25.81 9.24 3.27
N ILE A 141 26.45 10.38 3.07
CA ILE A 141 26.96 10.90 1.78
C ILE A 141 28.22 11.73 2.08
N THR A 142 29.35 11.36 1.48
CA THR A 142 30.67 12.03 1.68
C THR A 142 31.02 12.78 0.39
N CYS A 143 31.22 14.11 0.50
CA CYS A 143 31.36 15.03 -0.66
C CYS A 143 32.79 15.57 -0.74
N GLY A 144 33.17 16.08 -1.93
CA GLY A 144 34.52 16.57 -2.24
C GLY A 144 34.91 17.79 -1.42
N ASP A 145 33.93 18.61 -1.03
CA ASP A 145 34.13 19.85 -0.23
C ASP A 145 34.24 19.49 1.26
N GLU A 146 34.24 18.20 1.61
CA GLU A 146 34.27 17.70 3.00
C GLU A 146 35.47 16.76 3.21
N VAL A 147 36.52 16.92 2.41
CA VAL A 147 37.79 16.15 2.50
C VAL A 147 38.96 17.07 2.13
N GLU A 148 40.12 16.90 2.79
CA GLU A 148 41.36 17.70 2.52
C GLU A 148 41.93 17.28 1.16
N GLN A 149 41.96 15.98 0.87
CA GLN A 149 42.49 15.40 -0.40
C GLN A 149 41.40 14.54 -1.05
N GLY A 150 40.91 14.96 -2.22
CA GLY A 150 39.92 14.22 -3.03
C GLY A 150 40.58 13.12 -3.85
N LYS A 151 39.82 12.48 -4.74
CA LYS A 151 40.29 11.37 -5.61
C LYS A 151 41.46 11.88 -6.46
N PRO A 152 42.56 11.11 -6.65
CA PRO A 152 42.59 9.67 -6.34
C PRO A 152 43.04 9.26 -4.93
N HIS A 153 43.07 10.19 -3.97
CA HIS A 153 43.38 9.90 -2.54
C HIS A 153 42.21 9.12 -1.91
N PRO A 154 42.47 8.07 -1.12
CA PRO A 154 41.40 7.21 -0.59
C PRO A 154 40.55 7.81 0.56
N GLU A 155 40.78 9.08 0.91
CA GLU A 155 40.17 9.76 2.08
C GLU A 155 38.63 9.72 1.99
N ILE A 156 38.08 10.02 0.81
CA ILE A 156 36.61 10.17 0.58
C ILE A 156 35.92 8.81 0.76
N PHE A 157 36.56 7.71 0.34
CA PHE A 157 36.04 6.33 0.45
C PHE A 157 36.31 5.76 1.84
N LEU A 158 37.45 6.14 2.45
CA LEU A 158 37.84 5.74 3.83
C LEU A 158 36.88 6.39 4.84
N LYS A 159 36.54 7.67 4.64
CA LYS A 159 35.64 8.44 5.53
C LYS A 159 34.23 7.87 5.45
N ALA A 160 33.72 7.64 4.23
CA ALA A 160 32.39 7.08 3.94
C ALA A 160 32.19 5.76 4.70
N ALA A 161 33.22 4.90 4.72
CA ALA A 161 33.20 3.56 5.34
C ALA A 161 33.15 3.68 6.87
N SER A 162 33.95 4.57 7.45
CA SER A 162 34.04 4.82 8.91
C SER A 162 32.72 5.41 9.43
N GLN A 163 32.03 6.20 8.59
CA GLN A 163 30.72 6.83 8.92
C GLN A 163 29.62 5.75 8.94
N LEU A 164 29.82 4.61 8.26
CA LEU A 164 28.88 3.46 8.24
C LEU A 164 29.29 2.41 9.29
N HIS A 165 30.30 2.69 10.11
N HIS A 165 30.29 2.72 10.11
CA HIS A 165 30.80 1.79 11.20
CA HIS A 165 30.86 1.85 11.18
C HIS A 165 31.43 0.53 10.60
C HIS A 165 31.36 0.54 10.56
N LEU A 166 32.08 0.64 9.44
CA LEU A 166 32.63 -0.51 8.68
C LEU A 166 34.08 -0.22 8.27
N ASP A 167 34.91 -1.28 8.20
CA ASP A 167 36.22 -1.26 7.52
C ASP A 167 35.95 -1.22 6.01
N ALA A 168 36.88 -0.67 5.23
CA ALA A 168 36.78 -0.52 3.75
C ALA A 168 36.58 -1.91 3.11
N ASN A 169 37.30 -2.92 3.58
CA ASN A 169 37.33 -4.30 3.00
C ASN A 169 35.97 -4.99 3.18
N GLN A 170 35.06 -4.40 3.97
CA GLN A 170 33.67 -4.91 4.19
C GLN A 170 32.68 -4.26 3.23
N CYS A 171 33.14 -3.30 2.39
CA CYS A 171 32.28 -2.48 1.50
C CYS A 171 32.55 -2.81 0.03
N LEU A 172 31.49 -2.94 -0.77
CA LEU A 172 31.52 -2.84 -2.25
C LEU A 172 31.67 -1.37 -2.62
N MET A 173 32.63 -1.03 -3.49
CA MET A 173 32.89 0.37 -3.92
C MET A 173 32.73 0.46 -5.44
N PHE A 174 31.72 1.22 -5.89
CA PHE A 174 31.32 1.40 -7.31
C PHE A 174 31.93 2.71 -7.84
N GLU A 175 32.53 2.66 -9.04
CA GLU A 175 33.23 3.81 -9.66
C GLU A 175 33.37 3.60 -11.17
N ASP A 176 33.43 4.69 -11.94
CA ASP A 176 33.60 4.70 -13.42
C ASP A 176 34.97 5.30 -13.79
N SER A 177 35.38 6.39 -13.14
CA SER A 177 36.60 7.18 -13.48
C SER A 177 37.86 6.44 -13.00
N GLU A 178 39.02 6.82 -13.55
CA GLU A 178 40.36 6.23 -13.25
C GLU A 178 40.76 6.58 -11.81
N ASN A 179 40.76 7.87 -11.47
CA ASN A 179 41.19 8.41 -10.15
C ASN A 179 40.30 7.82 -9.05
N GLY A 180 38.99 7.77 -9.26
CA GLY A 180 38.00 7.25 -8.30
C GLY A 180 38.24 5.79 -7.96
N LEU A 181 38.58 4.97 -8.96
CA LEU A 181 38.88 3.52 -8.80
C LEU A 181 40.15 3.37 -7.95
N THR A 182 41.16 4.21 -8.21
CA THR A 182 42.43 4.31 -7.42
C THR A 182 42.09 4.61 -5.96
N SER A 183 41.21 5.60 -5.74
CA SER A 183 40.72 6.04 -4.41
C SER A 183 40.03 4.87 -3.69
N ALA A 184 39.13 4.19 -4.40
CA ALA A 184 38.35 3.04 -3.88
C ALA A 184 39.28 1.86 -3.59
N HIS A 185 40.18 1.53 -4.52
CA HIS A 185 41.13 0.39 -4.42
C HIS A 185 42.10 0.59 -3.26
N THR A 186 42.73 1.76 -3.19
CA THR A 186 43.74 2.13 -2.15
C THR A 186 43.11 2.00 -0.76
N SER A 187 41.85 2.42 -0.59
CA SER A 187 41.08 2.38 0.69
C SER A 187 40.97 0.94 1.20
N LYS A 188 40.94 -0.04 0.28
CA LYS A 188 40.98 -1.51 0.53
C LYS A 188 39.60 -2.15 0.29
N GLY A 189 38.65 -1.40 -0.27
CA GLY A 189 37.28 -1.89 -0.55
C GLY A 189 37.25 -2.84 -1.74
N LEU A 190 36.18 -3.63 -1.86
CA LEU A 190 35.89 -4.48 -3.05
C LEU A 190 35.43 -3.56 -4.20
N THR A 191 36.36 -3.18 -5.07
CA THR A 191 36.15 -2.22 -6.19
C THR A 191 35.32 -2.89 -7.29
N ILE A 192 34.27 -2.21 -7.76
CA ILE A 192 33.45 -2.61 -8.93
C ILE A 192 33.56 -1.50 -9.99
N LEU A 193 34.34 -1.74 -11.04
CA LEU A 193 34.53 -0.80 -12.18
C LEU A 193 33.37 -0.97 -13.15
N LEU A 194 32.70 0.13 -13.50
CA LEU A 194 31.56 0.18 -14.45
C LEU A 194 31.93 1.13 -15.61
N LYS A 195 31.96 0.63 -16.84
CA LYS A 195 32.21 1.45 -18.06
C LYS A 195 31.06 2.43 -18.23
N ASP A 196 31.38 3.70 -18.49
CA ASP A 196 30.41 4.80 -18.74
C ASP A 196 30.43 5.13 -20.24
N ILE A 197 31.48 5.82 -20.70
CA ILE A 197 31.63 6.26 -22.13
C ILE A 197 32.91 5.65 -22.70
N LYS A 198 34.07 6.00 -22.13
CA LYS A 198 35.41 5.58 -22.63
C LYS A 198 35.77 4.20 -22.07
N GLU A 199 36.18 3.29 -22.94
CA GLU A 199 36.72 1.94 -22.58
C GLU A 199 37.87 2.12 -21.60
N PRO A 200 37.81 1.53 -20.38
CA PRO A 200 38.88 1.72 -19.39
C PRO A 200 40.21 1.09 -19.85
N ASN A 201 41.33 1.69 -19.44
CA ASN A 201 42.70 1.27 -19.81
C ASN A 201 43.03 -0.07 -19.11
N ASP A 202 44.11 -0.73 -19.53
CA ASP A 202 44.55 -2.06 -19.03
C ASP A 202 44.88 -1.95 -17.53
N GLU A 203 45.46 -0.82 -17.11
CA GLU A 203 45.89 -0.58 -15.70
C GLU A 203 44.67 -0.57 -14.78
N MET A 204 43.57 0.05 -15.24
CA MET A 204 42.29 0.15 -14.48
C MET A 204 41.65 -1.25 -14.34
N LEU A 205 41.61 -2.02 -15.43
CA LEU A 205 41.01 -3.38 -15.48
C LEU A 205 41.78 -4.32 -14.55
N GLU A 206 43.11 -4.19 -14.51
CA GLU A 206 44.01 -4.97 -13.61
C GLU A 206 43.72 -4.61 -12.16
N LYS A 207 43.48 -3.32 -11.87
CA LYS A 207 43.28 -2.76 -10.51
C LYS A 207 41.94 -3.26 -9.94
N ALA A 208 40.87 -3.17 -10.73
CA ALA A 208 39.48 -3.50 -10.33
C ALA A 208 39.36 -4.99 -9.96
N HIS A 209 38.56 -5.30 -8.95
CA HIS A 209 38.23 -6.69 -8.49
C HIS A 209 37.21 -7.31 -9.45
N PHE A 210 36.23 -6.52 -9.90
CA PHE A 210 35.17 -6.92 -10.86
C PHE A 210 34.90 -5.77 -11.83
N TYR A 211 34.79 -6.08 -13.13
CA TYR A 211 34.49 -5.12 -14.22
C TYR A 211 33.20 -5.56 -14.94
N TYR A 212 32.36 -4.59 -15.30
CA TYR A 212 31.09 -4.78 -16.06
C TYR A 212 30.96 -3.65 -17.09
N ASP A 213 30.41 -3.97 -18.28
CA ASP A 213 30.19 -3.01 -19.39
C ASP A 213 29.15 -1.96 -18.99
N GLN A 214 28.24 -2.32 -18.08
CA GLN A 214 27.12 -1.44 -17.64
C GLN A 214 26.58 -1.93 -16.28
N MET A 215 25.68 -1.15 -15.68
CA MET A 215 25.01 -1.47 -14.39
C MET A 215 24.28 -2.81 -14.48
N TYR A 216 23.59 -3.06 -15.60
CA TYR A 216 22.68 -4.22 -15.81
C TYR A 216 23.49 -5.52 -15.78
N ASP A 217 24.76 -5.47 -16.18
CA ASP A 217 25.70 -6.62 -16.16
C ASP A 217 26.08 -6.95 -14.72
N PHE A 218 26.18 -5.94 -13.84
CA PHE A 218 26.40 -6.12 -12.38
C PHE A 218 25.11 -6.66 -11.73
N LEU A 219 23.96 -6.12 -12.15
CA LEU A 219 22.61 -6.53 -11.67
C LEU A 219 22.39 -8.03 -11.95
N THR A 220 22.81 -8.50 -13.13
CA THR A 220 22.70 -9.92 -13.57
C THR A 220 23.60 -10.79 -12.69
N ASP A 221 24.79 -10.28 -12.33
CA ASP A 221 25.78 -10.98 -11.47
C ASP A 221 25.28 -10.98 -10.03
N LEU A 222 24.75 -9.84 -9.55
CA LEU A 222 24.22 -9.66 -8.18
C LEU A 222 23.03 -10.61 -7.94
N ASP A 223 22.22 -10.86 -8.98
CA ASP A 223 21.02 -11.74 -8.94
C ASP A 223 21.39 -13.14 -8.46
N GLN A 224 22.63 -13.59 -8.72
CA GLN A 224 23.12 -14.95 -8.36
C GLN A 224 23.36 -15.05 -6.85
N PHE A 225 23.46 -13.91 -6.14
CA PHE A 225 23.83 -13.84 -4.71
C PHE A 225 22.67 -13.33 -3.85
N ILE A 226 21.56 -12.92 -4.48
CA ILE A 226 20.32 -12.46 -3.77
C ILE A 226 19.18 -13.40 -4.15
N PRO A 227 18.23 -13.66 -3.23
CA PRO A 227 17.19 -14.66 -3.45
C PRO A 227 16.02 -14.19 -4.33
N VAL A 228 15.47 -15.09 -5.14
CA VAL A 228 14.09 -14.95 -5.72
C VAL A 228 13.11 -15.00 -4.54
N MET A 229 12.22 -14.02 -4.44
CA MET A 229 11.29 -13.86 -3.29
C MET A 229 10.17 -14.91 -3.39
N ASP A 230 9.51 -15.19 -2.26
CA ASP A 230 8.43 -16.20 -2.13
C ASP A 230 7.19 -15.76 -2.92
N MET A 231 6.29 -16.69 -3.20
CA MET A 231 4.96 -16.47 -3.81
C MET A 231 4.23 -15.37 -3.05
N PRO A 232 3.83 -14.25 -3.69
CA PRO A 232 3.04 -13.22 -3.03
C PRO A 232 1.76 -13.76 -2.37
N GLU A 233 1.45 -13.28 -1.16
CA GLU A 233 0.18 -13.55 -0.44
C GLU A 233 -0.87 -12.54 -0.90
N MET A 234 -2.16 -12.83 -0.64
CA MET A 234 -3.29 -11.90 -0.87
C MET A 234 -3.11 -10.66 0.02
N GLN A 235 -3.38 -9.48 -0.54
CA GLN A 235 -3.35 -8.16 0.16
C GLN A 235 -1.90 -7.72 0.45
N GLU A 236 -0.91 -8.45 -0.06
CA GLU A 236 0.53 -8.10 0.08
C GLU A 236 0.83 -6.92 -0.85
N PRO A 237 1.51 -5.86 -0.37
CA PRO A 237 1.78 -4.68 -1.20
C PRO A 237 2.70 -5.00 -2.39
N PHE A 238 2.60 -4.19 -3.45
CA PHE A 238 3.52 -4.20 -4.61
C PHE A 238 4.81 -3.47 -4.23
N PRO A 239 5.94 -3.70 -4.92
CA PRO A 239 7.16 -2.94 -4.70
C PRO A 239 6.93 -1.42 -4.81
N GLN A 240 7.64 -0.64 -3.98
CA GLN A 240 7.52 0.83 -3.89
C GLN A 240 8.36 1.49 -4.99
N SER A 241 9.58 0.98 -5.22
CA SER A 241 10.57 1.51 -6.19
C SER A 241 10.24 0.99 -7.60
N LEU A 242 10.26 1.89 -8.60
CA LEU A 242 10.06 1.56 -10.03
C LEU A 242 11.42 1.33 -10.69
N ASN A 243 11.52 0.30 -11.55
CA ASN A 243 12.65 0.09 -12.49
C ASN A 243 12.29 0.80 -13.81
N GLN A 244 13.19 0.78 -14.79
CA GLN A 244 13.08 1.56 -16.06
C GLN A 244 12.50 0.69 -17.18
N LEU A 245 12.09 -0.55 -16.89
CA LEU A 245 11.50 -1.48 -17.89
C LEU A 245 10.03 -1.12 -18.13
N THR A 246 9.54 -1.38 -19.35
CA THR A 246 8.11 -1.34 -19.74
C THR A 246 7.66 -2.78 -20.01
N VAL A 247 6.43 -3.12 -19.64
CA VAL A 247 5.79 -4.44 -19.91
C VAL A 247 4.46 -4.21 -20.62
N GLY A 248 3.93 -5.22 -21.30
CA GLY A 248 2.73 -5.13 -22.15
C GLY A 248 1.70 -6.20 -21.81
N ILE A 249 0.42 -5.87 -21.96
CA ILE A 249 -0.73 -6.82 -21.86
C ILE A 249 -1.54 -6.71 -23.14
N HIS A 250 -1.20 -7.52 -24.15
CA HIS A 250 -1.88 -7.58 -25.47
C HIS A 250 -3.26 -8.24 -25.27
N GLY A 251 -4.25 -7.44 -24.88
CA GLY A 251 -5.63 -7.88 -24.59
C GLY A 251 -6.03 -7.56 -23.16
N PHE A 252 -6.36 -6.30 -22.89
CA PHE A 252 -6.79 -5.79 -21.57
C PHE A 252 -8.20 -6.33 -21.26
N GLY A 253 -8.29 -7.64 -21.07
CA GLY A 253 -9.54 -8.37 -20.77
C GLY A 253 -9.61 -8.78 -19.32
N ALA A 254 -10.48 -9.73 -18.99
CA ALA A 254 -10.69 -10.26 -17.62
C ALA A 254 -9.34 -10.69 -17.03
N ILE A 255 -8.69 -11.68 -17.66
CA ILE A 255 -7.45 -12.32 -17.15
C ILE A 255 -6.27 -11.35 -17.28
N GLY A 256 -6.23 -10.55 -18.35
CA GLY A 256 -5.17 -9.56 -18.62
C GLY A 256 -5.10 -8.50 -17.52
N GLY A 257 -6.23 -7.85 -17.23
CA GLY A 257 -6.33 -6.76 -16.26
C GLY A 257 -6.60 -7.25 -14.84
N GLY A 258 -7.14 -8.46 -14.69
CA GLY A 258 -7.62 -9.00 -13.41
C GLY A 258 -6.69 -10.04 -12.80
N TYR A 259 -5.60 -10.40 -13.48
CA TYR A 259 -4.61 -11.40 -13.00
C TYR A 259 -3.18 -10.99 -13.41
N ILE A 260 -2.90 -10.94 -14.70
CA ILE A 260 -1.53 -10.70 -15.26
C ILE A 260 -1.01 -9.36 -14.74
N ALA A 261 -1.88 -8.34 -14.68
CA ALA A 261 -1.58 -6.99 -14.15
C ALA A 261 -0.97 -7.08 -12.74
N GLN A 262 -1.52 -7.97 -11.90
CA GLN A 262 -1.04 -8.18 -10.50
C GLN A 262 0.35 -8.83 -10.54
N ILE A 263 0.54 -9.87 -11.35
CA ILE A 263 1.82 -10.63 -11.48
C ILE A 263 2.93 -9.65 -11.90
N LEU A 264 2.66 -8.80 -12.88
CA LEU A 264 3.62 -7.80 -13.42
C LEU A 264 3.85 -6.69 -12.40
N SER A 265 2.84 -6.35 -11.60
CA SER A 265 2.90 -5.31 -10.54
C SER A 265 3.76 -5.79 -9.37
N HIS A 266 3.72 -7.08 -9.04
CA HIS A 266 4.58 -7.72 -8.02
C HIS A 266 6.00 -7.88 -8.56
N TRP A 267 6.12 -8.33 -9.81
CA TRP A 267 7.40 -8.47 -10.54
C TRP A 267 8.36 -9.37 -9.73
N ASP A 268 9.51 -8.85 -9.28
CA ASP A 268 10.53 -9.64 -8.54
C ASP A 268 10.55 -9.26 -7.05
N GLY A 269 9.68 -8.33 -6.63
CA GLY A 269 9.53 -7.91 -5.22
C GLY A 269 10.55 -6.86 -4.81
N TYR A 270 11.55 -6.59 -5.64
CA TYR A 270 12.60 -5.57 -5.43
C TYR A 270 12.18 -4.26 -6.11
N THR A 271 11.77 -4.35 -7.37
CA THR A 271 11.21 -3.24 -8.18
C THR A 271 10.02 -3.75 -9.00
N LYS A 272 9.37 -2.86 -9.76
CA LYS A 272 8.30 -3.20 -10.73
C LYS A 272 8.41 -2.28 -11.94
N PRO A 273 7.85 -2.66 -13.11
CA PRO A 273 7.88 -1.81 -14.30
C PRO A 273 7.31 -0.40 -14.07
N LYS A 274 7.88 0.60 -14.74
CA LYS A 274 7.46 2.02 -14.65
C LYS A 274 6.17 2.24 -15.45
N ARG A 275 5.86 1.33 -16.38
CA ARG A 275 4.70 1.44 -17.31
C ARG A 275 4.22 0.05 -17.71
N ILE A 276 2.90 -0.18 -17.63
CA ILE A 276 2.21 -1.42 -18.11
C ILE A 276 1.24 -1.02 -19.22
N ILE A 277 1.62 -1.24 -20.49
CA ILE A 277 0.82 -0.86 -21.69
C ILE A 277 -0.15 -2.01 -22.00
N ALA A 278 -1.45 -1.76 -21.92
CA ALA A 278 -2.53 -2.75 -22.15
C ALA A 278 -3.41 -2.29 -23.32
N SER A 279 -3.73 -3.20 -24.23
CA SER A 279 -4.50 -2.94 -25.49
C SER A 279 -5.95 -3.37 -25.32
N THR A 280 -6.90 -2.56 -25.82
CA THR A 280 -8.36 -2.84 -25.84
C THR A 280 -9.03 -2.00 -26.93
N ARG A 281 -10.12 -2.51 -27.51
CA ARG A 281 -10.96 -1.80 -28.51
C ARG A 281 -12.04 -0.99 -27.78
N ASN A 282 -12.29 -1.31 -26.49
CA ASN A 282 -13.31 -0.66 -25.63
C ASN A 282 -12.84 0.76 -25.27
N SER A 283 -13.52 1.78 -25.82
CA SER A 283 -13.21 3.22 -25.64
C SER A 283 -13.42 3.62 -24.17
N LEU A 284 -14.57 3.25 -23.59
CA LEU A 284 -14.97 3.62 -22.21
C LEU A 284 -13.89 3.17 -21.22
N PHE A 285 -13.46 1.91 -21.30
CA PHE A 285 -12.41 1.30 -20.45
C PHE A 285 -11.09 2.08 -20.60
N ARG A 286 -10.67 2.31 -21.85
CA ARG A 286 -9.39 3.00 -22.19
C ARG A 286 -9.38 4.40 -21.59
N GLU A 287 -10.40 5.22 -21.90
CA GLU A 287 -10.47 6.66 -21.55
C GLU A 287 -10.67 6.82 -20.04
N ALA A 288 -11.35 5.88 -19.37
CA ALA A 288 -11.66 5.91 -17.92
C ALA A 288 -10.39 5.65 -17.11
N VAL A 289 -9.62 4.62 -17.47
CA VAL A 289 -8.37 4.21 -16.76
C VAL A 289 -7.33 5.32 -16.90
N ASN A 290 -7.22 5.92 -18.10
CA ASN A 290 -6.25 7.00 -18.42
C ASN A 290 -6.66 8.29 -17.69
N ALA A 291 -7.96 8.48 -17.46
CA ALA A 291 -8.52 9.66 -16.73
C ALA A 291 -8.18 9.56 -15.24
N PHE A 292 -8.38 8.39 -14.65
CA PHE A 292 -8.04 8.07 -13.23
C PHE A 292 -6.52 7.93 -13.09
N GLY A 293 -5.84 7.48 -14.14
CA GLY A 293 -4.40 7.15 -14.16
C GLY A 293 -4.12 5.80 -13.53
N THR A 294 -5.18 5.06 -13.20
CA THR A 294 -5.12 3.77 -12.46
C THR A 294 -6.51 3.11 -12.46
N TYR A 295 -6.56 1.81 -12.18
CA TYR A 295 -7.80 1.02 -11.93
C TYR A 295 -7.55 0.07 -10.76
N SER A 296 -8.60 -0.64 -10.33
CA SER A 296 -8.58 -1.57 -9.16
C SER A 296 -9.20 -2.91 -9.52
N ILE A 297 -8.71 -3.99 -8.90
CA ILE A 297 -9.26 -5.38 -9.01
C ILE A 297 -9.92 -5.72 -7.66
N ARG A 298 -11.16 -6.24 -7.70
CA ARG A 298 -11.96 -6.59 -6.51
C ARG A 298 -11.81 -8.10 -6.22
N TYR A 299 -11.48 -8.45 -4.96
CA TYR A 299 -11.43 -9.83 -4.45
C TYR A 299 -12.57 -10.01 -3.43
N GLY A 300 -13.73 -10.46 -3.91
CA GLY A 300 -15.00 -10.54 -3.15
C GLY A 300 -14.86 -11.26 -1.83
N GLN A 301 -14.11 -12.37 -1.81
CA GLN A 301 -13.95 -13.26 -0.63
C GLN A 301 -13.50 -12.45 0.59
N PHE A 302 -12.51 -11.56 0.42
CA PHE A 302 -11.90 -10.74 1.50
C PHE A 302 -12.39 -9.29 1.41
N SER A 303 -13.18 -8.95 0.39
CA SER A 303 -13.70 -7.58 0.11
C SER A 303 -12.53 -6.60 -0.04
N TYR A 304 -11.48 -7.02 -0.75
CA TYR A 304 -10.20 -6.28 -0.96
C TYR A 304 -10.19 -5.69 -2.37
N ASP A 305 -9.96 -4.37 -2.48
CA ASP A 305 -9.78 -3.64 -3.77
C ASP A 305 -8.29 -3.38 -3.98
N GLU A 306 -7.70 -4.06 -4.98
CA GLU A 306 -6.24 -4.02 -5.29
C GLU A 306 -6.01 -3.00 -6.42
N ARG A 307 -5.34 -1.88 -6.10
CA ARG A 307 -5.08 -0.76 -7.05
C ARG A 307 -3.82 -1.04 -7.87
N ILE A 308 -3.97 -1.16 -9.19
CA ILE A 308 -2.87 -1.36 -10.17
C ILE A 308 -2.44 0.02 -10.70
N GLU A 309 -1.29 0.52 -10.24
CA GLU A 309 -0.75 1.85 -10.61
C GLU A 309 0.09 1.73 -11.88
N ASN A 310 0.43 2.88 -12.49
CA ASN A 310 1.37 3.01 -13.65
C ASN A 310 0.83 2.23 -14.85
N MET A 311 -0.49 2.34 -15.10
CA MET A 311 -1.18 1.73 -16.26
C MET A 311 -1.34 2.78 -17.37
N SER A 312 -1.35 2.34 -18.63
CA SER A 312 -1.50 3.18 -19.84
C SER A 312 -2.24 2.38 -20.92
N ILE A 313 -3.57 2.54 -21.00
CA ILE A 313 -4.45 1.76 -21.92
C ILE A 313 -4.40 2.41 -23.30
N VAL A 314 -4.22 1.59 -24.35
CA VAL A 314 -4.07 2.04 -25.77
C VAL A 314 -5.14 1.34 -26.62
N ASP A 315 -5.42 1.90 -27.81
CA ASP A 315 -6.36 1.33 -28.81
C ASP A 315 -5.67 0.17 -29.54
N SER A 316 -6.35 -0.97 -29.65
CA SER A 316 -5.87 -2.20 -30.34
C SER A 316 -5.78 -1.97 -31.86
N ASP A 317 -6.54 -1.01 -32.39
CA ASP A 317 -6.59 -0.68 -33.83
C ASP A 317 -5.61 0.46 -34.17
N ASN A 318 -4.91 1.01 -33.17
CA ASN A 318 -3.88 2.07 -33.33
C ASN A 318 -2.51 1.40 -33.52
N GLU A 319 -1.90 1.58 -34.69
CA GLU A 319 -0.59 0.96 -35.06
C GLU A 319 0.52 1.56 -34.19
N GLN A 320 0.69 2.89 -34.23
CA GLN A 320 1.79 3.63 -33.55
C GLN A 320 1.84 3.25 -32.07
N GLN A 321 0.68 3.09 -31.42
CA GLN A 321 0.55 2.71 -29.99
C GLN A 321 0.92 1.23 -29.80
N MET A 322 0.42 0.35 -30.67
CA MET A 322 0.63 -1.12 -30.57
C MET A 322 2.08 -1.47 -30.92
N LEU A 323 2.64 -0.82 -31.95
CA LEU A 323 4.08 -0.97 -32.33
C LEU A 323 4.97 -0.52 -31.17
N GLU A 324 4.60 0.60 -30.52
CA GLU A 324 5.34 1.17 -29.36
C GLU A 324 5.37 0.15 -28.20
N MET A 325 4.32 -0.65 -28.04
CA MET A 325 4.26 -1.73 -27.02
C MET A 325 5.38 -2.74 -27.31
N TYR A 326 5.39 -3.31 -28.52
CA TYR A 326 6.34 -4.36 -28.96
C TYR A 326 7.76 -3.77 -29.08
N THR A 327 7.89 -2.45 -29.24
CA THR A 327 9.17 -1.72 -29.36
C THR A 327 9.77 -1.49 -27.97
N HIS A 328 8.96 -0.98 -27.03
CA HIS A 328 9.41 -0.48 -25.69
C HIS A 328 9.35 -1.59 -24.63
N SER A 329 8.42 -2.55 -24.76
CA SER A 329 8.17 -3.61 -23.75
C SER A 329 9.32 -4.62 -23.72
N SER A 330 9.69 -5.07 -22.51
CA SER A 330 10.70 -6.13 -22.25
C SER A 330 10.00 -7.49 -22.14
N LEU A 331 8.75 -7.50 -21.66
CA LEU A 331 7.89 -8.70 -21.53
C LEU A 331 6.46 -8.32 -21.95
N ILE A 332 5.81 -9.15 -22.78
CA ILE A 332 4.41 -8.96 -23.25
C ILE A 332 3.62 -10.23 -22.95
N ALA A 333 2.37 -10.07 -22.48
CA ALA A 333 1.42 -11.17 -22.19
C ALA A 333 0.28 -11.13 -23.20
N LEU A 334 0.10 -12.20 -23.98
CA LEU A 334 -1.00 -12.36 -24.96
C LEU A 334 -2.21 -12.97 -24.23
N CYS A 335 -3.18 -12.11 -23.87
CA CYS A 335 -4.40 -12.48 -23.10
C CYS A 335 -5.63 -12.38 -23.99
N LEU A 336 -5.58 -13.04 -25.16
CA LEU A 336 -6.68 -13.09 -26.16
C LEU A 336 -7.37 -14.44 -26.09
N PRO A 337 -8.63 -14.57 -26.56
CA PRO A 337 -9.26 -15.87 -26.79
C PRO A 337 -8.67 -16.56 -28.03
N GLU A 338 -9.10 -17.80 -28.30
CA GLU A 338 -8.64 -18.63 -29.44
C GLU A 338 -9.12 -18.03 -30.77
N GLN A 339 -10.28 -17.34 -30.76
CA GLN A 339 -10.95 -16.79 -31.97
C GLN A 339 -10.20 -15.55 -32.47
N ALA A 340 -9.48 -14.85 -31.58
CA ALA A 340 -8.84 -13.53 -31.83
C ALA A 340 -7.39 -13.69 -32.30
N ILE A 341 -6.87 -14.92 -32.34
CA ILE A 341 -5.43 -15.21 -32.64
C ILE A 341 -5.14 -14.84 -34.10
N GLU A 342 -5.93 -15.38 -35.04
CA GLU A 342 -5.74 -15.21 -36.51
C GLU A 342 -5.77 -13.73 -36.88
N SER A 343 -6.68 -12.95 -36.27
CA SER A 343 -6.89 -11.50 -36.54
C SER A 343 -5.71 -10.69 -35.99
N GLU A 344 -5.33 -10.92 -34.73
CA GLU A 344 -4.33 -10.12 -33.98
C GLU A 344 -2.91 -10.53 -34.37
N SER A 345 -2.73 -11.71 -34.97
CA SER A 345 -1.41 -12.25 -35.43
C SER A 345 -0.75 -11.28 -36.40
N LYS A 346 -1.54 -10.55 -37.20
CA LYS A 346 -1.07 -9.49 -38.12
C LYS A 346 -0.45 -8.34 -37.31
N ILE A 347 -1.11 -7.92 -36.23
CA ILE A 347 -0.67 -6.81 -35.34
C ILE A 347 0.57 -7.25 -34.56
N ILE A 348 0.66 -8.54 -34.21
CA ILE A 348 1.83 -9.15 -33.50
C ILE A 348 3.03 -9.15 -34.44
N ALA A 349 2.83 -9.59 -35.70
CA ALA A 349 3.86 -9.69 -36.76
C ALA A 349 4.49 -8.32 -37.01
N LYS A 350 3.65 -7.29 -37.20
CA LYS A 350 4.08 -5.87 -37.41
C LYS A 350 4.88 -5.39 -36.19
N GLY A 351 4.45 -5.79 -34.98
CA GLY A 351 5.09 -5.41 -33.70
C GLY A 351 6.50 -5.97 -33.60
N LEU A 352 6.67 -7.28 -33.79
CA LEU A 352 7.97 -8.00 -33.65
C LEU A 352 8.90 -7.62 -34.81
N TYR A 353 8.35 -7.27 -35.98
CA TYR A 353 9.11 -6.82 -37.18
C TYR A 353 9.61 -5.39 -36.97
N ALA A 354 8.78 -4.54 -36.35
CA ALA A 354 9.14 -3.15 -35.95
C ALA A 354 10.23 -3.18 -34.87
N ARG A 355 10.19 -4.18 -33.99
CA ARG A 355 11.21 -4.45 -32.94
C ARG A 355 12.53 -4.84 -33.61
N PHE A 356 12.46 -5.73 -34.61
CA PHE A 356 13.63 -6.20 -35.42
C PHE A 356 14.26 -5.03 -36.16
N ASN A 357 13.44 -4.09 -36.66
CA ASN A 357 13.86 -2.94 -37.51
C ASN A 357 14.32 -1.77 -36.64
N SER A 358 13.80 -1.65 -35.40
CA SER A 358 14.11 -0.54 -34.46
C SER A 358 15.57 -0.60 -34.03
N GLN A 359 16.18 0.57 -33.81
CA GLN A 359 17.61 0.74 -33.41
C GLN A 359 17.70 1.28 -31.98
N LEU A 360 16.63 1.11 -31.18
CA LEU A 360 16.60 1.45 -29.74
C LEU A 360 17.34 0.37 -28.94
N GLU A 361 17.54 0.57 -27.64
CA GLU A 361 18.30 -0.32 -26.73
C GLU A 361 17.36 -1.32 -26.05
N THR A 362 16.07 -1.00 -25.95
CA THR A 362 15.00 -1.87 -25.37
C THR A 362 14.72 -3.06 -26.29
N CYS A 363 15.10 -2.96 -27.57
CA CYS A 363 14.81 -3.96 -28.64
C CYS A 363 16.04 -4.84 -28.94
N ILE A 364 17.17 -4.58 -28.28
CA ILE A 364 18.43 -5.38 -28.45
C ILE A 364 18.25 -6.71 -27.71
N GLU A 365 17.78 -6.66 -26.46
CA GLU A 365 17.43 -7.85 -25.64
C GLU A 365 16.19 -8.52 -26.23
N PRO A 366 16.08 -9.86 -26.20
CA PRO A 366 14.88 -10.56 -26.69
C PRO A 366 13.63 -10.22 -25.87
N LEU A 367 12.46 -10.54 -26.43
CA LEU A 367 11.13 -10.34 -25.78
C LEU A 367 10.69 -11.66 -25.12
N THR A 368 10.17 -11.59 -23.90
CA THR A 368 9.53 -12.72 -23.18
C THR A 368 8.02 -12.67 -23.45
N PHE A 369 7.49 -13.62 -24.22
CA PHE A 369 6.10 -13.65 -24.71
C PHE A 369 5.32 -14.74 -23.94
N LEU A 370 4.43 -14.32 -23.03
CA LEU A 370 3.56 -15.22 -22.21
C LEU A 370 2.25 -15.45 -22.98
N ILE A 371 1.97 -16.72 -23.32
CA ILE A 371 0.73 -17.15 -24.01
C ILE A 371 -0.32 -17.49 -22.95
N ILE A 372 -1.24 -16.56 -22.68
CA ILE A 372 -2.38 -16.74 -21.74
C ILE A 372 -3.59 -17.21 -22.58
N LEU A 373 -3.71 -18.51 -22.78
CA LEU A 373 -4.76 -19.18 -23.62
C LEU A 373 -5.06 -20.56 -23.02
N ALA A 374 -6.35 -20.87 -22.84
CA ALA A 374 -6.83 -22.03 -22.05
C ALA A 374 -6.61 -23.36 -22.79
N LYS A 375 -6.50 -23.32 -24.12
CA LYS A 375 -6.44 -24.54 -24.97
C LYS A 375 -5.05 -25.18 -24.88
N VAL A 376 -4.97 -26.50 -25.05
CA VAL A 376 -3.70 -27.29 -25.06
C VAL A 376 -2.99 -27.01 -26.38
N GLY A 377 -1.65 -26.92 -26.35
CA GLY A 377 -0.81 -26.55 -27.51
C GLY A 377 -1.12 -25.15 -27.99
N ALA A 378 -1.39 -24.23 -27.05
CA ALA A 378 -1.79 -22.83 -27.31
C ALA A 378 -0.66 -22.06 -28.01
N LYS A 379 0.54 -22.11 -27.42
CA LYS A 379 1.78 -21.45 -27.92
C LYS A 379 1.92 -21.68 -29.43
N TYR A 380 1.74 -22.92 -29.87
CA TYR A 380 2.04 -23.39 -31.25
C TYR A 380 0.99 -22.86 -32.23
N LEU A 381 -0.26 -22.70 -31.79
CA LEU A 381 -1.35 -22.07 -32.57
C LEU A 381 -0.96 -20.62 -32.91
N VAL A 382 -0.48 -19.87 -31.92
CA VAL A 382 -0.03 -18.45 -32.07
C VAL A 382 1.19 -18.42 -33.01
N MET A 383 2.15 -19.32 -32.80
CA MET A 383 3.41 -19.43 -33.59
C MET A 383 3.08 -19.72 -35.06
N LYS A 384 2.07 -20.56 -35.31
CA LYS A 384 1.59 -20.92 -36.68
C LYS A 384 1.07 -19.65 -37.38
N HIS A 385 0.11 -18.96 -36.75
CA HIS A 385 -0.54 -17.72 -37.27
C HIS A 385 0.50 -16.60 -37.39
N LEU A 386 1.41 -16.49 -36.43
CA LEU A 386 2.48 -15.45 -36.38
C LEU A 386 3.42 -15.63 -37.58
N LYS A 387 3.78 -16.88 -37.90
CA LYS A 387 4.68 -17.24 -39.03
C LYS A 387 4.04 -16.79 -40.35
N GLU A 388 2.77 -17.15 -40.57
CA GLU A 388 1.98 -16.82 -41.79
C GLU A 388 1.89 -15.30 -41.96
N ALA A 389 1.67 -14.57 -40.87
CA ALA A 389 1.48 -13.09 -40.84
C ALA A 389 2.82 -12.38 -41.11
N LEU A 390 3.93 -12.93 -40.62
CA LEU A 390 5.30 -12.37 -40.80
C LEU A 390 5.72 -12.50 -42.27
N LEU A 391 5.57 -13.69 -42.86
CA LEU A 391 5.96 -14.01 -44.26
C LEU A 391 5.33 -12.99 -45.22
N GLU A 392 4.00 -12.79 -45.13
CA GLU A 392 3.22 -11.94 -46.06
C GLU A 392 3.62 -10.46 -45.89
N LEU A 393 4.05 -10.07 -44.68
CA LEU A 393 4.48 -8.68 -44.36
C LEU A 393 5.93 -8.47 -44.82
N THR A 394 6.84 -9.33 -44.37
CA THR A 394 8.30 -9.22 -44.59
C THR A 394 8.66 -9.59 -46.04
N ASN A 395 8.06 -10.66 -46.56
CA ASN A 395 8.41 -11.28 -47.87
C ASN A 395 9.86 -11.80 -47.80
N ASP A 396 10.24 -12.36 -46.64
CA ASP A 396 11.61 -12.84 -46.33
C ASP A 396 11.50 -13.99 -45.32
N GLU A 397 11.97 -15.18 -45.69
CA GLU A 397 11.83 -16.44 -44.90
C GLU A 397 12.88 -16.47 -43.78
N ASP A 398 14.08 -15.94 -44.04
CA ASP A 398 15.21 -15.90 -43.08
C ASP A 398 14.90 -14.91 -41.95
N VAL A 399 14.35 -13.75 -42.29
CA VAL A 399 13.95 -12.68 -41.32
C VAL A 399 12.79 -13.18 -40.46
N THR A 400 11.83 -13.88 -41.08
CA THR A 400 10.64 -14.47 -40.42
C THR A 400 11.08 -15.47 -39.35
N GLU A 401 11.93 -16.43 -39.71
CA GLU A 401 12.39 -17.53 -38.82
C GLU A 401 13.28 -16.94 -37.70
N HIS A 402 14.15 -15.97 -38.04
CA HIS A 402 15.07 -15.29 -37.09
C HIS A 402 14.27 -14.74 -35.90
N ILE A 403 13.17 -14.02 -36.18
CA ILE A 403 12.29 -13.36 -35.17
C ILE A 403 11.66 -14.45 -34.28
N LEU A 404 11.18 -15.54 -34.89
CA LEU A 404 10.48 -16.65 -34.19
C LEU A 404 11.44 -17.37 -33.22
N LYS A 405 12.74 -17.38 -33.51
CA LYS A 405 13.79 -18.07 -32.71
C LYS A 405 14.46 -17.09 -31.74
N GLU A 406 14.38 -15.78 -32.00
CA GLU A 406 15.00 -14.71 -31.18
C GLU A 406 14.31 -14.64 -29.82
N HIS A 407 12.97 -14.55 -29.81
CA HIS A 407 12.13 -14.24 -28.63
C HIS A 407 11.75 -15.53 -27.89
N TYR A 408 11.38 -15.41 -26.61
CA TYR A 408 10.94 -16.51 -25.72
C TYR A 408 9.40 -16.58 -25.71
N PHE A 409 8.83 -17.61 -26.35
CA PHE A 409 7.37 -17.90 -26.39
C PHE A 409 7.06 -18.97 -25.33
N CYS A 410 6.28 -18.60 -24.31
CA CYS A 410 6.05 -19.40 -23.07
C CYS A 410 4.58 -19.84 -22.98
N ASP A 411 4.35 -21.16 -22.90
CA ASP A 411 3.04 -21.75 -22.51
C ASP A 411 2.82 -21.49 -21.01
N THR A 412 1.57 -21.23 -20.61
CA THR A 412 1.17 -20.92 -19.22
C THR A 412 -0.09 -21.70 -18.85
N VAL A 413 -0.19 -22.14 -17.59
CA VAL A 413 -1.42 -22.74 -16.98
C VAL A 413 -1.92 -21.78 -15.89
N VAL A 414 -3.13 -21.24 -16.07
CA VAL A 414 -3.77 -20.24 -15.17
C VAL A 414 -4.93 -20.91 -14.43
N ASN A 415 -5.10 -20.61 -13.14
CA ASN A 415 -6.12 -21.22 -12.25
C ASN A 415 -7.08 -20.16 -11.69
N ARG A 416 -6.79 -18.86 -11.87
CA ARG A 416 -7.63 -17.76 -11.34
C ARG A 416 -8.77 -17.47 -12.31
N MET A 417 -10.02 -17.63 -11.86
CA MET A 417 -11.25 -17.23 -12.60
C MET A 417 -11.48 -15.73 -12.38
N VAL A 418 -11.66 -14.97 -13.46
CA VAL A 418 -11.90 -13.49 -13.43
C VAL A 418 -13.07 -13.16 -14.36
N SER A 419 -13.85 -12.14 -14.00
CA SER A 419 -14.97 -11.58 -14.80
C SER A 419 -14.74 -10.08 -15.02
N LYS A 420 -14.77 -9.63 -16.28
CA LYS A 420 -14.65 -8.21 -16.68
C LYS A 420 -16.00 -7.52 -16.44
N LEU A 421 -15.97 -6.29 -15.93
CA LEU A 421 -17.19 -5.49 -15.61
C LEU A 421 -17.89 -5.08 -16.91
N SER A 422 -19.22 -4.93 -16.88
CA SER A 422 -20.05 -4.49 -18.03
C SER A 422 -19.91 -2.97 -18.20
N ASN A 423 -20.17 -2.48 -19.42
CA ASN A 423 -20.07 -1.05 -19.79
C ASN A 423 -21.21 -0.27 -19.11
N GLN A 424 -22.35 -0.94 -18.86
CA GLN A 424 -23.52 -0.36 -18.16
C GLN A 424 -23.17 -0.11 -16.69
N ASN A 425 -22.54 -1.10 -16.03
CA ASN A 425 -22.11 -1.03 -14.61
C ASN A 425 -20.94 -0.04 -14.47
N LEU A 426 -20.09 0.07 -15.50
CA LEU A 426 -18.94 1.02 -15.52
C LEU A 426 -19.49 2.45 -15.60
N TYR A 427 -20.41 2.72 -16.52
CA TYR A 427 -21.09 4.03 -16.70
C TYR A 427 -21.69 4.49 -15.37
N ARG A 428 -22.36 3.58 -14.66
CA ARG A 428 -22.97 3.82 -13.33
C ARG A 428 -21.88 4.21 -12.32
N GLN A 429 -20.77 3.47 -12.32
CA GLN A 429 -19.60 3.72 -11.42
C GLN A 429 -19.04 5.13 -11.67
N LEU A 430 -18.96 5.54 -12.94
CA LEU A 430 -18.42 6.86 -13.36
C LEU A 430 -19.40 7.97 -12.96
N ARG A 431 -20.71 7.72 -13.14
CA ARG A 431 -21.81 8.67 -12.81
C ARG A 431 -21.81 8.96 -11.31
N ILE A 432 -21.75 7.91 -10.48
CA ILE A 432 -21.83 7.99 -8.99
C ILE A 432 -20.57 8.68 -8.46
N LYS A 433 -19.40 8.41 -9.06
CA LYS A 433 -18.07 8.92 -8.60
C LYS A 433 -17.71 10.21 -9.33
N HIS A 434 -18.61 10.73 -10.19
CA HIS A 434 -18.55 12.10 -10.77
C HIS A 434 -19.27 13.08 -9.83
N ASN A 435 -20.33 12.61 -9.16
CA ASN A 435 -21.07 13.38 -8.13
C ASN A 435 -20.13 13.71 -6.96
N PHE A 436 -19.31 12.73 -6.55
CA PHE A 436 -18.33 12.87 -5.44
C PHE A 436 -17.26 13.91 -5.81
N LEU A 437 -16.83 13.92 -7.08
CA LEU A 437 -15.87 14.91 -7.64
C LEU A 437 -16.50 16.31 -7.57
N GLU A 438 -17.74 16.44 -8.04
CA GLU A 438 -18.54 17.70 -8.00
C GLU A 438 -18.71 18.14 -6.55
N GLN A 439 -19.06 17.19 -5.65
CA GLN A 439 -19.23 17.43 -4.19
C GLN A 439 -17.91 17.90 -3.58
N HIS A 440 -16.77 17.35 -4.03
CA HIS A 440 -15.41 17.67 -3.54
C HIS A 440 -15.00 19.07 -3.98
N LEU A 441 -15.46 19.51 -5.16
CA LEU A 441 -15.13 20.83 -5.76
C LEU A 441 -16.01 21.93 -5.16
N GLU A 442 -17.00 21.58 -4.33
CA GLU A 442 -17.80 22.53 -3.52
C GLU A 442 -16.97 23.04 -2.34
N ASP A 443 -16.16 22.15 -1.74
CA ASP A 443 -15.40 22.39 -0.50
C ASP A 443 -14.13 23.20 -0.80
N VAL A 444 -13.39 22.84 -1.86
CA VAL A 444 -12.07 23.44 -2.24
C VAL A 444 -12.15 24.96 -2.15
N GLU A 445 -13.27 25.56 -2.57
CA GLU A 445 -13.55 27.02 -2.47
C GLU A 445 -14.45 27.28 -1.26
N ILE A 450 -3.27 30.92 -1.08
CA ILE A 450 -2.76 30.29 0.18
C ILE A 450 -1.86 31.32 0.91
N GLU A 451 -1.48 31.00 2.14
CA GLU A 451 -0.57 31.84 2.99
C GLU A 451 0.25 30.93 3.91
N ILE A 452 1.57 31.10 3.92
CA ILE A 452 2.51 30.32 4.78
C ILE A 452 3.23 31.30 5.73
N GLU A 453 2.52 32.36 6.15
CA GLU A 453 2.98 33.38 7.13
C GLU A 453 4.49 33.59 6.98
N ASP A 454 5.27 33.43 8.07
CA ASP A 454 6.73 33.63 8.10
C ASP A 454 7.38 32.61 9.05
N CYS A 455 8.25 31.75 8.52
CA CYS A 455 9.07 30.79 9.28
C CYS A 455 10.15 31.56 10.06
N ASN A 456 10.80 32.53 9.41
CA ASN A 456 11.97 33.31 9.90
C ASN A 456 13.26 32.53 9.64
N LYS A 457 13.20 31.20 9.72
CA LYS A 457 14.30 30.26 9.34
C LYS A 457 14.62 30.45 7.85
N LEU A 458 13.59 30.71 7.03
CA LEU A 458 13.70 30.95 5.56
C LEU A 458 13.81 32.46 5.28
N THR A 459 14.38 32.83 4.13
CA THR A 459 14.54 34.23 3.65
C THR A 459 13.27 34.65 2.90
N PRO A 460 12.86 35.94 2.98
CA PRO A 460 11.63 36.39 2.30
C PRO A 460 11.55 36.02 0.81
N ASP A 461 12.69 36.04 0.11
CA ASP A 461 12.80 35.75 -1.34
C ASP A 461 12.38 34.31 -1.63
N GLN A 462 12.91 33.35 -0.86
CA GLN A 462 12.62 31.89 -1.00
C GLN A 462 11.32 31.55 -0.26
N LEU A 463 10.87 32.42 0.66
CA LEU A 463 9.61 32.28 1.43
C LEU A 463 8.42 32.71 0.54
N ASN A 464 8.60 33.76 -0.25
CA ASN A 464 7.62 34.22 -1.27
C ASN A 464 7.51 33.15 -2.36
N GLN A 465 8.64 32.61 -2.81
CA GLN A 465 8.74 31.59 -3.89
C GLN A 465 8.08 30.27 -3.42
N ALA A 466 8.17 29.97 -2.11
CA ALA A 466 7.57 28.77 -1.47
C ALA A 466 6.03 28.83 -1.60
N SER A 467 5.46 30.02 -1.46
CA SER A 467 3.99 30.29 -1.58
C SER A 467 3.51 29.94 -2.99
N ILE A 468 4.34 30.20 -4.01
CA ILE A 468 4.01 29.98 -5.45
C ILE A 468 3.92 28.46 -5.71
N TYR A 469 4.86 27.69 -5.17
CA TYR A 469 4.93 26.20 -5.33
C TYR A 469 3.68 25.57 -4.72
N VAL A 470 3.42 25.84 -3.44
CA VAL A 470 2.33 25.22 -2.63
C VAL A 470 0.98 25.56 -3.27
N ASP A 471 0.77 26.81 -3.66
CA ASP A 471 -0.47 27.30 -4.33
C ASP A 471 -0.67 26.53 -5.63
N ASN A 472 0.38 26.43 -6.46
CA ASN A 472 0.37 25.73 -7.76
C ASN A 472 0.08 24.25 -7.55
N MET A 473 0.75 23.64 -6.56
CA MET A 473 0.58 22.20 -6.17
C MET A 473 -0.86 21.97 -5.71
N ARG A 474 -1.35 22.80 -4.78
CA ARG A 474 -2.71 22.72 -4.18
C ARG A 474 -3.75 22.74 -5.31
N ARG A 475 -3.68 23.76 -6.19
CA ARG A 475 -4.65 23.99 -7.29
C ARG A 475 -4.76 22.74 -8.19
N ASN A 476 -3.65 22.04 -8.40
CA ASN A 476 -3.54 20.89 -9.34
C ASN A 476 -3.89 19.58 -8.63
N PHE A 477 -3.39 19.38 -7.41
CA PHE A 477 -3.50 18.10 -6.64
C PHE A 477 -4.85 17.99 -5.94
N GLN A 478 -5.39 19.09 -5.40
CA GLN A 478 -6.58 19.12 -4.50
C GLN A 478 -7.75 18.37 -5.15
N PRO A 479 -8.07 18.59 -6.44
CA PRO A 479 -9.13 17.82 -7.11
C PRO A 479 -8.93 16.29 -7.04
N GLY A 480 -7.66 15.84 -7.01
CA GLY A 480 -7.28 14.41 -6.99
C GLY A 480 -7.01 13.88 -5.60
N HIS A 481 -7.36 14.63 -4.55
CA HIS A 481 -7.30 14.19 -3.12
C HIS A 481 -8.29 13.06 -2.88
N ILE A 482 -9.43 13.09 -3.58
CA ILE A 482 -10.56 12.13 -3.45
C ILE A 482 -10.10 10.71 -3.84
N LEU A 483 -9.07 10.60 -4.69
CA LEU A 483 -8.54 9.30 -5.19
C LEU A 483 -7.91 8.49 -4.05
N GLN A 484 -7.61 9.11 -2.90
CA GLN A 484 -7.04 8.45 -1.70
C GLN A 484 -7.82 7.18 -1.37
N SER A 485 -9.14 7.28 -1.23
CA SER A 485 -10.05 6.17 -0.83
C SER A 485 -11.16 5.96 -1.87
N MET A 486 -10.99 6.49 -3.09
CA MET A 486 -11.91 6.28 -4.23
C MET A 486 -11.16 5.55 -5.36
N ASP A 487 -11.61 4.35 -5.71
CA ASP A 487 -10.98 3.46 -6.73
C ASP A 487 -11.88 3.38 -7.95
N LEU A 488 -11.38 2.77 -9.04
CA LEU A 488 -12.14 2.43 -10.27
C LEU A 488 -12.12 0.91 -10.46
N ILE A 489 -13.16 0.22 -9.98
CA ILE A 489 -13.30 -1.26 -10.02
C ILE A 489 -13.71 -1.67 -11.44
N LEU A 490 -12.91 -2.51 -12.10
CA LEU A 490 -13.15 -2.99 -13.49
C LEU A 490 -13.18 -4.52 -13.55
N PHE A 491 -12.72 -5.22 -12.50
CA PHE A 491 -12.51 -6.69 -12.49
C PHE A 491 -12.88 -7.28 -11.13
N HIS A 492 -13.70 -8.35 -11.15
CA HIS A 492 -13.99 -9.24 -10.00
C HIS A 492 -13.23 -10.56 -10.21
N SER A 493 -12.20 -10.81 -9.39
CA SER A 493 -11.25 -11.93 -9.55
C SER A 493 -11.26 -12.82 -8.30
N GLU A 494 -10.79 -14.07 -8.45
CA GLU A 494 -10.61 -15.06 -7.34
C GLU A 494 -9.20 -14.88 -6.75
N THR A 495 -8.93 -15.56 -5.63
CA THR A 495 -7.74 -15.34 -4.76
C THR A 495 -6.55 -16.21 -5.20
N ASP A 496 -6.69 -16.95 -6.31
CA ASP A 496 -5.61 -17.85 -6.83
C ASP A 496 -4.44 -17.00 -7.33
N MET A 497 -3.23 -17.28 -6.85
CA MET A 497 -2.01 -16.45 -7.09
C MET A 497 -1.08 -17.09 -8.11
N PRO A 498 -0.60 -18.34 -7.92
CA PRO A 498 0.48 -18.88 -8.76
C PRO A 498 0.13 -19.06 -10.24
N ILE A 499 0.99 -18.56 -11.13
CA ILE A 499 0.95 -18.83 -12.60
C ILE A 499 2.11 -19.77 -12.95
N TYR A 500 1.83 -20.85 -13.66
CA TYR A 500 2.83 -21.82 -14.18
C TYR A 500 3.25 -21.39 -15.58
N VAL A 501 4.58 -21.26 -15.80
CA VAL A 501 5.17 -20.74 -17.07
C VAL A 501 6.34 -21.66 -17.47
N GLU A 502 6.57 -21.83 -18.77
CA GLU A 502 7.70 -22.62 -19.33
C GLU A 502 9.02 -21.97 -18.95
N LYS A 503 9.93 -22.72 -18.33
CA LYS A 503 11.30 -22.27 -17.96
C LYS A 503 12.11 -22.06 -19.24
N GLY A 504 12.91 -20.99 -19.31
CA GLY A 504 13.76 -20.66 -20.46
C GLY A 504 14.23 -19.21 -20.42
N SER A 505 13.28 -18.27 -20.40
CA SER A 505 13.54 -16.80 -20.37
C SER A 505 14.24 -16.42 -19.07
N PRO A 506 15.46 -15.83 -19.13
CA PRO A 506 16.14 -15.35 -17.94
C PRO A 506 15.35 -14.28 -17.16
N LEU A 507 14.46 -13.56 -17.84
CA LEU A 507 13.63 -12.46 -17.27
C LEU A 507 12.58 -13.05 -16.31
N LEU A 508 12.24 -14.33 -16.46
CA LEU A 508 11.23 -15.04 -15.62
C LEU A 508 11.87 -15.57 -14.33
N GLU A 509 13.20 -15.74 -14.32
CA GLU A 509 13.96 -16.45 -13.26
C GLU A 509 13.77 -15.78 -11.89
N LYS A 510 13.44 -14.49 -11.86
CA LYS A 510 13.35 -13.69 -10.60
C LYS A 510 11.90 -13.22 -10.33
N LEU A 511 10.94 -13.53 -11.22
CA LEU A 511 9.51 -13.16 -11.03
C LEU A 511 8.89 -14.08 -9.97
N ARG A 512 8.39 -13.48 -8.87
CA ARG A 512 8.07 -14.17 -7.60
C ARG A 512 6.70 -14.86 -7.67
N GLN A 513 5.75 -14.31 -8.44
CA GLN A 513 4.37 -14.88 -8.57
C GLN A 513 4.35 -15.95 -9.67
N VAL A 514 5.47 -16.15 -10.38
CA VAL A 514 5.62 -17.18 -11.45
C VAL A 514 6.18 -18.46 -10.83
N VAL A 515 5.65 -19.62 -11.24
CA VAL A 515 6.19 -20.98 -10.90
C VAL A 515 6.75 -21.58 -12.20
N LEU A 516 8.08 -21.64 -12.33
CA LEU A 516 8.79 -22.11 -13.55
C LEU A 516 8.79 -23.63 -13.59
N VAL A 517 8.41 -24.21 -14.74
CA VAL A 517 8.40 -25.67 -15.01
C VAL A 517 9.17 -25.92 -16.31
N ASP A 518 9.93 -27.03 -16.36
CA ASP A 518 10.72 -27.44 -17.55
C ASP A 518 9.76 -27.85 -18.67
N GLN A 519 8.73 -28.63 -18.33
CA GLN A 519 7.61 -29.01 -19.24
C GLN A 519 6.29 -28.57 -18.62
N ILE A 520 5.42 -27.93 -19.41
CA ILE A 520 4.08 -27.44 -18.98
C ILE A 520 3.09 -28.61 -18.96
N THR A 521 3.42 -29.73 -19.62
CA THR A 521 2.52 -30.89 -19.85
C THR A 521 1.98 -31.44 -18.51
N ASP A 522 2.82 -31.51 -17.47
CA ASP A 522 2.49 -32.11 -16.16
C ASP A 522 1.34 -31.35 -15.49
N ILE A 523 1.50 -30.03 -15.29
CA ILE A 523 0.51 -29.16 -14.59
C ILE A 523 -0.70 -28.93 -15.51
N GLN A 524 -0.51 -28.97 -16.84
CA GLN A 524 -1.58 -28.80 -17.84
C GLN A 524 -2.49 -30.05 -17.84
N LEU A 525 -1.93 -31.22 -17.53
CA LEU A 525 -2.67 -32.49 -17.33
C LEU A 525 -3.52 -32.41 -16.06
N ILE A 526 -2.99 -31.80 -15.00
CA ILE A 526 -3.69 -31.59 -13.70
C ILE A 526 -4.84 -30.59 -13.92
N LYS A 527 -4.55 -29.49 -14.63
CA LYS A 527 -5.55 -28.46 -15.03
C LYS A 527 -6.70 -29.12 -15.81
N ASN A 528 -6.39 -30.12 -16.64
CA ASN A 528 -7.37 -30.84 -17.50
C ASN A 528 -8.27 -31.71 -16.61
N ARG A 529 -7.68 -32.59 -15.80
CA ARG A 529 -8.39 -33.67 -15.06
C ARG A 529 -9.02 -33.12 -13.77
N LEU A 530 -8.25 -32.37 -12.96
CA LEU A 530 -8.65 -31.93 -11.60
C LEU A 530 -9.60 -30.73 -11.69
N TRP A 531 -9.28 -29.73 -12.54
CA TRP A 531 -10.05 -28.46 -12.65
C TRP A 531 -11.15 -28.61 -13.71
N ASN A 532 -10.79 -28.68 -15.00
CA ASN A 532 -11.73 -28.64 -16.16
C ASN A 532 -12.58 -29.91 -16.18
N GLY A 533 -12.03 -31.04 -15.71
CA GLY A 533 -12.72 -32.34 -15.66
C GLY A 533 -13.89 -32.32 -14.68
N VAL A 534 -13.62 -31.92 -13.44
CA VAL A 534 -14.64 -31.78 -12.34
C VAL A 534 -15.65 -30.72 -12.76
N HIS A 535 -15.18 -29.61 -13.33
CA HIS A 535 -16.01 -28.46 -13.80
C HIS A 535 -17.08 -28.94 -14.78
N ALA A 536 -16.68 -29.79 -15.74
CA ALA A 536 -17.55 -30.39 -16.78
C ALA A 536 -18.54 -31.37 -16.12
N MET A 537 -18.04 -32.29 -15.29
CA MET A 537 -18.84 -33.34 -14.61
C MET A 537 -19.84 -32.70 -13.63
N LEU A 538 -19.45 -31.61 -12.98
CA LEU A 538 -20.31 -30.84 -12.04
C LEU A 538 -21.40 -30.10 -12.83
N ALA A 539 -21.03 -29.49 -13.97
CA ALA A 539 -21.92 -28.72 -14.86
C ALA A 539 -23.03 -29.64 -15.41
N TRP A 540 -22.68 -30.88 -15.79
CA TRP A 540 -23.63 -31.91 -16.29
C TRP A 540 -24.64 -32.26 -15.18
N TYR A 541 -24.14 -32.46 -13.95
CA TYR A 541 -24.95 -32.83 -12.76
C TYR A 541 -25.96 -31.72 -12.45
N ALA A 542 -25.51 -30.47 -12.49
CA ALA A 542 -26.32 -29.25 -12.21
C ALA A 542 -27.41 -29.08 -13.27
N SER A 543 -27.06 -29.32 -14.54
CA SER A 543 -27.96 -29.16 -15.72
C SER A 543 -29.14 -30.14 -15.65
N LEU A 544 -28.86 -31.42 -15.35
CA LEU A 544 -29.88 -32.50 -15.27
C LEU A 544 -30.76 -32.32 -14.03
N MET A 545 -30.28 -31.57 -13.02
CA MET A 545 -31.03 -31.23 -11.78
C MET A 545 -31.61 -29.81 -11.89
N GLY A 546 -31.65 -29.24 -13.09
CA GLY A 546 -32.33 -27.97 -13.41
C GLY A 546 -31.69 -26.78 -12.74
N TYR A 547 -30.39 -26.54 -13.00
CA TYR A 547 -29.62 -25.35 -12.56
C TYR A 547 -28.89 -24.75 -13.77
N GLU A 548 -28.99 -23.43 -13.96
CA GLU A 548 -28.48 -22.70 -15.14
C GLU A 548 -27.03 -22.24 -14.88
N SER A 549 -26.69 -21.89 -13.63
CA SER A 549 -25.33 -21.46 -13.20
C SER A 549 -24.80 -22.43 -12.14
N ILE A 550 -23.47 -22.55 -12.04
CA ILE A 550 -22.76 -23.37 -11.01
C ILE A 550 -23.00 -22.72 -9.64
N GLY A 551 -22.96 -21.39 -9.58
CA GLY A 551 -23.18 -20.58 -8.36
C GLY A 551 -24.46 -20.99 -7.63
N VAL A 552 -25.58 -21.03 -8.34
CA VAL A 552 -26.93 -21.41 -7.80
C VAL A 552 -26.90 -22.89 -7.37
N ALA A 553 -26.29 -23.75 -8.20
CA ALA A 553 -26.29 -25.22 -8.06
C ALA A 553 -25.61 -25.66 -6.74
N MET A 554 -24.54 -24.97 -6.34
CA MET A 554 -23.71 -25.31 -5.15
C MET A 554 -24.53 -25.14 -3.86
N GLY A 555 -25.64 -24.38 -3.92
CA GLY A 555 -26.64 -24.27 -2.83
C GLY A 555 -27.27 -25.61 -2.50
N ASP A 556 -27.44 -26.47 -3.52
CA ASP A 556 -27.94 -27.87 -3.37
C ASP A 556 -26.84 -28.71 -2.71
N HIS A 557 -27.16 -29.39 -1.60
CA HIS A 557 -26.23 -30.25 -0.83
C HIS A 557 -25.69 -31.38 -1.71
N LEU A 558 -26.52 -31.91 -2.61
CA LEU A 558 -26.20 -33.04 -3.51
C LEU A 558 -25.08 -32.64 -4.49
N VAL A 559 -25.13 -31.40 -5.00
CA VAL A 559 -24.19 -30.86 -6.01
C VAL A 559 -22.82 -30.62 -5.34
N LYS A 560 -22.81 -29.94 -4.19
CA LYS A 560 -21.57 -29.57 -3.45
C LYS A 560 -20.89 -30.83 -2.90
N ALA A 561 -21.67 -31.78 -2.40
CA ALA A 561 -21.19 -33.09 -1.87
C ALA A 561 -20.53 -33.89 -2.99
N PHE A 562 -21.14 -33.90 -4.18
CA PHE A 562 -20.65 -34.58 -5.41
C PHE A 562 -19.30 -33.98 -5.82
N ALA A 563 -19.24 -32.64 -5.91
CA ALA A 563 -18.04 -31.87 -6.29
C ALA A 563 -16.86 -32.23 -5.38
N GLU A 564 -17.08 -32.19 -4.05
CA GLU A 564 -16.06 -32.47 -3.00
C GLU A 564 -15.55 -33.91 -3.13
N ASN A 565 -16.46 -34.88 -3.29
CA ASN A 565 -16.14 -36.33 -3.40
C ASN A 565 -15.41 -36.59 -4.72
N LEU A 566 -15.79 -35.89 -5.80
CA LEU A 566 -15.20 -36.04 -7.16
C LEU A 566 -13.76 -35.50 -7.16
N ILE A 567 -13.54 -34.33 -6.55
CA ILE A 567 -12.20 -33.69 -6.37
C ILE A 567 -11.26 -34.68 -5.67
N ALA A 568 -11.76 -35.37 -4.64
CA ALA A 568 -10.98 -36.30 -3.78
C ALA A 568 -10.47 -37.50 -4.60
N GLU A 569 -11.32 -38.08 -5.45
CA GLU A 569 -11.02 -39.29 -6.26
C GLU A 569 -9.93 -38.96 -7.30
N VAL A 570 -10.10 -37.85 -8.02
CA VAL A 570 -9.16 -37.40 -9.09
C VAL A 570 -7.81 -37.04 -8.46
N LYS A 571 -7.82 -36.34 -7.33
CA LYS A 571 -6.60 -35.91 -6.59
C LYS A 571 -5.82 -37.14 -6.10
N GLN A 572 -6.53 -38.15 -5.58
CA GLN A 572 -5.93 -39.41 -5.03
C GLN A 572 -5.16 -40.12 -6.15
N GLY A 573 -5.70 -40.13 -7.36
CA GLY A 573 -5.07 -40.71 -8.56
C GLY A 573 -3.84 -39.93 -8.98
N LEU A 574 -3.97 -38.60 -9.12
CA LEU A 574 -2.90 -37.68 -9.58
C LEU A 574 -1.72 -37.68 -8.59
N ALA A 575 -1.99 -37.97 -7.31
CA ALA A 575 -0.98 -38.06 -6.23
C ALA A 575 -0.03 -39.24 -6.48
N ILE A 576 -0.51 -40.30 -7.14
CA ILE A 576 0.27 -41.53 -7.48
C ILE A 576 0.98 -41.31 -8.82
N VAL A 577 0.30 -40.70 -9.80
CA VAL A 577 0.82 -40.44 -11.17
C VAL A 577 1.87 -39.33 -11.09
N LEU A 578 1.55 -38.22 -10.42
CA LEU A 578 2.42 -37.03 -10.25
C LEU A 578 2.58 -36.72 -8.75
N PRO A 579 3.40 -37.50 -8.01
CA PRO A 579 3.61 -37.27 -6.58
C PRO A 579 4.45 -36.02 -6.28
N ASN A 580 5.13 -35.49 -7.30
CA ASN A 580 6.01 -34.29 -7.22
C ASN A 580 5.16 -33.02 -7.20
N TYR A 581 3.87 -33.10 -7.54
CA TYR A 581 2.90 -31.96 -7.57
C TYR A 581 1.89 -32.09 -6.42
N ALA A 582 2.27 -32.76 -5.34
CA ALA A 582 1.40 -33.06 -4.16
C ALA A 582 0.82 -31.77 -3.59
N LYS A 583 1.65 -30.76 -3.39
CA LYS A 583 1.27 -29.45 -2.79
C LYS A 583 0.38 -28.68 -3.78
N ASP A 584 0.61 -28.84 -5.08
CA ASP A 584 -0.13 -28.14 -6.17
C ASP A 584 -1.56 -28.68 -6.27
N LEU A 585 -1.75 -29.99 -6.07
CA LEU A 585 -3.06 -30.68 -6.13
C LEU A 585 -3.95 -30.20 -4.98
N ASP A 586 -3.42 -30.23 -3.75
CA ASP A 586 -4.13 -29.82 -2.51
C ASP A 586 -4.58 -28.35 -2.63
N ARG A 587 -3.72 -27.50 -3.20
CA ARG A 587 -3.97 -26.04 -3.37
C ARG A 587 -5.05 -25.82 -4.44
N MET A 588 -4.87 -26.41 -5.62
CA MET A 588 -5.78 -26.26 -6.80
C MET A 588 -7.17 -26.82 -6.48
N SER A 589 -7.23 -27.87 -5.64
CA SER A 589 -8.50 -28.52 -5.18
C SER A 589 -9.41 -27.47 -4.52
N GLN A 590 -8.90 -26.80 -3.48
CA GLN A 590 -9.65 -25.82 -2.66
C GLN A 590 -9.98 -24.58 -3.50
N SER A 591 -9.04 -24.14 -4.34
CA SER A 591 -9.17 -22.97 -5.25
C SER A 591 -10.39 -23.12 -6.15
N PHE A 592 -10.63 -24.33 -6.68
CA PHE A 592 -11.77 -24.68 -7.56
C PHE A 592 -13.08 -24.61 -6.77
N LEU A 593 -13.09 -25.20 -5.56
CA LEU A 593 -14.29 -25.29 -4.68
C LEU A 593 -14.68 -23.88 -4.19
N ASP A 594 -13.69 -23.01 -3.95
CA ASP A 594 -13.89 -21.61 -3.51
C ASP A 594 -14.51 -20.79 -4.64
N SER A 595 -13.99 -20.95 -5.87
CA SER A 595 -14.43 -20.22 -7.09
C SER A 595 -15.84 -20.65 -7.50
N CYS A 596 -16.14 -21.94 -7.40
CA CYS A 596 -17.46 -22.56 -7.76
C CYS A 596 -18.58 -22.03 -6.86
N GLU A 597 -18.27 -21.77 -5.58
CA GLU A 597 -19.26 -21.43 -4.52
C GLU A 597 -20.24 -20.37 -5.04
N TYR A 598 -19.73 -19.17 -5.36
CA TYR A 598 -20.53 -18.01 -5.85
C TYR A 598 -20.13 -17.66 -7.29
N ALA A 599 -20.21 -18.65 -8.18
CA ALA A 599 -19.98 -18.51 -9.65
C ALA A 599 -21.33 -18.31 -10.35
N PHE A 600 -22.00 -17.18 -10.07
CA PHE A 600 -23.33 -16.82 -10.63
C PHE A 600 -23.17 -16.40 -12.10
N LYS A 601 -22.06 -15.72 -12.43
CA LYS A 601 -21.64 -15.39 -13.81
C LYS A 601 -20.71 -16.52 -14.30
N ASP A 602 -21.26 -17.72 -14.45
CA ASP A 602 -20.54 -18.94 -14.92
C ASP A 602 -21.58 -19.96 -15.38
N PRO A 603 -22.10 -19.83 -16.63
CA PRO A 603 -23.19 -20.69 -17.10
C PRO A 603 -22.72 -22.13 -17.37
N CYS A 604 -23.59 -23.11 -17.09
CA CYS A 604 -23.33 -24.56 -17.23
C CYS A 604 -23.13 -24.93 -18.71
N GLN A 605 -23.84 -24.27 -19.62
CA GLN A 605 -23.88 -24.58 -21.07
C GLN A 605 -22.47 -24.55 -21.67
N ARG A 606 -21.71 -23.47 -21.41
CA ARG A 606 -20.33 -23.27 -21.94
C ARG A 606 -19.37 -24.29 -21.33
N VAL A 607 -19.62 -24.68 -20.07
CA VAL A 607 -18.77 -25.66 -19.31
C VAL A 607 -19.13 -27.09 -19.75
N ALA A 608 -20.36 -27.30 -20.25
CA ALA A 608 -20.92 -28.62 -20.59
C ALA A 608 -20.95 -28.85 -22.12
N ARG A 609 -20.40 -27.91 -22.90
CA ARG A 609 -20.39 -27.99 -24.39
C ARG A 609 -19.39 -29.05 -24.84
N ASP A 610 -19.65 -29.70 -25.97
CA ASP A 610 -18.78 -30.75 -26.59
C ASP A 610 -18.48 -31.83 -25.55
N PRO A 611 -19.52 -32.51 -25.01
CA PRO A 611 -19.32 -33.54 -23.99
C PRO A 611 -18.55 -34.78 -24.49
N LEU A 612 -18.90 -35.30 -25.66
CA LEU A 612 -18.31 -36.54 -26.25
C LEU A 612 -16.79 -36.36 -26.43
N ARG A 613 -16.33 -35.14 -26.75
CA ARG A 613 -14.90 -34.79 -26.86
C ARG A 613 -14.23 -34.87 -25.48
N LYS A 614 -14.94 -34.43 -24.44
CA LYS A 614 -14.45 -34.40 -23.03
C LYS A 614 -14.55 -35.80 -22.41
N LEU A 615 -15.28 -36.72 -23.04
CA LEU A 615 -15.45 -38.13 -22.59
C LEU A 615 -14.55 -39.07 -23.40
N ASN A 616 -13.52 -38.53 -24.07
CA ASN A 616 -12.52 -39.32 -24.84
C ASN A 616 -11.61 -40.06 -23.86
N HIS A 617 -10.98 -41.15 -24.31
CA HIS A 617 -10.19 -42.12 -23.49
C HIS A 617 -9.04 -41.41 -22.77
N ASN A 618 -8.40 -40.43 -23.42
CA ASN A 618 -7.19 -39.73 -22.91
C ASN A 618 -7.57 -38.37 -22.32
N GLU A 619 -8.87 -38.06 -22.19
CA GLU A 619 -9.38 -36.73 -21.80
C GLU A 619 -9.77 -36.72 -20.32
N ARG A 620 -10.33 -35.60 -19.86
CA ARG A 620 -10.46 -35.17 -18.44
C ARG A 620 -11.30 -36.14 -17.60
N VAL A 621 -12.14 -36.98 -18.20
CA VAL A 621 -13.08 -37.89 -17.48
C VAL A 621 -12.52 -39.32 -17.48
N MET A 622 -12.44 -39.95 -18.65
CA MET A 622 -12.16 -41.41 -18.80
C MET A 622 -10.74 -41.74 -18.30
N ALA A 623 -9.77 -40.85 -18.53
CA ALA A 623 -8.35 -41.04 -18.16
C ALA A 623 -8.21 -41.22 -16.64
N SER A 624 -8.95 -40.43 -15.87
CA SER A 624 -8.95 -40.43 -14.37
C SER A 624 -9.49 -41.77 -13.86
N ILE A 625 -10.53 -42.31 -14.50
CA ILE A 625 -11.19 -43.61 -14.15
C ILE A 625 -10.17 -44.74 -14.31
N ALA A 626 -9.47 -44.78 -15.45
CA ALA A 626 -8.48 -45.82 -15.82
C ALA A 626 -7.32 -45.82 -14.81
N VAL A 627 -6.85 -44.63 -14.41
CA VAL A 627 -5.74 -44.45 -13.42
C VAL A 627 -6.20 -45.02 -12.06
N ASN A 628 -7.39 -44.62 -11.59
CA ASN A 628 -7.96 -45.04 -10.29
C ASN A 628 -8.21 -46.55 -10.27
N ILE A 629 -8.59 -47.14 -11.42
CA ILE A 629 -8.83 -48.60 -11.58
C ILE A 629 -7.48 -49.34 -11.51
N ARG A 630 -6.46 -48.82 -12.20
CA ARG A 630 -5.10 -49.43 -12.28
C ARG A 630 -4.43 -49.46 -10.90
N HIS A 631 -4.76 -48.50 -10.02
CA HIS A 631 -4.14 -48.33 -8.68
C HIS A 631 -5.16 -48.69 -7.58
N ASP A 632 -6.29 -49.30 -7.94
CA ASP A 632 -7.35 -49.76 -6.99
C ASP A 632 -7.75 -48.60 -6.07
N LEU A 633 -8.42 -47.59 -6.62
CA LEU A 633 -8.95 -46.40 -5.90
C LEU A 633 -10.44 -46.25 -6.22
N PRO A 634 -11.23 -45.58 -5.35
CA PRO A 634 -12.65 -45.35 -5.64
C PRO A 634 -12.86 -44.45 -6.86
N TYR A 635 -13.71 -44.87 -7.79
CA TYR A 635 -14.06 -44.15 -9.05
C TYR A 635 -15.58 -44.06 -9.20
N LYS A 636 -16.33 -44.20 -8.10
CA LYS A 636 -17.82 -44.27 -8.07
C LYS A 636 -18.41 -42.92 -8.52
N ASN A 637 -17.81 -41.80 -8.10
CA ASN A 637 -18.24 -40.43 -8.45
C ASN A 637 -17.83 -40.12 -9.90
N LEU A 638 -16.61 -40.50 -10.29
CA LEU A 638 -16.06 -40.35 -11.67
C LEU A 638 -16.96 -41.10 -12.65
N LEU A 639 -17.35 -42.34 -12.31
CA LEU A 639 -18.24 -43.21 -13.13
C LEU A 639 -19.61 -42.54 -13.28
N LYS A 640 -20.13 -41.96 -12.20
CA LYS A 640 -21.38 -41.16 -12.18
C LYS A 640 -21.19 -39.93 -13.08
N GLY A 641 -20.04 -39.26 -12.96
CA GLY A 641 -19.66 -38.08 -13.76
C GLY A 641 -19.70 -38.36 -15.26
N ALA A 642 -19.16 -39.50 -15.67
CA ALA A 642 -19.14 -39.98 -17.08
C ALA A 642 -20.57 -40.21 -17.57
N ALA A 643 -21.40 -40.86 -16.75
CA ALA A 643 -22.82 -41.21 -17.04
C ALA A 643 -23.63 -39.93 -17.30
N LEU A 644 -23.44 -38.90 -16.45
CA LEU A 644 -24.15 -37.60 -16.53
C LEU A 644 -23.82 -36.91 -17.86
N GLY A 645 -22.58 -37.05 -18.35
CA GLY A 645 -22.10 -36.48 -19.61
C GLY A 645 -22.85 -37.03 -20.80
N TYR A 646 -22.96 -38.37 -20.90
CA TYR A 646 -23.68 -39.09 -21.98
C TYR A 646 -25.19 -38.80 -21.87
N ALA A 647 -25.70 -38.64 -20.64
CA ALA A 647 -27.11 -38.30 -20.35
C ALA A 647 -27.40 -36.87 -20.81
N TYR A 648 -26.49 -35.93 -20.53
CA TYR A 648 -26.56 -34.50 -20.93
C TYR A 648 -26.56 -34.38 -22.46
N ALA A 649 -25.72 -35.20 -23.13
CA ALA A 649 -25.57 -35.25 -24.60
C ALA A 649 -26.90 -35.67 -25.26
N ILE A 650 -27.59 -36.64 -24.67
CA ILE A 650 -28.84 -37.25 -25.22
C ILE A 650 -30.03 -36.30 -25.00
N GLN A 651 -30.14 -35.70 -23.82
CA GLN A 651 -31.31 -34.88 -23.40
C GLN A 651 -31.22 -33.48 -24.03
N PHE A 652 -30.14 -32.74 -23.75
CA PHE A 652 -29.98 -31.31 -24.08
C PHE A 652 -29.48 -31.13 -25.52
N LEU A 653 -28.39 -31.80 -25.88
CA LEU A 653 -27.71 -31.65 -27.21
C LEU A 653 -28.37 -32.56 -28.26
N GLU A 654 -29.31 -33.42 -27.85
CA GLU A 654 -30.11 -34.31 -28.75
C GLU A 654 -29.17 -35.24 -29.52
N ILE A 655 -28.15 -35.78 -28.85
CA ILE A 655 -27.25 -36.83 -29.40
C ILE A 655 -27.97 -38.18 -29.28
N GLU A 656 -27.96 -38.99 -30.34
CA GLU A 656 -28.63 -40.31 -30.39
C GLU A 656 -27.96 -41.25 -29.38
N GLU A 657 -28.76 -42.07 -28.68
CA GLU A 657 -28.28 -43.03 -27.64
C GLU A 657 -27.28 -43.99 -28.28
N THR A 658 -27.61 -44.52 -29.47
CA THR A 658 -26.76 -45.40 -30.31
C THR A 658 -25.40 -44.77 -30.56
N LYS A 659 -25.35 -43.46 -30.84
CA LYS A 659 -24.09 -42.71 -31.13
C LYS A 659 -23.23 -42.61 -29.86
N ALA A 660 -23.87 -42.38 -28.71
CA ALA A 660 -23.21 -42.25 -27.39
C ALA A 660 -22.53 -43.57 -27.00
N VAL A 661 -23.21 -44.70 -27.20
CA VAL A 661 -22.74 -46.06 -26.82
C VAL A 661 -21.58 -46.46 -27.75
N GLU A 662 -21.71 -46.22 -29.06
CA GLU A 662 -20.66 -46.49 -30.09
C GLU A 662 -19.36 -45.78 -29.68
N HIS A 663 -19.46 -44.54 -29.20
CA HIS A 663 -18.33 -43.73 -28.67
C HIS A 663 -17.84 -44.34 -27.34
N LEU A 664 -18.76 -44.47 -26.37
CA LEU A 664 -18.49 -45.01 -25.01
C LEU A 664 -17.62 -46.27 -25.11
N GLN A 665 -18.03 -47.24 -25.93
CA GLN A 665 -17.37 -48.56 -26.10
C GLN A 665 -15.97 -48.37 -26.71
N GLN A 666 -15.85 -47.51 -27.73
CA GLN A 666 -14.59 -47.24 -28.47
C GLN A 666 -13.55 -46.66 -27.51
N GLN A 667 -13.97 -45.78 -26.60
CA GLN A 667 -13.07 -45.08 -25.63
C GLN A 667 -12.59 -46.08 -24.56
N ILE A 668 -13.51 -46.92 -24.05
CA ILE A 668 -13.22 -47.94 -22.99
C ILE A 668 -12.16 -48.92 -23.51
N GLN A 669 -12.22 -49.29 -24.79
CA GLN A 669 -11.34 -50.32 -25.42
C GLN A 669 -9.94 -49.74 -25.66
N ASN A 670 -9.81 -48.40 -25.72
CA ASN A 670 -8.54 -47.68 -25.95
C ASN A 670 -7.75 -47.55 -24.64
N LEU A 671 -8.44 -47.59 -23.48
CA LEU A 671 -7.84 -47.45 -22.14
C LEU A 671 -6.92 -48.64 -21.86
N ASP A 672 -5.77 -48.39 -21.22
CA ASP A 672 -4.76 -49.42 -20.84
C ASP A 672 -5.28 -50.17 -19.60
N LEU A 673 -6.25 -51.06 -19.79
CA LEU A 673 -6.84 -51.94 -18.75
C LEU A 673 -6.86 -53.38 -19.26
N SER A 674 -7.05 -54.36 -18.37
CA SER A 674 -7.27 -55.78 -18.71
C SER A 674 -8.65 -55.92 -19.36
N THR A 675 -8.81 -56.86 -20.30
CA THR A 675 -10.05 -57.10 -21.08
C THR A 675 -11.23 -57.31 -20.11
N ALA A 676 -10.97 -57.87 -18.93
CA ALA A 676 -11.95 -58.07 -17.83
C ALA A 676 -12.42 -56.70 -17.32
N GLN A 677 -11.48 -55.82 -16.96
CA GLN A 677 -11.74 -54.46 -16.41
C GLN A 677 -12.53 -53.61 -17.42
N ARG A 678 -12.22 -53.74 -18.71
CA ARG A 678 -12.88 -53.02 -19.82
C ARG A 678 -14.38 -53.30 -19.80
N ARG A 679 -14.77 -54.58 -19.89
CA ARG A 679 -16.18 -55.05 -19.97
C ARG A 679 -16.97 -54.62 -18.72
N GLN A 680 -16.34 -54.70 -17.54
CA GLN A 680 -16.94 -54.35 -16.23
C GLN A 680 -17.43 -52.89 -16.25
N LEU A 681 -16.56 -51.96 -16.64
CA LEU A 681 -16.82 -50.50 -16.66
C LEU A 681 -18.00 -50.19 -17.60
N GLU A 682 -18.02 -50.82 -18.77
CA GLU A 682 -19.07 -50.64 -19.82
C GLU A 682 -20.44 -51.01 -19.23
N ALA A 683 -20.54 -52.18 -18.61
CA ALA A 683 -21.78 -52.73 -18.00
C ALA A 683 -22.29 -51.80 -16.89
N GLU A 684 -21.37 -51.28 -16.06
CA GLU A 684 -21.68 -50.41 -14.90
C GLU A 684 -22.16 -49.04 -15.39
N LEU A 685 -21.48 -48.46 -16.39
CA LEU A 685 -21.69 -47.07 -16.88
C LEU A 685 -23.08 -46.95 -17.52
N VAL A 686 -23.41 -47.85 -18.45
CA VAL A 686 -24.70 -47.84 -19.22
C VAL A 686 -25.88 -48.03 -18.25
N GLN A 687 -25.67 -48.76 -17.14
CA GLN A 687 -26.70 -49.05 -16.11
C GLN A 687 -27.13 -47.75 -15.42
N LEU A 688 -26.18 -46.83 -15.18
CA LEU A 688 -26.41 -45.54 -14.48
C LEU A 688 -27.14 -44.56 -15.42
N ILE A 689 -26.84 -44.61 -16.72
CA ILE A 689 -27.40 -43.69 -17.76
C ILE A 689 -28.92 -43.81 -17.79
N GLN A 690 -29.47 -45.00 -17.51
CA GLN A 690 -30.94 -45.26 -17.43
C GLN A 690 -31.60 -44.21 -16.54
N TYR A 691 -31.09 -44.04 -15.31
CA TYR A 691 -31.56 -43.05 -14.32
C TYR A 691 -30.86 -41.71 -14.57
N VAL B 2 -17.01 -20.11 10.86
CA VAL B 2 -18.06 -20.25 11.93
C VAL B 2 -17.70 -19.32 13.09
N LEU B 3 -18.63 -18.43 13.48
CA LEU B 3 -18.48 -17.46 14.60
C LEU B 3 -19.50 -17.80 15.69
N ILE B 4 -19.09 -17.70 16.96
CA ILE B 4 -19.96 -17.92 18.16
C ILE B 4 -20.37 -16.55 18.71
N PHE B 5 -21.65 -16.19 18.58
CA PHE B 5 -22.26 -14.93 19.07
C PHE B 5 -23.31 -15.26 20.14
N HIS B 6 -22.92 -15.15 21.41
CA HIS B 6 -23.74 -15.48 22.61
C HIS B 6 -24.15 -16.95 22.57
N GLY B 7 -23.18 -17.85 22.33
CA GLY B 7 -23.37 -19.32 22.38
C GLY B 7 -23.77 -19.91 21.04
N LYS B 8 -24.65 -19.24 20.29
CA LYS B 8 -25.21 -19.72 19.00
C LYS B 8 -24.13 -19.62 17.91
N PRO B 9 -23.97 -20.66 17.07
CA PRO B 9 -23.03 -20.62 15.95
C PRO B 9 -23.61 -19.84 14.75
N VAL B 10 -22.78 -19.02 14.10
CA VAL B 10 -23.16 -18.11 12.98
C VAL B 10 -22.29 -18.43 11.76
N HIS B 11 -22.91 -18.67 10.60
CA HIS B 11 -22.25 -18.96 9.30
C HIS B 11 -22.44 -17.78 8.32
N GLY B 12 -23.56 -17.05 8.42
CA GLY B 12 -23.88 -15.91 7.55
C GLY B 12 -24.48 -14.75 8.33
N ALA B 13 -24.77 -13.64 7.64
CA ALA B 13 -25.37 -12.41 8.22
C ALA B 13 -26.09 -11.62 7.11
N ILE B 14 -27.43 -11.64 7.11
CA ILE B 14 -28.29 -10.96 6.11
C ILE B 14 -28.76 -9.62 6.71
N PHE B 15 -28.55 -8.51 6.00
CA PHE B 15 -28.83 -7.12 6.45
C PHE B 15 -30.02 -6.54 5.70
N ASP B 16 -30.81 -5.71 6.38
CA ASP B 16 -31.83 -4.80 5.77
C ASP B 16 -31.14 -3.48 5.43
N MET B 17 -31.55 -2.82 4.34
CA MET B 17 -30.90 -1.59 3.83
C MET B 17 -31.55 -0.36 4.48
N ASP B 18 -32.82 -0.09 4.19
CA ASP B 18 -33.53 1.17 4.57
C ASP B 18 -33.85 1.13 6.07
N GLY B 19 -33.20 2.00 6.85
CA GLY B 19 -33.48 2.21 8.29
C GLY B 19 -32.53 1.42 9.19
N THR B 20 -31.85 0.40 8.64
CA THR B 20 -30.91 -0.49 9.38
C THR B 20 -29.47 -0.15 8.99
N MET B 21 -29.15 -0.20 7.69
CA MET B 21 -27.82 0.15 7.13
C MET B 21 -27.72 1.67 6.96
N PHE B 22 -28.69 2.26 6.26
CA PHE B 22 -28.77 3.72 5.96
C PHE B 22 -30.04 4.31 6.60
N ASP B 23 -30.03 5.63 6.82
CA ASP B 23 -31.17 6.41 7.38
C ASP B 23 -31.94 7.03 6.21
N THR B 24 -32.44 6.18 5.29
CA THR B 24 -33.18 6.58 4.06
C THR B 24 -34.69 6.54 4.30
N GLU B 25 -35.15 5.90 5.38
CA GLU B 25 -36.58 5.79 5.75
C GLU B 25 -37.13 7.18 6.12
N ARG B 26 -36.36 7.96 6.88
CA ARG B 26 -36.70 9.36 7.28
C ARG B 26 -36.82 10.24 6.03
N LEU B 27 -35.97 10.02 5.03
CA LEU B 27 -35.94 10.80 3.75
C LEU B 27 -37.15 10.42 2.89
N ARG B 28 -37.46 9.13 2.77
CA ARG B 28 -38.63 8.60 2.02
C ARG B 28 -39.91 9.16 2.65
N PHE B 29 -39.94 9.28 3.98
CA PHE B 29 -41.05 9.89 4.76
C PHE B 29 -41.29 11.33 4.30
N GLN B 30 -40.19 12.09 4.11
CA GLN B 30 -40.22 13.53 3.73
C GLN B 30 -40.60 13.68 2.25
N THR B 31 -39.99 12.89 1.36
CA THR B 31 -40.15 12.96 -0.12
C THR B 31 -41.60 12.62 -0.50
N LEU B 32 -42.15 11.52 0.04
CA LEU B 32 -43.52 11.03 -0.24
C LEU B 32 -44.55 12.10 0.20
N GLN B 33 -44.29 12.79 1.30
CA GLN B 33 -45.14 13.90 1.82
C GLN B 33 -45.10 15.07 0.82
N GLN B 34 -43.90 15.51 0.44
CA GLN B 34 -43.65 16.65 -0.49
C GLN B 34 -44.20 16.31 -1.88
N ALA B 35 -44.04 15.06 -2.32
CA ALA B 35 -44.47 14.54 -3.64
C ALA B 35 -45.99 14.61 -3.76
N SER B 36 -46.71 14.14 -2.74
CA SER B 36 -48.19 14.11 -2.66
C SER B 36 -48.75 15.53 -2.66
N GLN B 37 -48.07 16.47 -1.99
CA GLN B 37 -48.49 17.88 -1.82
C GLN B 37 -48.52 18.60 -3.18
N GLU B 38 -47.63 18.23 -4.11
CA GLU B 38 -47.46 18.91 -5.43
C GLU B 38 -48.13 18.11 -6.55
N LEU B 39 -48.80 16.99 -6.23
CA LEU B 39 -49.56 16.15 -7.19
C LEU B 39 -51.04 16.09 -6.79
N ILE B 40 -51.38 15.29 -5.77
CA ILE B 40 -52.79 15.06 -5.31
C ILE B 40 -53.23 16.22 -4.41
N GLY B 41 -52.29 16.90 -3.75
CA GLY B 41 -52.54 18.09 -2.92
C GLY B 41 -52.41 17.79 -1.44
N GLN B 42 -53.00 16.67 -0.98
CA GLN B 42 -53.01 16.23 0.44
C GLN B 42 -51.80 15.33 0.70
N GLU B 43 -51.04 15.62 1.76
CA GLU B 43 -49.90 14.77 2.23
C GLU B 43 -50.45 13.43 2.73
N PHE B 44 -49.68 12.35 2.54
CA PHE B 44 -50.02 10.99 3.02
C PHE B 44 -50.12 11.00 4.56
N SER B 45 -51.06 10.22 5.10
CA SER B 45 -51.24 10.01 6.57
C SER B 45 -49.94 9.47 7.17
N HIS B 46 -49.61 9.91 8.39
CA HIS B 46 -48.42 9.44 9.16
C HIS B 46 -48.57 7.96 9.50
N GLU B 47 -49.81 7.49 9.65
CA GLU B 47 -50.16 6.07 9.94
C GLU B 47 -49.82 5.21 8.71
N TYR B 48 -50.18 5.67 7.51
CA TYR B 48 -49.93 4.98 6.21
C TYR B 48 -48.44 4.74 6.02
N LEU B 49 -47.63 5.80 6.16
CA LEU B 49 -46.15 5.78 5.95
C LEU B 49 -45.49 4.89 7.00
N MET B 50 -45.99 4.90 8.24
CA MET B 50 -45.48 4.08 9.38
C MET B 50 -45.77 2.60 9.13
N GLN B 51 -46.86 2.28 8.44
CA GLN B 51 -47.28 0.90 8.09
C GLN B 51 -46.56 0.44 6.81
N CYS B 52 -46.07 1.37 6.00
CA CYS B 52 -45.37 1.11 4.70
C CYS B 52 -43.86 0.93 4.91
N LEU B 53 -43.39 0.97 6.16
CA LEU B 53 -41.95 0.80 6.51
C LEU B 53 -41.57 -0.68 6.32
N GLY B 54 -40.47 -0.93 5.61
CA GLY B 54 -40.00 -2.29 5.27
C GLY B 54 -41.00 -3.04 4.41
N LEU B 55 -41.58 -2.34 3.42
CA LEU B 55 -42.65 -2.87 2.53
C LEU B 55 -42.27 -2.54 1.07
N SER B 56 -42.44 -3.51 0.16
CA SER B 56 -42.13 -3.37 -1.28
C SER B 56 -43.04 -2.30 -1.91
N ALA B 57 -42.51 -1.55 -2.88
CA ALA B 57 -43.20 -0.45 -3.60
C ALA B 57 -44.51 -0.96 -4.21
N THR B 58 -44.53 -2.22 -4.67
CA THR B 58 -45.73 -2.93 -5.20
C THR B 58 -46.75 -3.13 -4.06
N THR B 59 -46.27 -3.54 -2.88
CA THR B 59 -47.10 -3.84 -1.67
C THR B 59 -47.58 -2.52 -1.04
N ALA B 60 -46.80 -1.45 -1.16
CA ALA B 60 -47.12 -0.10 -0.66
C ALA B 60 -48.35 0.46 -1.39
N GLU B 61 -48.45 0.17 -2.70
CA GLU B 61 -49.58 0.62 -3.57
C GLU B 61 -50.86 -0.12 -3.17
N LYS B 62 -50.77 -1.39 -2.80
CA LYS B 62 -51.92 -2.24 -2.37
C LYS B 62 -52.55 -1.63 -1.10
N LEU B 63 -51.74 -1.07 -0.21
CA LEU B 63 -52.18 -0.44 1.05
C LEU B 63 -52.90 0.88 0.74
N ALA B 64 -52.47 1.60 -0.30
CA ALA B 64 -53.06 2.87 -0.77
C ALA B 64 -54.50 2.64 -1.27
N GLN B 65 -54.76 1.47 -1.87
CA GLN B 65 -56.12 1.05 -2.32
C GLN B 65 -57.00 0.76 -1.10
N ARG B 66 -56.42 0.12 -0.07
CA ARG B 66 -57.12 -0.27 1.19
C ARG B 66 -57.59 0.99 1.93
N LEU B 67 -56.73 2.00 2.02
CA LEU B 67 -57.04 3.33 2.64
C LEU B 67 -57.88 4.15 1.66
N TYR B 68 -57.33 4.44 0.48
CA TYR B 68 -57.94 5.28 -0.58
C TYR B 68 -58.51 4.38 -1.69
N TYR B 74 -50.24 6.06 -7.18
CA TYR B 74 -49.05 5.89 -6.30
C TYR B 74 -47.77 5.83 -7.14
N LYS B 75 -47.82 5.19 -8.31
CA LYS B 75 -46.69 5.07 -9.27
C LYS B 75 -46.18 6.46 -9.63
N GLU B 76 -47.08 7.39 -9.94
CA GLU B 76 -46.77 8.81 -10.31
C GLU B 76 -46.18 9.53 -9.09
N ILE B 77 -46.71 9.25 -7.89
CA ILE B 77 -46.28 9.86 -6.59
C ILE B 77 -44.87 9.37 -6.24
N ARG B 78 -44.70 8.04 -6.18
CA ARG B 78 -43.47 7.36 -5.70
C ARG B 78 -42.30 7.67 -6.65
N LYS B 79 -42.56 7.79 -7.96
CA LYS B 79 -41.52 8.07 -8.99
C LYS B 79 -40.84 9.41 -8.68
N ARG B 80 -41.63 10.47 -8.43
CA ARG B 80 -41.13 11.83 -8.11
C ARG B 80 -40.49 11.82 -6.72
N ALA B 81 -41.05 11.05 -5.78
CA ALA B 81 -40.54 10.87 -4.40
C ALA B 81 -39.16 10.19 -4.44
N ASP B 82 -38.99 9.20 -5.33
CA ASP B 82 -37.71 8.49 -5.57
C ASP B 82 -36.70 9.44 -6.20
N GLU B 83 -37.15 10.27 -7.15
CA GLU B 83 -36.31 11.29 -7.86
C GLU B 83 -35.79 12.32 -6.86
N MET B 84 -36.65 12.80 -5.96
CA MET B 84 -36.29 13.76 -4.86
C MET B 84 -35.26 13.11 -3.93
N GLU B 85 -35.42 11.81 -3.64
CA GLU B 85 -34.57 11.05 -2.69
C GLU B 85 -33.15 10.92 -3.24
N LEU B 86 -33.00 10.31 -4.43
CA LEU B 86 -31.68 10.03 -5.07
C LEU B 86 -30.96 11.35 -5.40
N GLU B 87 -31.70 12.44 -5.61
CA GLU B 87 -31.15 13.81 -5.84
C GLU B 87 -30.50 14.31 -4.53
N HIS B 88 -31.19 14.12 -3.41
CA HIS B 88 -30.69 14.45 -2.04
C HIS B 88 -29.45 13.61 -1.73
N ILE B 89 -29.43 12.35 -2.17
CA ILE B 89 -28.31 11.38 -1.97
C ILE B 89 -27.11 11.82 -2.83
N ARG B 90 -27.35 12.31 -4.05
CA ARG B 90 -26.30 12.75 -5.00
C ARG B 90 -25.63 14.04 -4.50
N LYS B 91 -26.30 14.80 -3.63
CA LYS B 91 -25.79 16.07 -3.06
C LYS B 91 -25.12 15.82 -1.70
N HIS B 92 -25.85 15.22 -0.76
CA HIS B 92 -25.45 15.07 0.67
C HIS B 92 -24.84 13.70 0.95
N GLY B 93 -24.90 12.77 -0.01
CA GLY B 93 -24.38 11.39 0.14
C GLY B 93 -25.40 10.49 0.83
N VAL B 94 -25.14 9.19 0.85
CA VAL B 94 -25.97 8.17 1.57
C VAL B 94 -25.72 8.34 3.07
N PRO B 95 -26.78 8.55 3.89
CA PRO B 95 -26.60 8.70 5.34
C PRO B 95 -26.34 7.34 6.01
N ILE B 96 -25.06 6.95 6.11
CA ILE B 96 -24.61 5.64 6.66
C ILE B 96 -24.77 5.67 8.18
N LYS B 97 -25.52 4.71 8.75
CA LYS B 97 -25.69 4.54 10.21
C LYS B 97 -24.32 4.28 10.86
N LYS B 98 -24.03 4.94 11.98
CA LYS B 98 -22.71 4.91 12.67
C LYS B 98 -22.44 3.48 13.18
N GLY B 99 -21.41 2.82 12.62
CA GLY B 99 -20.95 1.49 13.05
C GLY B 99 -21.08 0.44 11.95
N LEU B 100 -21.88 0.71 10.91
CA LEU B 100 -22.18 -0.24 9.81
C LEU B 100 -20.87 -0.79 9.23
N VAL B 101 -19.98 0.10 8.77
CA VAL B 101 -18.70 -0.26 8.08
C VAL B 101 -17.80 -1.02 9.07
N GLN B 102 -17.82 -0.64 10.35
CA GLN B 102 -17.04 -1.28 11.44
C GLN B 102 -17.57 -2.69 11.70
N VAL B 103 -18.89 -2.88 11.60
CA VAL B 103 -19.59 -4.20 11.78
C VAL B 103 -19.27 -5.09 10.56
N LEU B 104 -19.59 -4.61 9.35
CA LEU B 104 -19.52 -5.39 8.09
C LEU B 104 -18.13 -6.03 7.93
N GLU B 105 -17.06 -5.26 8.18
CA GLU B 105 -15.65 -5.73 8.03
C GLU B 105 -15.36 -6.83 9.05
N ARG B 106 -15.80 -6.66 10.30
CA ARG B 106 -15.62 -7.64 11.41
C ARG B 106 -16.30 -8.97 11.04
N LEU B 107 -17.51 -8.90 10.46
CA LEU B 107 -18.30 -10.10 10.08
C LEU B 107 -17.64 -10.78 8.87
N ARG B 108 -17.07 -10.00 7.94
CA ARG B 108 -16.43 -10.51 6.70
C ARG B 108 -15.15 -11.28 7.05
N LYS B 109 -14.29 -10.67 7.88
CA LYS B 109 -12.96 -11.23 8.26
C LYS B 109 -13.13 -12.37 9.28
N SER B 110 -14.31 -12.47 9.91
CA SER B 110 -14.71 -13.63 10.77
C SER B 110 -15.03 -14.84 9.89
N GLY B 111 -15.25 -14.61 8.58
CA GLY B 111 -15.43 -15.65 7.55
C GLY B 111 -16.89 -15.95 7.26
N LEU B 112 -17.79 -14.99 7.56
CA LEU B 112 -19.26 -15.15 7.40
C LEU B 112 -19.64 -14.85 5.95
N ARG B 113 -20.71 -15.49 5.47
CA ARG B 113 -21.26 -15.33 4.09
C ARG B 113 -22.44 -14.36 4.17
N MET B 114 -22.23 -13.10 3.77
CA MET B 114 -23.12 -11.95 4.06
C MET B 114 -23.93 -11.59 2.80
N ALA B 115 -25.14 -11.06 2.99
CA ALA B 115 -26.07 -10.61 1.93
C ALA B 115 -26.95 -9.45 2.42
N VAL B 116 -27.74 -8.87 1.52
CA VAL B 116 -28.71 -7.76 1.78
C VAL B 116 -30.10 -8.22 1.36
N ALA B 117 -31.08 -8.14 2.27
CA ALA B 117 -32.51 -8.42 2.03
C ALA B 117 -33.32 -7.15 2.25
N THR B 118 -33.59 -6.41 1.16
CA THR B 118 -34.28 -5.09 1.16
C THR B 118 -35.50 -5.16 0.22
N SER B 119 -36.60 -4.52 0.62
CA SER B 119 -37.89 -4.48 -0.13
C SER B 119 -37.80 -3.48 -1.29
N SER B 120 -36.74 -2.65 -1.33
CA SER B 120 -36.47 -1.66 -2.40
C SER B 120 -36.11 -2.38 -3.71
N ARG B 121 -36.11 -1.63 -4.82
CA ARG B 121 -35.78 -2.13 -6.19
C ARG B 121 -34.27 -2.36 -6.29
N ARG B 122 -33.85 -3.19 -7.25
CA ARG B 122 -32.41 -3.50 -7.53
C ARG B 122 -31.70 -2.24 -8.04
N ALA B 123 -32.40 -1.39 -8.79
CA ALA B 123 -31.90 -0.10 -9.31
C ALA B 123 -31.56 0.84 -8.15
N ILE B 124 -32.47 0.98 -7.18
CA ILE B 124 -32.34 1.89 -6.01
C ILE B 124 -31.39 1.25 -4.98
N ALA B 125 -31.51 -0.06 -4.76
CA ALA B 125 -30.72 -0.83 -3.77
C ALA B 125 -29.23 -0.67 -4.05
N GLU B 126 -28.80 -1.03 -5.27
CA GLU B 126 -27.38 -1.00 -5.72
C GLU B 126 -26.87 0.45 -5.64
N GLU B 127 -27.64 1.41 -6.13
CA GLU B 127 -27.29 2.86 -6.16
C GLU B 127 -26.72 3.29 -4.81
N TYR B 128 -27.38 2.92 -3.70
CA TYR B 128 -27.01 3.29 -2.31
C TYR B 128 -25.85 2.40 -1.82
N LEU B 129 -25.88 1.11 -2.15
CA LEU B 129 -24.82 0.12 -1.79
C LEU B 129 -23.50 0.52 -2.45
N ILE B 130 -23.56 1.02 -3.69
CA ILE B 130 -22.38 1.52 -4.47
C ILE B 130 -21.91 2.85 -3.84
N ASN B 131 -22.82 3.81 -3.69
CA ASN B 131 -22.54 5.18 -3.17
C ASN B 131 -21.86 5.08 -1.80
N ALA B 132 -22.40 4.26 -0.89
CA ALA B 132 -21.93 4.07 0.50
C ALA B 132 -20.59 3.32 0.52
N ASN B 133 -20.32 2.50 -0.51
CA ASN B 133 -19.10 1.66 -0.63
C ASN B 133 -19.17 0.54 0.41
N VAL B 134 -20.29 -0.21 0.41
CA VAL B 134 -20.52 -1.38 1.31
C VAL B 134 -21.00 -2.59 0.49
N TYR B 135 -21.15 -2.45 -0.84
CA TYR B 135 -21.63 -3.52 -1.76
C TYR B 135 -20.60 -4.64 -1.85
N LYS B 136 -19.32 -4.32 -1.63
CA LYS B 136 -18.17 -5.25 -1.72
C LYS B 136 -18.21 -6.27 -0.58
N PHE B 137 -18.92 -5.98 0.51
CA PHE B 137 -19.00 -6.82 1.74
C PHE B 137 -20.02 -7.95 1.58
N PHE B 138 -20.89 -7.87 0.56
CA PHE B 138 -22.01 -8.82 0.35
C PHE B 138 -21.72 -9.71 -0.87
N ASP B 139 -21.93 -11.02 -0.71
CA ASP B 139 -21.75 -12.06 -1.77
C ASP B 139 -22.96 -12.02 -2.71
N VAL B 140 -24.16 -11.92 -2.14
CA VAL B 140 -25.46 -11.84 -2.88
C VAL B 140 -26.29 -10.69 -2.29
N ILE B 141 -27.28 -10.19 -3.04
CA ILE B 141 -28.34 -9.28 -2.53
C ILE B 141 -29.69 -9.76 -3.09
N THR B 142 -30.76 -9.63 -2.29
CA THR B 142 -32.16 -9.97 -2.66
C THR B 142 -33.01 -8.70 -2.56
N CYS B 143 -33.63 -8.28 -3.67
CA CYS B 143 -34.42 -7.03 -3.79
C CYS B 143 -35.91 -7.36 -3.88
N GLY B 144 -36.77 -6.34 -3.80
CA GLY B 144 -38.24 -6.49 -3.85
C GLY B 144 -38.77 -6.47 -5.27
N ASP B 145 -38.04 -7.10 -6.20
CA ASP B 145 -38.39 -7.22 -7.65
C ASP B 145 -38.47 -8.70 -8.03
N GLU B 146 -37.41 -9.46 -7.74
CA GLU B 146 -37.28 -10.90 -8.10
C GLU B 146 -37.99 -11.79 -7.06
N VAL B 147 -38.46 -11.21 -5.95
CA VAL B 147 -39.28 -11.91 -4.92
C VAL B 147 -40.73 -11.98 -5.42
N GLU B 148 -41.41 -13.10 -5.14
CA GLU B 148 -42.84 -13.35 -5.53
C GLU B 148 -43.76 -12.66 -4.51
N GLN B 149 -43.58 -12.98 -3.23
CA GLN B 149 -44.37 -12.43 -2.09
C GLN B 149 -43.42 -11.63 -1.18
N GLY B 150 -43.53 -10.30 -1.19
CA GLY B 150 -42.66 -9.37 -0.44
C GLY B 150 -42.96 -9.39 1.05
N LYS B 151 -42.28 -8.54 1.81
CA LYS B 151 -42.41 -8.43 3.30
C LYS B 151 -43.86 -8.07 3.64
N PRO B 152 -44.43 -8.56 4.76
CA PRO B 152 -43.68 -9.27 5.80
C PRO B 152 -43.55 -10.80 5.63
N HIS B 153 -43.74 -11.32 4.41
CA HIS B 153 -43.57 -12.76 4.06
C HIS B 153 -42.08 -13.09 4.07
N PRO B 154 -41.66 -14.24 4.65
CA PRO B 154 -40.23 -14.56 4.82
C PRO B 154 -39.48 -15.00 3.55
N GLU B 155 -40.13 -15.00 2.39
CA GLU B 155 -39.56 -15.46 1.09
C GLU B 155 -38.27 -14.70 0.79
N ILE B 156 -38.26 -13.38 1.00
CA ILE B 156 -37.12 -12.48 0.68
C ILE B 156 -35.91 -12.84 1.56
N PHE B 157 -36.14 -13.24 2.81
CA PHE B 157 -35.10 -13.62 3.80
C PHE B 157 -34.72 -15.09 3.64
N LEU B 158 -35.63 -15.92 3.10
CA LEU B 158 -35.38 -17.35 2.78
C LEU B 158 -34.51 -17.44 1.52
N LYS B 159 -34.85 -16.65 0.49
CA LYS B 159 -34.13 -16.59 -0.82
C LYS B 159 -32.70 -16.09 -0.58
N ALA B 160 -32.53 -15.06 0.25
CA ALA B 160 -31.23 -14.45 0.61
C ALA B 160 -30.31 -15.50 1.24
N ALA B 161 -30.85 -16.31 2.16
CA ALA B 161 -30.12 -17.37 2.91
C ALA B 161 -29.77 -18.53 1.97
N SER B 162 -30.70 -18.91 1.09
CA SER B 162 -30.56 -20.05 0.13
C SER B 162 -29.45 -19.74 -0.89
N GLN B 163 -29.36 -18.48 -1.34
CA GLN B 163 -28.36 -18.01 -2.34
C GLN B 163 -26.96 -17.98 -1.71
N LEU B 164 -26.87 -17.85 -0.38
CA LEU B 164 -25.60 -17.89 0.39
C LEU B 164 -25.17 -19.34 0.64
N HIS B 165 -26.03 -20.31 0.30
CA HIS B 165 -25.81 -21.78 0.45
C HIS B 165 -25.72 -22.13 1.94
N LEU B 166 -26.61 -21.53 2.74
CA LEU B 166 -26.72 -21.73 4.22
C LEU B 166 -28.20 -21.87 4.59
N ASP B 167 -28.48 -22.40 5.79
CA ASP B 167 -29.82 -22.39 6.42
C ASP B 167 -30.02 -21.03 7.11
N ALA B 168 -31.25 -20.52 7.13
CA ALA B 168 -31.63 -19.23 7.75
C ALA B 168 -31.24 -19.21 9.22
N ASN B 169 -31.36 -20.36 9.91
CA ASN B 169 -31.08 -20.53 11.36
C ASN B 169 -29.58 -20.36 11.65
N GLN B 170 -28.72 -20.49 10.62
CA GLN B 170 -27.25 -20.29 10.73
C GLN B 170 -26.90 -18.81 10.48
N CYS B 171 -27.83 -18.03 9.94
CA CYS B 171 -27.63 -16.61 9.51
C CYS B 171 -28.21 -15.64 10.56
N LEU B 172 -27.46 -14.59 10.88
CA LEU B 172 -27.96 -13.39 11.61
C LEU B 172 -28.82 -12.57 10.64
N MET B 173 -29.84 -11.88 11.15
CA MET B 173 -30.79 -11.08 10.33
C MET B 173 -31.05 -9.72 11.02
N PHE B 174 -30.61 -8.63 10.39
CA PHE B 174 -30.75 -7.23 10.87
C PHE B 174 -31.96 -6.58 10.20
N GLU B 175 -32.74 -5.81 10.97
CA GLU B 175 -33.98 -5.15 10.50
C GLU B 175 -34.36 -4.03 11.49
N ASP B 176 -35.05 -2.99 11.00
CA ASP B 176 -35.57 -1.85 11.80
C ASP B 176 -37.11 -1.93 11.88
N SER B 177 -37.77 -2.26 10.76
CA SER B 177 -39.25 -2.23 10.60
C SER B 177 -39.90 -3.38 11.38
N GLU B 178 -41.21 -3.26 11.63
CA GLU B 178 -42.05 -4.29 12.29
C GLU B 178 -42.37 -5.41 11.29
N ASN B 179 -42.74 -5.02 10.06
CA ASN B 179 -43.06 -5.96 8.94
C ASN B 179 -41.83 -6.82 8.63
N GLY B 180 -40.66 -6.19 8.47
CA GLY B 180 -39.40 -6.85 8.11
C GLY B 180 -38.91 -7.80 9.19
N LEU B 181 -39.18 -7.50 10.46
CA LEU B 181 -38.77 -8.32 11.63
C LEU B 181 -39.55 -9.65 11.60
N THR B 182 -40.85 -9.58 11.28
CA THR B 182 -41.74 -10.76 11.09
C THR B 182 -41.21 -11.62 9.94
N SER B 183 -40.79 -10.99 8.85
CA SER B 183 -40.20 -11.63 7.64
C SER B 183 -38.91 -12.37 8.02
N ALA B 184 -38.09 -11.79 8.90
CA ALA B 184 -36.82 -12.36 9.38
C ALA B 184 -37.08 -13.49 10.39
N HIS B 185 -38.12 -13.34 11.22
CA HIS B 185 -38.49 -14.30 12.31
C HIS B 185 -39.11 -15.56 11.71
N THR B 186 -40.07 -15.41 10.79
CA THR B 186 -40.81 -16.51 10.13
C THR B 186 -39.86 -17.34 9.26
N SER B 187 -38.77 -16.73 8.77
CA SER B 187 -37.67 -17.39 8.04
C SER B 187 -36.87 -18.30 8.98
N LYS B 188 -36.96 -18.04 10.30
CA LYS B 188 -36.34 -18.83 11.39
C LYS B 188 -34.82 -18.61 11.38
N GLY B 189 -34.40 -17.34 11.39
CA GLY B 189 -33.00 -16.91 11.54
C GLY B 189 -32.82 -16.05 12.78
N LEU B 190 -31.59 -15.93 13.28
CA LEU B 190 -31.24 -15.15 14.49
C LEU B 190 -31.53 -13.66 14.21
N THR B 191 -32.68 -13.17 14.72
CA THR B 191 -33.21 -11.80 14.47
C THR B 191 -32.48 -10.79 15.35
N ILE B 192 -32.12 -9.64 14.78
CA ILE B 192 -31.55 -8.45 15.48
C ILE B 192 -32.40 -7.23 15.08
N LEU B 193 -32.86 -6.46 16.07
CA LEU B 193 -33.75 -5.28 15.88
C LEU B 193 -32.99 -4.00 16.24
N LEU B 194 -32.90 -3.06 15.29
CA LEU B 194 -32.27 -1.72 15.46
C LEU B 194 -33.34 -0.64 15.27
N LYS B 195 -33.68 0.07 16.36
CA LYS B 195 -34.69 1.17 16.36
C LYS B 195 -34.25 2.27 15.39
N ASP B 196 -35.16 2.78 14.57
CA ASP B 196 -34.93 3.86 13.58
C ASP B 196 -36.01 4.94 13.76
N ILE B 197 -37.25 4.63 13.34
CA ILE B 197 -38.41 5.57 13.34
C ILE B 197 -39.66 4.84 13.83
N LYS B 198 -39.52 3.98 14.84
CA LYS B 198 -40.64 3.24 15.49
C LYS B 198 -40.13 2.61 16.79
N GLU B 199 -40.67 3.06 17.93
CA GLU B 199 -40.39 2.47 19.28
C GLU B 199 -40.88 1.03 19.29
N PRO B 200 -39.97 0.04 19.47
CA PRO B 200 -40.35 -1.38 19.46
C PRO B 200 -41.58 -1.70 20.33
N ASN B 201 -42.53 -2.46 19.76
CA ASN B 201 -43.74 -2.97 20.47
C ASN B 201 -43.35 -4.15 21.35
N ASP B 202 -44.30 -4.64 22.16
CA ASP B 202 -44.16 -5.89 22.97
C ASP B 202 -44.05 -7.08 22.01
N GLU B 203 -44.82 -7.04 20.91
CA GLU B 203 -44.82 -8.08 19.84
C GLU B 203 -43.43 -8.15 19.19
N MET B 204 -42.87 -6.99 18.82
CA MET B 204 -41.57 -6.84 18.13
C MET B 204 -40.44 -7.35 19.03
N LEU B 205 -40.39 -6.89 20.28
CA LEU B 205 -39.32 -7.22 21.27
C LEU B 205 -39.32 -8.73 21.55
N GLU B 206 -40.47 -9.40 21.45
CA GLU B 206 -40.62 -10.86 21.65
C GLU B 206 -40.03 -11.62 20.46
N LYS B 207 -40.29 -11.16 19.24
CA LYS B 207 -39.80 -11.78 17.97
C LYS B 207 -38.27 -11.78 17.95
N ALA B 208 -37.66 -10.62 18.20
CA ALA B 208 -36.20 -10.37 18.11
C ALA B 208 -35.45 -11.17 19.19
N HIS B 209 -34.42 -11.92 18.80
CA HIS B 209 -33.49 -12.65 19.71
C HIS B 209 -32.61 -11.66 20.46
N PHE B 210 -32.15 -10.60 19.76
CA PHE B 210 -31.32 -9.49 20.31
C PHE B 210 -31.94 -8.15 19.89
N TYR B 211 -31.84 -7.14 20.75
CA TYR B 211 -32.28 -5.74 20.48
C TYR B 211 -31.17 -4.76 20.88
N TYR B 212 -31.02 -3.69 20.11
CA TYR B 212 -30.02 -2.60 20.31
C TYR B 212 -30.66 -1.26 19.93
N ASP B 213 -30.37 -0.20 20.70
CA ASP B 213 -30.96 1.15 20.54
C ASP B 213 -30.47 1.75 19.21
N GLN B 214 -29.21 1.48 18.84
CA GLN B 214 -28.57 1.95 17.58
C GLN B 214 -27.57 0.89 17.09
N MET B 215 -26.96 1.13 15.93
CA MET B 215 -26.01 0.19 15.26
C MET B 215 -24.74 0.03 16.10
N TYR B 216 -24.25 1.13 16.71
CA TYR B 216 -22.98 1.17 17.47
C TYR B 216 -23.09 0.35 18.77
N ASP B 217 -24.30 0.18 19.29
CA ASP B 217 -24.60 -0.62 20.50
C ASP B 217 -24.36 -2.11 20.19
N PHE B 218 -24.74 -2.58 19.00
CA PHE B 218 -24.52 -3.97 18.52
C PHE B 218 -23.02 -4.21 18.32
N LEU B 219 -22.33 -3.29 17.64
CA LEU B 219 -20.86 -3.34 17.36
C LEU B 219 -20.12 -3.64 18.67
N THR B 220 -20.42 -2.89 19.73
CA THR B 220 -19.83 -3.04 21.10
C THR B 220 -20.02 -4.47 21.59
N ASP B 221 -21.23 -5.03 21.41
CA ASP B 221 -21.60 -6.40 21.86
C ASP B 221 -20.90 -7.45 20.98
N LEU B 222 -20.81 -7.20 19.67
CA LEU B 222 -20.15 -8.09 18.68
C LEU B 222 -18.66 -8.20 18.98
N ASP B 223 -18.01 -7.08 19.29
CA ASP B 223 -16.53 -6.91 19.34
C ASP B 223 -15.92 -7.78 20.46
N GLN B 224 -16.71 -8.16 21.46
CA GLN B 224 -16.24 -9.01 22.60
C GLN B 224 -16.07 -10.47 22.14
N PHE B 225 -16.60 -10.82 20.97
CA PHE B 225 -16.46 -12.17 20.34
C PHE B 225 -15.48 -12.12 19.17
N ILE B 226 -15.25 -10.94 18.58
CA ILE B 226 -14.32 -10.72 17.43
C ILE B 226 -12.88 -10.77 17.95
N PRO B 227 -11.96 -11.51 17.28
CA PRO B 227 -10.57 -11.57 17.70
C PRO B 227 -9.84 -10.22 17.56
N VAL B 228 -9.28 -9.72 18.67
CA VAL B 228 -8.45 -8.47 18.70
C VAL B 228 -7.11 -8.77 18.01
N MET B 229 -6.77 -7.99 16.98
CA MET B 229 -5.56 -8.20 16.14
C MET B 229 -4.33 -7.71 16.90
N ASP B 230 -3.14 -8.20 16.51
CA ASP B 230 -1.87 -8.06 17.27
C ASP B 230 -0.94 -7.06 16.55
N MET B 231 0.18 -6.72 17.19
CA MET B 231 1.17 -5.70 16.77
C MET B 231 1.38 -5.77 15.25
N PRO B 232 1.15 -4.66 14.51
CA PRO B 232 1.44 -4.62 13.08
C PRO B 232 2.94 -4.77 12.78
N GLU B 233 3.27 -5.29 11.60
CA GLU B 233 4.66 -5.39 11.08
C GLU B 233 5.02 -4.08 10.36
N MET B 234 6.30 -3.89 10.04
CA MET B 234 6.86 -2.61 9.54
C MET B 234 6.06 -2.12 8.33
N GLN B 235 6.14 -2.83 7.19
CA GLN B 235 5.57 -2.38 5.90
C GLN B 235 4.13 -2.90 5.72
N GLU B 236 3.48 -3.34 6.80
CA GLU B 236 2.10 -3.89 6.77
C GLU B 236 1.12 -2.78 6.40
N PRO B 237 0.20 -3.01 5.42
CA PRO B 237 -0.75 -1.98 5.01
C PRO B 237 -1.73 -1.59 6.12
N PHE B 238 -2.29 -0.38 6.04
CA PHE B 238 -3.40 0.09 6.90
C PHE B 238 -4.71 -0.46 6.33
N PRO B 239 -5.79 -0.55 7.14
CA PRO B 239 -7.10 -0.96 6.63
C PRO B 239 -7.60 -0.08 5.47
N GLN B 240 -8.35 -0.66 4.54
CA GLN B 240 -8.92 0.05 3.35
C GLN B 240 -10.17 0.83 3.77
N SER B 241 -11.12 0.16 4.43
CA SER B 241 -12.44 0.71 4.84
C SER B 241 -12.26 1.75 5.95
N LEU B 242 -13.07 2.82 5.92
CA LEU B 242 -13.03 3.94 6.89
C LEU B 242 -14.30 3.93 7.75
N ASN B 243 -14.15 4.08 9.06
CA ASN B 243 -15.26 4.30 10.03
C ASN B 243 -15.64 5.78 9.99
N GLN B 244 -16.60 6.21 10.81
CA GLN B 244 -17.10 7.62 10.86
C GLN B 244 -16.45 8.36 12.05
N LEU B 245 -15.52 7.74 12.76
CA LEU B 245 -14.82 8.32 13.94
C LEU B 245 -13.69 9.25 13.45
N THR B 246 -13.50 10.36 14.16
CA THR B 246 -12.35 11.30 13.99
C THR B 246 -11.35 11.06 15.13
N VAL B 247 -10.09 11.45 14.94
CA VAL B 247 -9.03 11.42 15.99
C VAL B 247 -8.18 12.69 15.86
N GLY B 248 -7.49 13.07 16.94
CA GLY B 248 -6.72 14.32 17.03
C GLY B 248 -5.25 14.07 17.34
N ILE B 249 -4.38 14.96 16.87
CA ILE B 249 -2.92 14.99 17.19
C ILE B 249 -2.56 16.43 17.59
N HIS B 250 -2.69 16.76 18.87
CA HIS B 250 -2.33 18.09 19.45
C HIS B 250 -0.80 18.22 19.38
N GLY B 251 -0.30 18.77 18.26
CA GLY B 251 1.15 18.94 17.99
C GLY B 251 1.61 18.05 16.85
N PHE B 252 1.48 18.54 15.61
CA PHE B 252 1.97 17.88 14.37
C PHE B 252 3.49 18.03 14.30
N GLY B 253 4.21 17.29 15.14
CA GLY B 253 5.68 17.28 15.23
C GLY B 253 6.24 15.90 14.92
N ALA B 254 7.46 15.62 15.38
CA ALA B 254 8.19 14.35 15.14
C ALA B 254 7.34 13.17 15.58
N ILE B 255 6.91 13.15 16.84
CA ILE B 255 6.14 12.03 17.46
C ILE B 255 4.72 11.98 16.85
N GLY B 256 3.97 13.08 16.96
CA GLY B 256 2.58 13.18 16.49
C GLY B 256 2.44 12.74 15.04
N GLY B 257 3.24 13.34 14.15
CA GLY B 257 3.18 13.10 12.69
C GLY B 257 3.91 11.84 12.28
N GLY B 258 4.99 11.48 12.99
CA GLY B 258 5.95 10.44 12.57
C GLY B 258 5.84 9.14 13.36
N TYR B 259 4.90 9.02 14.29
CA TYR B 259 4.66 7.79 15.09
C TYR B 259 3.16 7.57 15.35
N ILE B 260 2.52 8.52 16.05
CA ILE B 260 1.10 8.42 16.48
C ILE B 260 0.22 8.25 15.23
N ALA B 261 0.52 8.98 14.15
CA ALA B 261 -0.19 8.93 12.86
C ALA B 261 -0.30 7.47 12.35
N GLN B 262 0.77 6.69 12.50
CA GLN B 262 0.83 5.25 12.11
C GLN B 262 -0.08 4.45 13.04
N ILE B 263 -0.02 4.71 14.36
CA ILE B 263 -0.80 3.99 15.41
C ILE B 263 -2.29 4.20 15.15
N LEU B 264 -2.69 5.42 14.79
CA LEU B 264 -4.12 5.80 14.53
C LEU B 264 -4.56 5.27 13.16
N SER B 265 -3.65 5.28 12.18
CA SER B 265 -3.91 4.81 10.78
C SER B 265 -4.12 3.29 10.76
N HIS B 266 -3.41 2.54 11.61
CA HIS B 266 -3.61 1.08 11.82
C HIS B 266 -4.93 0.86 12.55
N TRP B 267 -5.12 1.53 13.69
CA TRP B 267 -6.35 1.48 14.52
C TRP B 267 -6.57 0.05 15.03
N ASP B 268 -7.73 -0.57 14.73
CA ASP B 268 -8.12 -1.92 15.22
C ASP B 268 -7.83 -2.99 14.16
N GLY B 269 -7.51 -2.56 12.93
CA GLY B 269 -7.17 -3.46 11.80
C GLY B 269 -8.37 -3.76 10.92
N TYR B 270 -9.57 -3.33 11.33
CA TYR B 270 -10.84 -3.53 10.59
C TYR B 270 -11.17 -2.24 9.82
N THR B 271 -11.19 -1.10 10.53
CA THR B 271 -11.45 0.24 9.94
C THR B 271 -10.39 1.25 10.43
N LYS B 272 -10.23 2.35 9.71
CA LYS B 272 -9.40 3.53 10.10
C LYS B 272 -10.31 4.69 10.44
N PRO B 273 -9.86 5.66 11.27
CA PRO B 273 -10.53 6.96 11.40
C PRO B 273 -10.68 7.63 10.02
N LYS B 274 -11.88 8.17 9.75
CA LYS B 274 -12.23 8.89 8.50
C LYS B 274 -11.34 10.14 8.35
N ARG B 275 -10.99 10.77 9.48
CA ARG B 275 -10.25 12.06 9.53
C ARG B 275 -9.25 12.04 10.70
N ILE B 276 -8.04 12.55 10.47
CA ILE B 276 -7.00 12.77 11.51
C ILE B 276 -6.64 14.26 11.50
N ILE B 277 -7.12 15.01 12.51
CA ILE B 277 -6.87 16.47 12.66
C ILE B 277 -5.58 16.66 13.49
N ALA B 278 -4.59 17.35 12.93
CA ALA B 278 -3.27 17.61 13.57
C ALA B 278 -3.00 19.11 13.60
N SER B 279 -2.59 19.64 14.77
CA SER B 279 -2.39 21.09 15.03
C SER B 279 -0.90 21.44 14.96
N THR B 280 -0.58 22.58 14.33
CA THR B 280 0.81 23.13 14.21
C THR B 280 0.74 24.63 13.89
N ARG B 281 1.76 25.38 14.32
CA ARG B 281 1.97 26.82 13.97
C ARG B 281 2.89 26.92 12.76
N ASN B 282 3.63 25.84 12.44
CA ASN B 282 4.46 25.73 11.21
C ASN B 282 3.51 25.68 10.00
N SER B 283 3.33 26.83 9.34
CA SER B 283 2.36 27.05 8.24
C SER B 283 2.81 26.33 6.95
N LEU B 284 4.12 26.30 6.70
CA LEU B 284 4.73 25.60 5.52
C LEU B 284 4.35 24.12 5.59
N PHE B 285 4.54 23.49 6.75
CA PHE B 285 4.12 22.09 7.05
C PHE B 285 2.61 21.95 6.81
N ARG B 286 1.81 22.85 7.41
CA ARG B 286 0.33 22.85 7.34
C ARG B 286 -0.12 22.89 5.87
N GLU B 287 0.33 23.90 5.13
CA GLU B 287 -0.10 24.18 3.74
C GLU B 287 0.42 23.09 2.80
N ALA B 288 1.63 22.57 3.04
CA ALA B 288 2.29 21.53 2.21
C ALA B 288 1.48 20.22 2.25
N VAL B 289 1.12 19.76 3.45
CA VAL B 289 0.37 18.49 3.68
C VAL B 289 -1.03 18.62 3.04
N ASN B 290 -1.70 19.75 3.28
CA ASN B 290 -3.07 20.04 2.78
C ASN B 290 -3.04 20.19 1.26
N ALA B 291 -1.93 20.70 0.70
CA ALA B 291 -1.71 20.88 -0.76
C ALA B 291 -1.59 19.52 -1.44
N PHE B 292 -0.79 18.61 -0.86
CA PHE B 292 -0.59 17.22 -1.35
C PHE B 292 -1.81 16.36 -1.02
N GLY B 293 -2.45 16.61 0.13
CA GLY B 293 -3.56 15.80 0.67
C GLY B 293 -3.06 14.72 1.60
N THR B 294 -1.80 14.30 1.43
CA THR B 294 -1.12 13.26 2.25
C THR B 294 0.30 13.72 2.58
N TYR B 295 0.97 13.00 3.48
CA TYR B 295 2.43 13.07 3.74
C TYR B 295 2.93 11.65 4.03
N SER B 296 4.25 11.44 3.95
CA SER B 296 4.90 10.11 4.09
C SER B 296 5.94 10.14 5.23
N ILE B 297 5.98 9.07 6.04
CA ILE B 297 7.02 8.82 7.07
C ILE B 297 8.10 7.93 6.45
N ARG B 298 9.35 8.39 6.45
CA ARG B 298 10.51 7.68 5.84
C ARG B 298 11.20 6.82 6.91
N TYR B 299 11.18 5.50 6.73
CA TYR B 299 11.95 4.51 7.53
C TYR B 299 13.23 4.16 6.76
N GLY B 300 14.33 4.86 7.09
CA GLY B 300 15.60 4.83 6.35
C GLY B 300 16.25 3.46 6.33
N GLN B 301 16.08 2.67 7.40
CA GLN B 301 16.72 1.34 7.58
C GLN B 301 16.35 0.42 6.41
N PHE B 302 15.08 0.44 5.97
CA PHE B 302 14.54 -0.40 4.88
C PHE B 302 14.12 0.46 3.69
N SER B 303 14.55 1.73 3.65
CA SER B 303 14.27 2.73 2.59
C SER B 303 12.78 2.68 2.20
N TYR B 304 11.90 2.62 3.21
CA TYR B 304 10.43 2.49 3.06
C TYR B 304 9.76 3.82 3.39
N ASP B 305 8.99 4.37 2.44
CA ASP B 305 8.13 5.57 2.62
C ASP B 305 6.71 5.09 2.92
N GLU B 306 6.18 5.48 4.09
CA GLU B 306 4.83 5.13 4.60
C GLU B 306 3.91 6.33 4.45
N ARG B 307 3.01 6.30 3.45
CA ARG B 307 2.04 7.38 3.16
C ARG B 307 0.93 7.36 4.23
N ILE B 308 0.73 8.48 4.92
CA ILE B 308 -0.41 8.73 5.86
C ILE B 308 -1.45 9.57 5.11
N GLU B 309 -2.66 9.04 4.95
CA GLU B 309 -3.76 9.69 4.17
C GLU B 309 -4.96 9.93 5.08
N ASN B 310 -5.87 10.81 4.67
CA ASN B 310 -7.06 11.28 5.44
C ASN B 310 -6.58 12.21 6.56
N MET B 311 -5.58 13.04 6.29
CA MET B 311 -5.02 14.04 7.23
C MET B 311 -5.66 15.41 6.98
N SER B 312 -5.99 16.14 8.05
CA SER B 312 -6.48 17.54 8.04
C SER B 312 -5.63 18.38 9.01
N ILE B 313 -4.61 19.05 8.49
CA ILE B 313 -3.66 19.87 9.31
C ILE B 313 -4.30 21.24 9.54
N VAL B 314 -4.37 21.67 10.80
CA VAL B 314 -5.08 22.91 11.26
C VAL B 314 -4.08 23.82 11.99
N ASP B 315 -4.42 25.10 12.15
CA ASP B 315 -3.62 26.11 12.89
C ASP B 315 -3.91 25.95 14.38
N SER B 316 -2.87 25.98 15.21
CA SER B 316 -2.93 25.78 16.70
C SER B 316 -3.64 26.97 17.36
N ASP B 317 -3.43 28.18 16.84
CA ASP B 317 -3.98 29.45 17.39
C ASP B 317 -5.45 29.60 16.97
N ASN B 318 -5.82 29.10 15.79
CA ASN B 318 -7.20 29.13 15.24
C ASN B 318 -8.11 28.27 16.14
N GLU B 319 -9.02 28.92 16.87
CA GLU B 319 -9.83 28.32 17.97
C GLU B 319 -10.85 27.32 17.40
N GLN B 320 -11.69 27.78 16.45
CA GLN B 320 -12.84 27.00 15.90
C GLN B 320 -12.34 25.65 15.37
N GLN B 321 -11.13 25.59 14.81
CA GLN B 321 -10.51 24.35 14.25
C GLN B 321 -10.02 23.45 15.41
N MET B 322 -9.52 24.04 16.49
CA MET B 322 -9.01 23.29 17.68
C MET B 322 -10.20 22.71 18.46
N LEU B 323 -11.28 23.48 18.61
CA LEU B 323 -12.55 23.01 19.25
C LEU B 323 -13.19 21.92 18.37
N GLU B 324 -13.12 22.06 17.04
CA GLU B 324 -13.59 21.06 16.05
C GLU B 324 -12.97 19.70 16.38
N MET B 325 -11.67 19.68 16.68
CA MET B 325 -10.89 18.46 17.02
C MET B 325 -11.44 17.84 18.32
N TYR B 326 -11.52 18.65 19.39
CA TYR B 326 -11.80 18.20 20.78
C TYR B 326 -13.27 17.79 20.94
N THR B 327 -14.16 18.20 20.03
CA THR B 327 -15.61 17.86 20.04
C THR B 327 -15.85 16.54 19.29
N HIS B 328 -15.24 16.38 18.10
CA HIS B 328 -15.54 15.29 17.14
C HIS B 328 -14.62 14.07 17.37
N SER B 329 -13.42 14.27 17.93
CA SER B 329 -12.38 13.22 18.09
C SER B 329 -12.78 12.22 19.18
N SER B 330 -12.61 10.93 18.90
CA SER B 330 -12.80 9.81 19.85
C SER B 330 -11.53 9.60 20.67
N LEU B 331 -10.36 9.86 20.08
CA LEU B 331 -9.02 9.80 20.72
C LEU B 331 -8.17 10.98 20.24
N ILE B 332 -7.56 11.72 21.17
CA ILE B 332 -6.62 12.84 20.89
C ILE B 332 -5.28 12.53 21.58
N ALA B 333 -4.17 12.70 20.84
CA ALA B 333 -2.79 12.49 21.33
C ALA B 333 -2.12 13.84 21.58
N LEU B 334 -1.69 14.08 22.82
CA LEU B 334 -0.91 15.29 23.22
C LEU B 334 0.58 15.00 23.00
N CYS B 335 1.16 15.60 21.95
CA CYS B 335 2.55 15.35 21.48
C CYS B 335 3.37 16.64 21.61
N LEU B 336 3.37 17.24 22.80
CA LEU B 336 4.04 18.53 23.11
C LEU B 336 5.12 18.32 24.17
N PRO B 337 6.25 19.07 24.12
CA PRO B 337 7.25 19.07 25.18
C PRO B 337 6.79 19.90 26.39
N GLU B 338 7.48 19.76 27.53
CA GLU B 338 7.11 20.35 28.85
C GLU B 338 6.78 21.84 28.71
N GLN B 339 7.66 22.60 28.03
CA GLN B 339 7.57 24.07 27.89
C GLN B 339 6.19 24.48 27.34
N ALA B 340 5.61 23.65 26.46
CA ALA B 340 4.37 23.94 25.71
C ALA B 340 3.13 23.65 26.56
N ILE B 341 3.24 22.82 27.59
CA ILE B 341 2.10 22.26 28.37
C ILE B 341 1.25 23.40 28.95
N GLU B 342 1.89 24.36 29.63
CA GLU B 342 1.22 25.47 30.36
C GLU B 342 0.42 26.33 29.38
N SER B 343 1.06 26.79 28.29
CA SER B 343 0.47 27.70 27.27
C SER B 343 -0.66 26.99 26.50
N GLU B 344 -0.53 25.68 26.28
CA GLU B 344 -1.47 24.87 25.44
C GLU B 344 -2.63 24.33 26.29
N SER B 345 -2.45 24.22 27.61
CA SER B 345 -3.49 23.74 28.57
C SER B 345 -4.76 24.59 28.44
N LYS B 346 -4.62 25.85 28.05
CA LYS B 346 -5.76 26.83 27.88
C LYS B 346 -6.60 26.41 26.67
N ILE B 347 -5.95 25.97 25.59
CA ILE B 347 -6.61 25.52 24.31
C ILE B 347 -7.22 24.14 24.53
N ILE B 348 -6.62 23.32 25.41
CA ILE B 348 -7.15 21.99 25.81
C ILE B 348 -8.42 22.20 26.65
N ALA B 349 -8.39 23.16 27.58
CA ALA B 349 -9.48 23.51 28.51
C ALA B 349 -10.73 23.93 27.72
N LYS B 350 -10.54 24.79 26.72
CA LYS B 350 -11.63 25.29 25.81
C LYS B 350 -12.25 24.11 25.06
N GLY B 351 -11.41 23.19 24.57
CA GLY B 351 -11.82 22.01 23.77
C GLY B 351 -12.70 21.06 24.57
N LEU B 352 -12.29 20.71 25.79
CA LEU B 352 -12.98 19.72 26.67
C LEU B 352 -14.28 20.33 27.21
N TYR B 353 -14.30 21.64 27.47
CA TYR B 353 -15.49 22.39 27.96
C TYR B 353 -16.52 22.51 26.83
N ALA B 354 -16.05 22.69 25.59
CA ALA B 354 -16.88 22.73 24.36
C ALA B 354 -17.48 21.34 24.10
N ARG B 355 -16.76 20.28 24.46
CA ARG B 355 -17.20 18.86 24.32
C ARG B 355 -18.38 18.60 25.27
N PHE B 356 -18.29 19.11 26.50
CA PHE B 356 -19.36 19.01 27.54
C PHE B 356 -20.61 19.77 27.09
N ASN B 357 -20.43 20.93 26.45
CA ASN B 357 -21.52 21.80 25.93
C ASN B 357 -22.21 21.12 24.73
N SER B 358 -21.44 20.45 23.86
CA SER B 358 -21.92 19.75 22.65
C SER B 358 -23.01 18.73 23.03
N GLU B 365 -19.96 9.92 24.39
CA GLU B 365 -18.86 8.92 24.48
C GLU B 365 -17.62 9.57 25.08
N PRO B 366 -16.96 8.94 26.08
CA PRO B 366 -15.81 9.56 26.75
C PRO B 366 -14.54 9.58 25.88
N LEU B 367 -13.79 10.69 25.94
CA LEU B 367 -12.55 10.91 25.17
C LEU B 367 -11.40 10.10 25.79
N THR B 368 -10.55 9.51 24.93
CA THR B 368 -9.28 8.84 25.31
C THR B 368 -8.12 9.80 25.02
N PHE B 369 -7.53 10.36 26.08
CA PHE B 369 -6.44 11.37 26.01
C PHE B 369 -5.09 10.67 26.26
N LEU B 370 -4.25 10.56 25.22
CA LEU B 370 -2.88 9.99 25.28
C LEU B 370 -1.88 11.13 25.48
N ILE B 371 -1.15 11.12 26.60
CA ILE B 371 -0.07 12.10 26.92
C ILE B 371 1.28 11.48 26.54
N ILE B 372 1.85 11.91 25.42
CA ILE B 372 3.22 11.52 24.96
C ILE B 372 4.18 12.66 25.33
N LEU B 373 4.95 12.47 26.39
CA LEU B 373 5.84 13.49 27.01
C LEU B 373 6.95 12.79 27.79
N ALA B 374 8.21 13.09 27.46
CA ALA B 374 9.42 12.49 28.09
C ALA B 374 9.69 13.17 29.43
N LYS B 375 8.88 12.84 30.45
CA LYS B 375 9.00 13.35 31.84
C LYS B 375 8.43 12.32 32.82
N VAL B 376 9.04 12.22 34.00
CA VAL B 376 8.60 11.36 35.13
C VAL B 376 7.33 11.98 35.73
N GLY B 377 6.19 11.28 35.65
CA GLY B 377 4.87 11.78 36.06
C GLY B 377 4.35 12.84 35.10
N ALA B 378 4.25 12.49 33.81
CA ALA B 378 3.85 13.38 32.70
C ALA B 378 2.38 13.79 32.85
N LYS B 379 1.51 12.86 33.24
CA LYS B 379 0.04 13.09 33.40
C LYS B 379 -0.18 14.20 34.43
N TYR B 380 0.46 14.11 35.61
CA TYR B 380 0.32 15.07 36.74
C TYR B 380 0.53 16.51 36.24
N LEU B 381 1.61 16.74 35.48
CA LEU B 381 1.98 18.07 34.93
C LEU B 381 0.85 18.60 34.05
N VAL B 382 0.32 17.76 33.16
CA VAL B 382 -0.79 18.12 32.22
C VAL B 382 -2.07 18.37 33.04
N MET B 383 -2.42 17.43 33.93
CA MET B 383 -3.66 17.47 34.76
C MET B 383 -3.63 18.67 35.72
N LYS B 384 -2.44 19.04 36.19
CA LYS B 384 -2.22 20.23 37.07
C LYS B 384 -2.56 21.50 36.29
N HIS B 385 -1.98 21.68 35.10
CA HIS B 385 -2.14 22.88 34.24
C HIS B 385 -3.54 22.88 33.60
N LEU B 386 -4.17 21.71 33.45
CA LEU B 386 -5.54 21.57 32.87
C LEU B 386 -6.58 22.04 33.88
N LYS B 387 -6.45 21.63 35.15
CA LYS B 387 -7.34 22.02 36.28
C LYS B 387 -7.28 23.55 36.45
N GLU B 388 -6.07 24.11 36.52
CA GLU B 388 -5.80 25.56 36.67
C GLU B 388 -6.42 26.33 35.49
N ALA B 389 -6.35 25.77 34.28
CA ALA B 389 -6.87 26.37 33.03
C ALA B 389 -8.40 26.33 33.02
N LEU B 390 -8.98 25.15 33.28
CA LEU B 390 -10.45 24.91 33.26
C LEU B 390 -11.14 25.79 34.32
N LEU B 391 -10.67 25.74 35.57
CA LEU B 391 -11.23 26.51 36.71
C LEU B 391 -11.26 28.01 36.39
N GLU B 392 -10.19 28.53 35.78
CA GLU B 392 -10.02 29.98 35.48
C GLU B 392 -11.04 30.43 34.43
N LEU B 393 -11.46 29.53 33.54
CA LEU B 393 -12.42 29.82 32.43
C LEU B 393 -13.85 29.50 32.88
N THR B 394 -14.11 28.25 33.28
CA THR B 394 -15.45 27.72 33.67
C THR B 394 -15.95 28.43 34.93
N ASN B 395 -15.07 28.62 35.91
CA ASN B 395 -15.38 29.27 37.22
C ASN B 395 -16.40 28.42 37.98
N ASP B 396 -16.24 27.10 37.94
CA ASP B 396 -17.12 26.11 38.62
C ASP B 396 -16.29 24.88 38.99
N GLU B 397 -16.21 24.56 40.28
CA GLU B 397 -15.37 23.47 40.84
C GLU B 397 -15.95 22.10 40.47
N ASP B 398 -17.27 22.02 40.26
CA ASP B 398 -18.04 20.75 40.07
C ASP B 398 -17.93 20.29 38.61
N VAL B 399 -18.12 21.20 37.65
CA VAL B 399 -18.13 20.88 36.19
C VAL B 399 -16.73 20.45 35.74
N THR B 400 -15.68 20.99 36.39
CA THR B 400 -14.25 20.71 36.06
C THR B 400 -13.88 19.29 36.51
N GLU B 401 -14.21 18.92 37.75
CA GLU B 401 -13.87 17.60 38.35
C GLU B 401 -14.69 16.49 37.67
N HIS B 402 -15.82 16.84 37.03
CA HIS B 402 -16.62 15.93 36.17
C HIS B 402 -15.83 15.63 34.89
N ILE B 403 -15.37 16.69 34.19
CA ILE B 403 -14.59 16.61 32.92
C ILE B 403 -13.29 15.83 33.17
N LEU B 404 -12.61 16.12 34.28
CA LEU B 404 -11.29 15.51 34.65
C LEU B 404 -11.44 14.00 34.89
N LYS B 405 -12.62 13.53 35.29
CA LYS B 405 -12.89 12.11 35.64
C LYS B 405 -13.84 11.46 34.63
N GLU B 406 -14.27 12.19 33.59
CA GLU B 406 -15.10 11.66 32.47
C GLU B 406 -14.17 11.03 31.43
N HIS B 407 -13.15 11.76 31.00
CA HIS B 407 -12.20 11.39 29.91
C HIS B 407 -11.06 10.54 30.50
N TYR B 408 -10.54 9.60 29.70
CA TYR B 408 -9.40 8.71 30.06
C TYR B 408 -8.07 9.41 29.73
N PHE B 409 -7.39 9.95 30.75
CA PHE B 409 -6.05 10.58 30.65
C PHE B 409 -4.99 9.49 30.91
N CYS B 410 -4.25 9.10 29.87
CA CYS B 410 -3.32 7.94 29.86
C CYS B 410 -1.87 8.42 29.71
N ASP B 411 -0.99 8.01 30.64
CA ASP B 411 0.49 8.12 30.48
C ASP B 411 0.94 7.12 29.41
N THR B 412 2.02 7.46 28.69
CA THR B 412 2.62 6.61 27.63
C THR B 412 4.14 6.57 27.79
N VAL B 413 4.77 5.53 27.25
CA VAL B 413 6.25 5.41 27.08
C VAL B 413 6.52 5.06 25.61
N VAL B 414 7.21 5.95 24.89
CA VAL B 414 7.58 5.79 23.45
C VAL B 414 9.08 5.53 23.36
N ASN B 415 9.47 4.38 22.78
CA ASN B 415 10.89 3.97 22.61
C ASN B 415 11.41 4.49 21.26
N ARG B 416 10.53 4.62 20.26
CA ARG B 416 10.89 5.03 18.86
C ARG B 416 11.60 6.39 18.88
N MET B 417 12.63 6.53 18.05
CA MET B 417 13.35 7.81 17.77
C MET B 417 12.87 8.35 16.41
N VAL B 418 12.28 9.55 16.40
CA VAL B 418 11.73 10.20 15.17
C VAL B 418 12.34 11.61 15.04
N SER B 419 12.55 12.06 13.80
CA SER B 419 13.14 13.37 13.44
C SER B 419 12.17 14.16 12.56
N LYS B 420 12.01 15.46 12.84
CA LYS B 420 11.22 16.42 12.04
C LYS B 420 12.13 17.07 10.99
N LEU B 421 11.68 17.14 9.74
CA LEU B 421 12.44 17.74 8.61
C LEU B 421 12.52 19.27 8.82
N SER B 422 13.66 19.88 8.48
CA SER B 422 13.88 21.34 8.57
C SER B 422 13.07 22.04 7.47
N ASN B 423 12.74 23.32 7.67
CA ASN B 423 11.92 24.14 6.73
C ASN B 423 12.71 24.37 5.44
N GLN B 424 14.04 24.44 5.52
CA GLN B 424 14.94 24.57 4.34
C GLN B 424 14.88 23.28 3.50
N ASN B 425 14.96 22.12 4.15
CA ASN B 425 14.94 20.79 3.49
C ASN B 425 13.55 20.52 2.90
N LEU B 426 12.49 21.01 3.55
CA LEU B 426 11.09 20.94 3.05
C LEU B 426 10.94 21.88 1.84
N TYR B 427 11.55 23.06 1.90
CA TYR B 427 11.56 24.04 0.77
C TYR B 427 12.35 23.45 -0.41
N ARG B 428 13.52 22.88 -0.14
CA ARG B 428 14.38 22.20 -1.14
C ARG B 428 13.56 21.11 -1.84
N GLN B 429 12.78 20.35 -1.06
CA GLN B 429 11.89 19.27 -1.54
C GLN B 429 10.82 19.86 -2.48
N LEU B 430 10.07 20.85 -1.98
CA LEU B 430 8.97 21.52 -2.71
C LEU B 430 9.49 22.12 -4.02
N ARG B 431 10.67 22.75 -4.00
CA ARG B 431 11.33 23.38 -5.16
C ARG B 431 11.58 22.31 -6.24
N ILE B 432 12.24 21.22 -5.87
CA ILE B 432 12.65 20.09 -6.77
C ILE B 432 11.40 19.47 -7.40
N LYS B 433 10.37 19.22 -6.59
CA LYS B 433 9.15 18.45 -7.00
C LYS B 433 8.16 19.36 -7.73
N HIS B 434 8.26 20.68 -7.57
CA HIS B 434 7.46 21.69 -8.32
C HIS B 434 7.89 21.70 -9.79
N ASN B 435 9.20 21.59 -10.05
CA ASN B 435 9.78 21.59 -11.41
C ASN B 435 9.21 20.42 -12.21
N PHE B 436 9.01 19.27 -11.56
CA PHE B 436 8.43 18.03 -12.17
C PHE B 436 6.96 18.26 -12.51
N LEU B 437 6.21 18.93 -11.62
CA LEU B 437 4.79 19.28 -11.81
C LEU B 437 4.63 20.21 -13.02
N GLU B 438 5.47 21.26 -13.09
CA GLU B 438 5.50 22.23 -14.22
C GLU B 438 5.68 21.49 -15.55
N GLN B 439 6.64 20.55 -15.61
CA GLN B 439 7.00 19.78 -16.82
C GLN B 439 5.88 18.80 -17.17
N HIS B 440 5.24 18.19 -16.14
CA HIS B 440 4.11 17.24 -16.29
C HIS B 440 2.91 17.94 -16.93
N LEU B 441 2.66 19.21 -16.57
CA LEU B 441 1.50 20.02 -17.04
C LEU B 441 1.70 20.43 -18.51
N GLU B 442 2.92 20.34 -19.04
CA GLU B 442 3.23 20.57 -20.49
C GLU B 442 3.02 19.27 -21.27
N ASP B 443 3.38 18.12 -20.69
CA ASP B 443 3.34 16.79 -21.33
C ASP B 443 1.88 16.37 -21.59
N VAL B 444 0.96 16.76 -20.71
CA VAL B 444 -0.51 16.41 -20.81
C VAL B 444 -1.12 17.11 -22.03
N GLU B 445 -0.60 18.29 -22.41
CA GLU B 445 -1.02 19.08 -23.59
C GLU B 445 -2.50 19.46 -23.44
N ILE B 450 -12.40 14.65 -24.98
CA ILE B 450 -12.32 13.25 -25.49
C ILE B 450 -13.70 12.82 -25.99
N GLU B 451 -13.74 11.77 -26.81
CA GLU B 451 -14.98 11.19 -27.40
C GLU B 451 -15.03 9.69 -27.12
N ILE B 452 -16.01 9.24 -26.33
CA ILE B 452 -16.25 7.79 -26.04
C ILE B 452 -16.94 7.17 -27.26
N GLU B 453 -16.13 6.74 -28.24
CA GLU B 453 -16.61 6.21 -29.54
C GLU B 453 -17.14 4.78 -29.37
N ASP B 454 -17.84 4.27 -30.38
CA ASP B 454 -18.40 2.89 -30.47
C ASP B 454 -19.64 2.77 -29.57
N CYS B 455 -20.72 2.21 -30.12
CA CYS B 455 -22.00 1.92 -29.40
C CYS B 455 -21.84 0.63 -28.58
N ASN B 456 -21.01 0.68 -27.54
CA ASN B 456 -20.56 -0.50 -26.74
C ASN B 456 -21.60 -0.78 -25.65
N LYS B 457 -22.76 -1.32 -26.04
CA LYS B 457 -23.87 -1.78 -25.16
C LYS B 457 -24.48 -0.59 -24.39
N LEU B 458 -24.37 0.63 -24.94
CA LEU B 458 -24.86 1.89 -24.33
C LEU B 458 -25.63 2.71 -25.37
N THR B 459 -26.52 3.59 -24.91
CA THR B 459 -27.32 4.52 -25.77
C THR B 459 -26.46 5.73 -26.14
N PRO B 460 -26.80 6.45 -27.23
CA PRO B 460 -26.04 7.65 -27.63
C PRO B 460 -25.97 8.72 -26.53
N ASP B 461 -27.03 8.89 -25.75
CA ASP B 461 -27.14 9.87 -24.65
C ASP B 461 -26.19 9.50 -23.50
N GLN B 462 -26.11 8.20 -23.17
CA GLN B 462 -25.21 7.65 -22.12
C GLN B 462 -23.75 7.89 -22.53
N LEU B 463 -23.41 7.60 -23.79
CA LEU B 463 -22.05 7.77 -24.38
C LEU B 463 -21.66 9.26 -24.36
N ASN B 464 -22.61 10.13 -24.70
CA ASN B 464 -22.42 11.61 -24.72
C ASN B 464 -22.17 12.10 -23.29
N GLN B 465 -22.94 11.59 -22.32
CA GLN B 465 -22.83 11.95 -20.88
C GLN B 465 -21.53 11.38 -20.30
N ALA B 466 -21.20 10.13 -20.64
CA ALA B 466 -19.96 9.42 -20.22
C ALA B 466 -18.74 10.24 -20.63
N SER B 467 -18.73 10.76 -21.86
CA SER B 467 -17.64 11.58 -22.44
C SER B 467 -17.38 12.81 -21.57
N ILE B 468 -18.45 13.47 -21.09
CA ILE B 468 -18.39 14.72 -20.28
C ILE B 468 -17.82 14.40 -18.89
N TYR B 469 -18.23 13.28 -18.29
CA TYR B 469 -17.73 12.80 -16.97
C TYR B 469 -16.21 12.57 -17.07
N VAL B 470 -15.79 11.75 -18.03
CA VAL B 470 -14.37 11.31 -18.23
C VAL B 470 -13.50 12.53 -18.58
N ASP B 471 -14.06 13.48 -19.34
CA ASP B 471 -13.33 14.71 -19.80
C ASP B 471 -12.90 15.53 -18.59
N ASN B 472 -13.84 15.89 -17.72
CA ASN B 472 -13.60 16.76 -16.53
C ASN B 472 -12.92 15.96 -15.42
N MET B 473 -13.08 14.63 -15.41
CA MET B 473 -12.39 13.73 -14.45
C MET B 473 -10.89 13.69 -14.79
N ARG B 474 -10.54 13.49 -16.07
CA ARG B 474 -9.15 13.55 -16.58
C ARG B 474 -8.57 14.93 -16.26
N ARG B 475 -9.27 16.00 -16.66
CA ARG B 475 -8.88 17.42 -16.49
C ARG B 475 -8.50 17.69 -15.02
N ASN B 476 -9.20 17.07 -14.07
CA ASN B 476 -9.04 17.30 -12.60
C ASN B 476 -7.96 16.37 -12.02
N PHE B 477 -7.95 15.10 -12.43
CA PHE B 477 -7.08 14.03 -11.84
C PHE B 477 -5.71 14.02 -12.53
N GLN B 478 -5.64 14.35 -13.82
CA GLN B 478 -4.41 14.19 -14.65
C GLN B 478 -3.24 14.93 -14.01
N PRO B 479 -3.40 16.19 -13.53
CA PRO B 479 -2.32 16.89 -12.83
C PRO B 479 -1.81 16.16 -11.59
N GLY B 480 -2.68 15.37 -10.92
CA GLY B 480 -2.36 14.63 -9.68
C GLY B 480 -2.05 13.16 -9.94
N HIS B 481 -1.71 12.79 -11.19
CA HIS B 481 -1.24 11.42 -11.56
C HIS B 481 0.19 11.21 -11.03
N ILE B 482 0.96 12.29 -10.92
CA ILE B 482 2.40 12.28 -10.51
C ILE B 482 2.52 11.86 -9.04
N LEU B 483 1.44 11.96 -8.26
CA LEU B 483 1.42 11.65 -6.80
C LEU B 483 1.54 10.14 -6.56
N GLN B 484 1.38 9.30 -7.60
CA GLN B 484 1.58 7.83 -7.53
C GLN B 484 3.02 7.54 -7.07
N SER B 485 4.00 8.25 -7.64
CA SER B 485 5.45 8.16 -7.33
C SER B 485 5.86 9.25 -6.34
N MET B 486 5.36 10.48 -6.53
CA MET B 486 5.74 11.69 -5.76
C MET B 486 5.08 11.64 -4.36
N ASP B 487 5.89 11.58 -3.30
CA ASP B 487 5.47 11.62 -1.89
C ASP B 487 6.04 12.87 -1.22
N LEU B 488 5.38 13.38 -0.16
CA LEU B 488 5.85 14.52 0.66
C LEU B 488 6.50 13.97 1.94
N ILE B 489 7.82 13.87 1.96
CA ILE B 489 8.63 13.33 3.10
C ILE B 489 8.77 14.44 4.15
N LEU B 490 8.33 14.20 5.38
CA LEU B 490 8.34 15.19 6.50
C LEU B 490 9.05 14.62 7.74
N PHE B 491 9.21 13.30 7.86
CA PHE B 491 9.73 12.64 9.08
C PHE B 491 10.71 11.51 8.72
N HIS B 492 11.79 11.40 9.50
CA HIS B 492 12.75 10.26 9.51
C HIS B 492 12.58 9.50 10.82
N SER B 493 11.91 8.34 10.77
CA SER B 493 11.52 7.50 11.94
C SER B 493 12.23 6.16 11.88
N GLU B 494 12.60 5.59 13.04
CA GLU B 494 13.10 4.21 13.17
C GLU B 494 11.89 3.26 13.16
N THR B 495 12.12 1.95 13.12
CA THR B 495 11.10 0.91 12.82
C THR B 495 10.55 0.30 14.12
N ASP B 496 10.44 1.09 15.19
CA ASP B 496 9.95 0.62 16.53
C ASP B 496 8.44 0.86 16.60
N MET B 497 7.65 -0.21 16.69
CA MET B 497 6.17 -0.20 16.56
C MET B 497 5.48 0.06 17.90
N PRO B 498 5.70 -0.78 18.95
CA PRO B 498 4.78 -0.82 20.09
C PRO B 498 4.90 0.39 21.03
N ILE B 499 3.77 1.10 21.24
CA ILE B 499 3.62 2.17 22.27
C ILE B 499 3.05 1.53 23.54
N TYR B 500 3.58 1.92 24.71
CA TYR B 500 3.21 1.39 26.04
C TYR B 500 2.36 2.44 26.78
N VAL B 501 1.08 2.11 27.04
CA VAL B 501 0.05 3.05 27.58
C VAL B 501 -0.53 2.48 28.87
N GLU B 502 -1.02 3.35 29.76
CA GLU B 502 -1.74 2.98 31.01
C GLU B 502 -3.03 2.24 30.66
N LYS B 503 -3.45 1.29 31.52
CA LYS B 503 -4.75 0.59 31.42
C LYS B 503 -5.85 1.52 31.93
N GLY B 504 -7.06 1.38 31.37
CA GLY B 504 -8.24 2.19 31.74
C GLY B 504 -9.23 2.30 30.58
N SER B 505 -8.84 3.00 29.51
CA SER B 505 -9.66 3.26 28.31
C SER B 505 -9.98 1.94 27.60
N PRO B 506 -11.27 1.54 27.47
CA PRO B 506 -11.63 0.34 26.72
C PRO B 506 -11.24 0.38 25.24
N LEU B 507 -11.15 1.58 24.65
CA LEU B 507 -10.76 1.80 23.23
C LEU B 507 -9.35 1.24 22.99
N LEU B 508 -8.43 1.45 23.94
CA LEU B 508 -6.99 1.08 23.83
C LEU B 508 -6.83 -0.45 23.84
N GLU B 509 -7.81 -1.18 24.37
CA GLU B 509 -7.84 -2.67 24.43
C GLU B 509 -7.75 -3.25 23.01
N LYS B 510 -8.35 -2.56 22.03
CA LYS B 510 -8.57 -3.08 20.65
C LYS B 510 -7.60 -2.43 19.63
N LEU B 511 -6.88 -1.38 20.02
CA LEU B 511 -5.85 -0.74 19.15
C LEU B 511 -4.65 -1.68 19.00
N ARG B 512 -4.26 -1.96 17.75
CA ARG B 512 -3.26 -3.00 17.37
C ARG B 512 -1.87 -2.64 17.88
N GLN B 513 -1.45 -1.39 17.70
CA GLN B 513 -0.05 -0.94 17.92
C GLN B 513 0.15 -0.51 19.38
N VAL B 514 -0.93 -0.52 20.19
CA VAL B 514 -0.89 -0.19 21.65
C VAL B 514 -0.66 -1.49 22.44
N VAL B 515 0.27 -1.45 23.39
CA VAL B 515 0.54 -2.54 24.39
C VAL B 515 0.29 -1.97 25.78
N LEU B 516 -0.81 -2.38 26.42
CA LEU B 516 -1.22 -1.89 27.77
C LEU B 516 -0.29 -2.47 28.83
N VAL B 517 0.12 -1.63 29.80
CA VAL B 517 1.02 -2.01 30.93
C VAL B 517 0.39 -1.51 32.23
N ASP B 518 0.88 -2.00 33.38
CA ASP B 518 0.34 -1.72 34.73
C ASP B 518 1.06 -0.51 35.33
N GLN B 519 2.30 -0.70 35.81
CA GLN B 519 3.10 0.34 36.52
C GLN B 519 3.98 1.07 35.49
N ILE B 520 3.42 2.10 34.86
CA ILE B 520 4.08 2.93 33.80
C ILE B 520 5.19 3.77 34.44
N THR B 521 4.95 4.27 35.66
CA THR B 521 5.85 5.21 36.41
C THR B 521 7.27 4.63 36.47
N ASP B 522 7.40 3.34 36.81
CA ASP B 522 8.70 2.63 36.91
C ASP B 522 9.42 2.65 35.55
N ILE B 523 8.67 2.45 34.46
CA ILE B 523 9.22 2.39 33.07
C ILE B 523 9.61 3.81 32.63
N GLN B 524 8.76 4.80 32.93
CA GLN B 524 9.01 6.24 32.62
C GLN B 524 10.33 6.70 33.25
N LEU B 525 10.61 6.27 34.48
CA LEU B 525 11.84 6.63 35.24
C LEU B 525 13.08 6.03 34.56
N ILE B 526 13.03 4.73 34.25
CA ILE B 526 14.13 4.00 33.56
C ILE B 526 14.33 4.60 32.16
N LYS B 527 13.23 4.86 31.44
CA LYS B 527 13.21 5.54 30.13
C LYS B 527 13.94 6.88 30.23
N ASN B 528 13.65 7.66 31.29
CA ASN B 528 14.24 9.01 31.53
C ASN B 528 15.74 8.88 31.81
N ARG B 529 16.13 8.02 32.76
CA ARG B 529 17.51 7.90 33.28
C ARG B 529 18.39 7.16 32.26
N LEU B 530 18.03 5.92 31.91
CA LEU B 530 18.88 4.98 31.13
C LEU B 530 18.84 5.33 29.64
N TRP B 531 17.66 5.66 29.11
CA TRP B 531 17.44 5.94 27.66
C TRP B 531 17.69 7.43 27.37
N ASN B 532 16.78 8.32 27.79
CA ASN B 532 16.77 9.77 27.46
C ASN B 532 18.04 10.45 27.99
N GLY B 533 18.52 10.03 29.17
CA GLY B 533 19.68 10.64 29.85
C GLY B 533 20.98 10.42 29.11
N VAL B 534 21.27 9.17 28.74
CA VAL B 534 22.51 8.77 28.00
C VAL B 534 22.44 9.37 26.59
N HIS B 535 21.25 9.39 25.98
CA HIS B 535 20.99 9.91 24.61
C HIS B 535 21.39 11.39 24.52
N ALA B 536 21.06 12.17 25.56
CA ALA B 536 21.34 13.63 25.65
C ALA B 536 22.85 13.85 25.87
N MET B 537 23.47 13.06 26.75
CA MET B 537 24.88 13.25 27.20
C MET B 537 25.86 12.85 26.10
N LEU B 538 25.55 11.83 25.30
CA LEU B 538 26.39 11.41 24.14
C LEU B 538 26.17 12.38 22.98
N ALA B 539 24.96 12.96 22.86
CA ALA B 539 24.59 13.96 21.83
C ALA B 539 25.35 15.27 22.09
N TRP B 540 25.60 15.62 23.36
CA TRP B 540 26.42 16.79 23.76
C TRP B 540 27.89 16.52 23.41
N TYR B 541 28.39 15.32 23.73
CA TYR B 541 29.79 14.88 23.46
C TYR B 541 30.03 14.83 21.94
N ALA B 542 29.06 14.29 21.19
CA ALA B 542 29.09 14.17 19.72
C ALA B 542 29.11 15.56 19.07
N SER B 543 28.20 16.44 19.50
CA SER B 543 28.03 17.84 18.99
C SER B 543 29.35 18.62 19.15
N LEU B 544 29.99 18.53 20.32
CA LEU B 544 31.23 19.26 20.67
C LEU B 544 32.42 18.69 19.87
N MET B 545 32.31 17.47 19.36
CA MET B 545 33.37 16.80 18.54
C MET B 545 33.14 17.05 17.05
N GLY B 546 32.01 17.66 16.69
CA GLY B 546 31.72 18.14 15.31
C GLY B 546 30.80 17.21 14.54
N TYR B 547 30.19 16.22 15.20
CA TYR B 547 29.20 15.28 14.62
C TYR B 547 27.81 15.94 14.68
N GLU B 548 27.11 15.97 13.53
CA GLU B 548 25.73 16.50 13.38
C GLU B 548 24.71 15.36 13.35
N SER B 549 25.18 14.11 13.25
CA SER B 549 24.36 12.87 13.18
C SER B 549 24.70 11.94 14.36
N ILE B 550 23.68 11.39 15.02
CA ILE B 550 23.81 10.40 16.12
C ILE B 550 24.41 9.11 15.53
N GLY B 551 23.83 8.62 14.44
CA GLY B 551 24.25 7.39 13.73
C GLY B 551 25.74 7.41 13.42
N VAL B 552 26.22 8.48 12.79
CA VAL B 552 27.64 8.67 12.37
C VAL B 552 28.52 8.78 13.61
N ALA B 553 28.07 9.53 14.63
CA ALA B 553 28.81 9.79 15.89
C ALA B 553 29.12 8.47 16.61
N MET B 554 28.20 7.51 16.56
CA MET B 554 28.33 6.18 17.21
C MET B 554 29.37 5.32 16.48
N GLY B 555 29.80 5.75 15.28
CA GLY B 555 30.92 5.16 14.53
C GLY B 555 32.27 5.51 15.14
N ASP B 556 32.30 6.50 16.03
CA ASP B 556 33.51 6.95 16.79
C ASP B 556 33.64 6.08 18.05
N HIS B 557 34.81 5.48 18.25
CA HIS B 557 35.12 4.55 19.38
C HIS B 557 34.97 5.28 20.72
N LEU B 558 35.39 6.55 20.78
CA LEU B 558 35.32 7.40 22.00
C LEU B 558 33.86 7.67 22.36
N VAL B 559 33.01 7.98 21.36
CA VAL B 559 31.59 8.36 21.53
C VAL B 559 30.79 7.15 22.04
N LYS B 560 31.04 5.96 21.47
CA LYS B 560 30.34 4.71 21.83
C LYS B 560 30.79 4.25 23.23
N ALA B 561 32.10 4.31 23.49
CA ALA B 561 32.73 3.95 24.79
C ALA B 561 32.11 4.79 25.92
N PHE B 562 31.90 6.09 25.66
CA PHE B 562 31.30 7.06 26.62
C PHE B 562 29.87 6.64 26.95
N ALA B 563 29.07 6.33 25.92
CA ALA B 563 27.66 5.86 26.03
C ALA B 563 27.62 4.55 26.83
N GLU B 564 28.53 3.62 26.56
CA GLU B 564 28.64 2.31 27.27
C GLU B 564 29.01 2.56 28.73
N ASN B 565 29.95 3.45 29.00
CA ASN B 565 30.45 3.79 30.35
C ASN B 565 29.33 4.48 31.16
N LEU B 566 28.59 5.40 30.53
CA LEU B 566 27.42 6.09 31.15
C LEU B 566 26.36 5.06 31.55
N ILE B 567 25.96 4.22 30.59
CA ILE B 567 24.95 3.13 30.76
C ILE B 567 25.30 2.31 32.01
N ALA B 568 26.57 1.92 32.16
CA ALA B 568 27.08 1.10 33.27
C ALA B 568 26.82 1.80 34.62
N GLU B 569 27.10 3.10 34.69
CA GLU B 569 26.97 3.92 35.94
C GLU B 569 25.48 4.14 36.28
N VAL B 570 24.62 4.29 35.27
CA VAL B 570 23.16 4.54 35.44
C VAL B 570 22.49 3.26 35.96
N LYS B 571 22.72 2.13 35.28
CA LYS B 571 22.11 0.81 35.61
C LYS B 571 22.48 0.41 37.05
N GLN B 572 23.72 0.67 37.47
CA GLN B 572 24.24 0.36 38.83
C GLN B 572 23.41 1.10 39.88
N GLY B 573 22.94 2.31 39.54
CA GLY B 573 22.08 3.15 40.40
C GLY B 573 20.64 2.67 40.39
N LEU B 574 20.09 2.39 39.20
CA LEU B 574 18.69 1.93 39.01
C LEU B 574 18.49 0.53 39.61
N ALA B 575 19.56 -0.27 39.66
CA ALA B 575 19.56 -1.65 40.22
C ALA B 575 19.29 -1.60 41.73
N ILE B 576 19.59 -0.47 42.39
CA ILE B 576 19.37 -0.24 43.85
C ILE B 576 17.98 0.39 44.05
N VAL B 577 17.63 1.39 43.24
CA VAL B 577 16.34 2.14 43.32
C VAL B 577 15.20 1.23 42.87
N LEU B 578 15.42 0.43 41.81
CA LEU B 578 14.45 -0.54 41.26
C LEU B 578 15.11 -1.91 41.13
N PRO B 579 15.28 -2.66 42.24
CA PRO B 579 15.85 -4.02 42.18
C PRO B 579 14.96 -5.00 41.41
N ASN B 580 13.65 -4.73 41.38
CA ASN B 580 12.61 -5.55 40.70
C ASN B 580 12.76 -5.45 39.17
N TYR B 581 13.38 -4.38 38.67
CA TYR B 581 13.59 -4.12 37.22
C TYR B 581 15.04 -4.37 36.81
N ALA B 582 15.94 -4.63 37.77
CA ALA B 582 17.39 -4.84 37.57
C ALA B 582 17.63 -5.89 36.48
N LYS B 583 16.80 -6.94 36.45
CA LYS B 583 16.87 -8.08 35.49
C LYS B 583 16.77 -7.59 34.03
N ASP B 584 16.03 -6.51 33.78
CA ASP B 584 15.61 -6.07 32.41
C ASP B 584 16.48 -4.93 31.88
N LEU B 585 17.33 -4.32 32.72
CA LEU B 585 18.10 -3.09 32.39
C LEU B 585 19.08 -3.38 31.23
N ASP B 586 19.75 -4.53 31.25
CA ASP B 586 20.77 -4.94 30.24
C ASP B 586 20.12 -5.00 28.85
N ARG B 587 18.88 -5.49 28.77
CA ARG B 587 18.10 -5.61 27.51
C ARG B 587 17.71 -4.20 27.02
N MET B 588 17.21 -3.35 27.93
CA MET B 588 16.73 -1.97 27.63
C MET B 588 17.91 -1.11 27.15
N SER B 589 19.07 -1.22 27.81
CA SER B 589 20.31 -0.48 27.49
C SER B 589 20.84 -0.90 26.11
N GLN B 590 20.81 -2.21 25.83
CA GLN B 590 21.28 -2.80 24.54
C GLN B 590 20.35 -2.38 23.41
N SER B 591 19.04 -2.32 23.66
CA SER B 591 17.98 -1.88 22.72
C SER B 591 18.20 -0.40 22.35
N PHE B 592 18.65 0.41 23.31
CA PHE B 592 18.93 1.86 23.14
C PHE B 592 20.13 2.05 22.21
N LEU B 593 21.24 1.34 22.48
CA LEU B 593 22.49 1.42 21.69
C LEU B 593 22.22 1.01 20.23
N ASP B 594 21.37 0.01 20.02
CA ASP B 594 20.94 -0.48 18.68
C ASP B 594 20.25 0.66 17.93
N SER B 595 19.26 1.30 18.58
CA SER B 595 18.46 2.42 18.03
C SER B 595 19.36 3.60 17.66
N CYS B 596 20.40 3.86 18.47
CA CYS B 596 21.42 4.92 18.25
C CYS B 596 22.39 4.49 17.15
N GLU B 597 22.78 3.21 17.13
CA GLU B 597 23.83 2.63 16.26
C GLU B 597 23.62 3.09 14.80
N TYR B 598 22.38 3.04 14.31
CA TYR B 598 22.02 3.33 12.89
C TYR B 598 20.91 4.39 12.84
N ALA B 599 21.07 5.46 13.63
CA ALA B 599 20.21 6.67 13.63
C ALA B 599 20.89 7.76 12.80
N PHE B 600 21.12 7.49 11.52
CA PHE B 600 21.95 8.31 10.59
C PHE B 600 21.24 9.64 10.29
N LYS B 601 19.93 9.61 10.07
CA LYS B 601 19.11 10.80 9.69
C LYS B 601 18.61 11.53 10.95
N ASP B 602 18.94 11.03 12.14
CA ASP B 602 18.56 11.64 13.45
C ASP B 602 19.63 12.64 13.87
N PRO B 603 19.34 13.97 13.84
CA PRO B 603 20.36 14.98 14.13
C PRO B 603 20.61 15.16 15.64
N CYS B 604 21.89 15.34 16.02
CA CYS B 604 22.37 15.52 17.42
C CYS B 604 21.63 16.69 18.07
N GLN B 605 21.41 17.78 17.32
CA GLN B 605 20.73 19.03 17.77
C GLN B 605 19.40 18.68 18.46
N ARG B 606 18.58 17.83 17.83
CA ARG B 606 17.23 17.42 18.32
C ARG B 606 17.34 16.80 19.72
N VAL B 607 18.37 15.99 19.97
CA VAL B 607 18.56 15.21 21.24
C VAL B 607 19.20 16.13 22.30
N ALA B 608 20.05 17.06 21.88
CA ALA B 608 20.83 17.98 22.75
C ALA B 608 19.99 19.19 23.15
N ARG B 609 18.78 19.33 22.57
CA ARG B 609 17.78 20.40 22.90
C ARG B 609 17.73 20.67 24.40
N ASP B 610 17.65 21.95 24.78
CA ASP B 610 17.30 22.42 26.15
C ASP B 610 18.17 21.73 27.20
N PRO B 611 19.52 21.93 27.16
CA PRO B 611 20.42 21.33 28.15
C PRO B 611 20.05 21.63 29.62
N LEU B 612 19.76 22.91 29.93
CA LEU B 612 19.48 23.38 31.32
C LEU B 612 18.26 22.65 31.89
N ARG B 613 17.18 22.51 31.11
CA ARG B 613 15.95 21.78 31.53
C ARG B 613 16.32 20.33 31.86
N LYS B 614 17.17 19.71 31.03
CA LYS B 614 17.60 18.30 31.15
C LYS B 614 18.70 18.17 32.21
N LEU B 615 19.33 19.28 32.60
CA LEU B 615 20.35 19.34 33.69
C LEU B 615 19.71 19.77 35.01
N ASN B 616 18.38 19.83 35.08
CA ASN B 616 17.62 20.10 36.34
C ASN B 616 17.92 19.00 37.36
N HIS B 617 17.67 19.26 38.65
CA HIS B 617 18.02 18.38 39.79
C HIS B 617 17.22 17.07 39.70
N ASN B 618 15.97 17.14 39.25
CA ASN B 618 15.02 16.00 39.16
C ASN B 618 14.85 15.60 37.70
N GLU B 619 15.96 15.38 36.98
CA GLU B 619 15.96 15.10 35.51
C GLU B 619 17.06 14.09 35.16
N ARG B 620 17.13 13.73 33.88
CA ARG B 620 17.81 12.53 33.31
C ARG B 620 19.31 12.47 33.62
N VAL B 621 19.93 13.57 34.08
CA VAL B 621 21.40 13.64 34.33
C VAL B 621 21.67 13.71 35.84
N MET B 622 21.23 14.78 36.51
CA MET B 622 21.58 15.09 37.93
C MET B 622 20.96 14.06 38.87
N ALA B 623 19.79 13.51 38.53
CA ALA B 623 19.06 12.49 39.33
C ALA B 623 19.92 11.22 39.47
N SER B 624 20.55 10.78 38.36
CA SER B 624 21.46 9.61 38.30
C SER B 624 22.71 9.86 39.16
N ILE B 625 23.32 11.05 39.01
CA ILE B 625 24.53 11.48 39.76
C ILE B 625 24.26 11.41 41.26
N ALA B 626 23.11 11.94 41.70
CA ALA B 626 22.67 11.97 43.12
C ALA B 626 22.61 10.55 43.68
N VAL B 627 21.91 9.65 42.98
CA VAL B 627 21.71 8.22 43.38
C VAL B 627 23.08 7.57 43.63
N ASN B 628 24.02 7.76 42.71
CA ASN B 628 25.36 7.10 42.72
C ASN B 628 26.19 7.62 43.90
N ILE B 629 26.08 8.91 44.24
CA ILE B 629 26.80 9.54 45.39
C ILE B 629 26.28 8.93 46.70
N ARG B 630 24.96 8.84 46.85
CA ARG B 630 24.28 8.30 48.06
C ARG B 630 24.75 6.86 48.33
N HIS B 631 24.86 6.04 47.29
CA HIS B 631 25.15 4.59 47.36
C HIS B 631 26.62 4.30 47.01
N ASP B 632 27.48 5.32 47.09
CA ASP B 632 28.97 5.20 46.91
C ASP B 632 29.29 4.43 45.62
N LEU B 633 28.59 4.75 44.52
CA LEU B 633 28.83 4.18 43.17
C LEU B 633 29.68 5.16 42.36
N PRO B 634 30.37 4.70 41.29
CA PRO B 634 31.10 5.61 40.42
C PRO B 634 30.15 6.48 39.57
N TYR B 635 30.44 7.78 39.49
CA TYR B 635 29.67 8.79 38.70
C TYR B 635 30.64 9.65 37.89
N LYS B 636 31.81 9.09 37.55
CA LYS B 636 32.93 9.79 36.86
C LYS B 636 32.46 10.26 35.48
N ASN B 637 31.85 9.36 34.70
CA ASN B 637 31.37 9.62 33.31
C ASN B 637 30.12 10.49 33.36
N LEU B 638 29.22 10.23 34.31
CA LEU B 638 27.96 11.01 34.52
C LEU B 638 28.31 12.47 34.82
N LEU B 639 29.39 12.72 35.57
CA LEU B 639 29.90 14.06 35.91
C LEU B 639 30.40 14.76 34.64
N LYS B 640 31.09 14.02 33.77
CA LYS B 640 31.64 14.53 32.49
C LYS B 640 30.48 14.95 31.57
N GLY B 641 29.45 14.10 31.46
CA GLY B 641 28.25 14.36 30.63
C GLY B 641 27.53 15.62 31.07
N ALA B 642 27.41 15.85 32.37
CA ALA B 642 26.79 17.06 32.98
C ALA B 642 27.58 18.30 32.54
N ALA B 643 28.91 18.25 32.61
CA ALA B 643 29.84 19.34 32.22
C ALA B 643 29.73 19.60 30.72
N LEU B 644 29.63 18.55 29.90
CA LEU B 644 29.48 18.62 28.43
C LEU B 644 28.12 19.25 28.08
N GLY B 645 27.12 19.06 28.94
CA GLY B 645 25.78 19.66 28.80
C GLY B 645 25.82 21.17 28.98
N TYR B 646 26.51 21.65 30.02
CA TYR B 646 26.72 23.09 30.30
C TYR B 646 27.67 23.68 29.26
N ALA B 647 28.67 22.90 28.83
CA ALA B 647 29.65 23.27 27.78
C ALA B 647 28.95 23.46 26.44
N TYR B 648 27.96 22.62 26.13
CA TYR B 648 27.14 22.67 24.89
C TYR B 648 26.26 23.92 24.93
N ALA B 649 25.62 24.18 26.07
CA ALA B 649 24.67 25.30 26.30
C ALA B 649 25.38 26.64 26.10
N ILE B 650 26.62 26.76 26.58
CA ILE B 650 27.45 28.01 26.51
C ILE B 650 27.97 28.19 25.08
N GLN B 651 28.40 27.10 24.43
CA GLN B 651 29.13 27.14 23.14
C GLN B 651 28.13 27.20 21.96
N PHE B 652 27.19 26.26 21.89
CA PHE B 652 26.27 26.04 20.73
C PHE B 652 25.02 26.92 20.84
N LEU B 653 24.51 27.14 22.05
CA LEU B 653 23.23 27.86 22.31
C LEU B 653 23.51 29.31 22.75
N GLU B 654 24.71 29.60 23.24
CA GLU B 654 25.18 30.97 23.62
C GLU B 654 24.27 31.53 24.73
N ILE B 655 24.32 30.95 25.93
CA ILE B 655 23.39 31.24 27.06
C ILE B 655 24.10 32.05 28.17
N GLU B 656 25.42 32.25 28.05
CA GLU B 656 26.28 32.96 29.04
C GLU B 656 26.86 31.95 30.05
N GLU B 657 28.12 32.12 30.43
CA GLU B 657 28.83 31.25 31.41
C GLU B 657 28.36 31.57 32.84
N THR B 658 27.91 32.80 33.08
CA THR B 658 27.44 33.28 34.41
C THR B 658 26.11 32.61 34.76
N LYS B 659 25.17 32.53 33.79
CA LYS B 659 23.83 31.92 33.98
C LYS B 659 23.97 30.40 34.17
N ALA B 660 24.92 29.79 33.45
CA ALA B 660 25.24 28.34 33.51
C ALA B 660 25.55 27.91 34.95
N VAL B 661 26.35 28.72 35.65
CA VAL B 661 26.79 28.46 37.06
C VAL B 661 25.61 28.71 38.02
N GLU B 662 24.83 29.77 37.79
CA GLU B 662 23.65 30.15 38.61
C GLU B 662 22.59 29.04 38.53
N HIS B 663 22.54 28.32 37.39
CA HIS B 663 21.69 27.11 37.18
C HIS B 663 22.35 25.91 37.87
N LEU B 664 23.65 25.70 37.63
CA LEU B 664 24.48 24.62 38.23
C LEU B 664 24.34 24.65 39.76
N GLN B 665 24.58 25.81 40.37
CA GLN B 665 24.56 26.03 41.84
C GLN B 665 23.14 25.77 42.38
N GLN B 666 22.12 26.36 41.74
CA GLN B 666 20.69 26.27 42.16
C GLN B 666 20.24 24.80 42.17
N GLN B 667 20.50 24.08 41.09
CA GLN B 667 20.02 22.68 40.89
C GLN B 667 20.78 21.73 41.84
N ILE B 668 22.08 21.96 42.05
CA ILE B 668 22.92 21.16 43.00
C ILE B 668 22.43 21.41 44.43
N GLN B 669 21.90 22.60 44.72
CA GLN B 669 21.35 22.99 46.04
C GLN B 669 20.03 22.28 46.30
N ASN B 670 19.30 21.91 45.23
CA ASN B 670 17.97 21.25 45.29
C ASN B 670 18.13 19.73 45.43
N LEU B 671 19.31 19.17 45.11
CA LEU B 671 19.60 17.72 45.18
C LEU B 671 19.54 17.25 46.64
N ASP B 672 18.97 16.07 46.88
CA ASP B 672 18.85 15.43 48.22
C ASP B 672 20.21 14.82 48.59
N LEU B 673 21.18 15.69 48.90
CA LEU B 673 22.55 15.32 49.34
C LEU B 673 22.92 16.15 50.58
N SER B 674 23.94 15.75 51.32
CA SER B 674 24.53 16.52 52.44
C SER B 674 25.34 17.71 51.86
N THR B 675 25.46 18.79 52.63
CA THR B 675 26.19 20.03 52.24
C THR B 675 27.61 19.68 51.80
N ALA B 676 28.22 18.66 52.44
CA ALA B 676 29.55 18.11 52.10
C ALA B 676 29.56 17.61 50.65
N GLN B 677 28.60 16.75 50.29
CA GLN B 677 28.46 16.12 48.95
C GLN B 677 28.18 17.20 47.90
N ARG B 678 27.38 18.22 48.25
CA ARG B 678 27.03 19.36 47.36
C ARG B 678 28.31 20.14 47.01
N ARG B 679 29.04 20.59 48.03
CA ARG B 679 30.32 21.34 47.91
C ARG B 679 31.27 20.60 46.95
N GLN B 680 31.50 19.31 47.22
CA GLN B 680 32.43 18.44 46.43
C GLN B 680 31.94 18.36 44.98
N LEU B 681 30.66 18.05 44.77
CA LEU B 681 30.03 17.88 43.43
C LEU B 681 30.20 19.17 42.62
N GLU B 682 29.78 20.31 43.18
CA GLU B 682 29.86 21.65 42.52
C GLU B 682 31.31 21.95 42.15
N ALA B 683 32.25 21.73 43.08
CA ALA B 683 33.70 21.97 42.92
C ALA B 683 34.28 21.03 41.86
N GLU B 684 33.88 19.75 41.87
CA GLU B 684 34.30 18.72 40.89
C GLU B 684 33.74 19.06 39.50
N LEU B 685 32.50 19.54 39.43
CA LEU B 685 31.77 19.84 38.17
C LEU B 685 32.31 21.12 37.54
N VAL B 686 32.39 22.21 38.33
CA VAL B 686 32.81 23.57 37.85
C VAL B 686 34.26 23.50 37.35
N GLN B 687 35.11 22.71 38.02
CA GLN B 687 36.53 22.46 37.62
C GLN B 687 36.55 21.76 36.26
N LEU B 688 35.69 20.75 36.08
CA LEU B 688 35.62 19.90 34.86
C LEU B 688 35.04 20.70 33.69
N ILE B 689 34.18 21.69 33.97
CA ILE B 689 33.58 22.60 32.95
C ILE B 689 34.66 23.56 32.45
N GLN B 690 35.42 24.16 33.37
CA GLN B 690 36.53 25.11 33.06
C GLN B 690 37.63 24.37 32.28
N TYR B 691 37.87 23.10 32.62
CA TYR B 691 38.90 22.22 32.00
C TYR B 691 38.64 22.05 30.50
N LEU B 692 37.38 21.80 30.12
CA LEU B 692 36.95 21.54 28.72
C LEU B 692 37.16 22.80 27.86
N PHE B 693 36.82 23.98 28.40
CA PHE B 693 36.96 25.29 27.72
C PHE B 693 38.45 25.70 27.67
N SER B 694 39.13 25.62 28.82
CA SER B 694 40.58 25.96 28.99
C SER B 694 41.36 24.71 29.39
C1 EDO C . -12.53 -26.45 -23.26
O1 EDO C . -11.60 -27.04 -24.16
C2 EDO C . -13.93 -26.52 -23.74
O2 EDO C . -14.79 -25.59 -23.09
MG MG D . 32.74 9.56 -11.77
C1 EDO E . 16.63 -18.30 -27.26
O1 EDO E . 15.36 -18.08 -27.87
C2 EDO E . 17.67 -17.35 -27.74
O2 EDO E . 17.25 -16.00 -27.78
C1 EDO F . -20.93 -7.21 -21.99
O1 EDO F . -22.03 -7.03 -22.85
C2 EDO F . -20.52 -5.97 -21.28
O2 EDO F . -20.52 -4.82 -22.10
PA NDP G . -11.90 -11.32 -22.76
O1A NDP G . -12.88 -11.57 -23.86
O2A NDP G . -12.36 -11.03 -21.37
O5B NDP G . -10.87 -10.13 -23.25
C5B NDP G . -9.98 -10.74 -24.15
C4B NDP G . -9.15 -9.69 -24.88
O4B NDP G . -9.09 -10.08 -26.25
C3B NDP G . -9.78 -8.26 -24.80
O3B NDP G . -8.78 -7.30 -24.92
C2B NDP G . -10.66 -8.23 -26.05
O2B NDP G . -10.78 -7.02 -26.61
C1B NDP G . -9.83 -9.15 -27.03
N9A NDP G . -10.73 -9.92 -27.92
C8A NDP G . -11.76 -10.80 -27.58
N7A NDP G . -12.38 -11.35 -28.64
C5A NDP G . -11.72 -10.77 -29.74
C6A NDP G . -11.90 -10.93 -31.13
N6A NDP G . -12.88 -11.77 -31.62
N1A NDP G . -11.10 -10.26 -32.03
C2A NDP G . -10.14 -9.43 -31.48
N3A NDP G . -9.85 -9.18 -30.18
C4A NDP G . -10.67 -9.88 -29.31
O3 NDP G . -11.12 -12.79 -22.75
PN NDP G . -10.69 -13.16 -21.26
O1N NDP G . -9.65 -12.21 -20.80
O2N NDP G . -11.84 -13.61 -20.38
O5D NDP G . -9.76 -14.66 -21.31
C5D NDP G . -8.79 -14.55 -22.29
C4D NDP G . -8.07 -15.89 -22.40
O4D NDP G . -7.64 -16.29 -21.08
C3D NDP G . -9.09 -16.95 -22.89
O3D NDP G . -8.43 -17.79 -23.79
C2D NDP G . -9.45 -17.70 -21.61
O2D NDP G . -9.73 -19.05 -21.80
C1D NDP G . -8.13 -17.58 -20.81
N1N NDP G . -8.36 -17.69 -19.35
C2N NDP G . -9.33 -16.92 -18.73
C3N NDP G . -9.71 -17.19 -17.44
C7N NDP G . -10.89 -16.47 -16.92
O7N NDP G . -11.79 -17.03 -16.28
N7N NDP G . -10.98 -15.10 -17.14
C4N NDP G . -9.19 -18.38 -16.73
C5N NDP G . -7.91 -18.87 -17.31
C6N NDP G . -7.56 -18.57 -18.57
P2B NDP G . -11.92 -5.89 -25.73
O1X NDP G . -11.04 -5.59 -24.57
O2X NDP G . -12.15 -4.78 -26.76
O3X NDP G . -13.07 -6.85 -25.50
S SO4 H . -4.72 -21.98 -18.78
O1 SO4 H . -6.03 -21.41 -18.92
O2 SO4 H . -4.41 -22.80 -19.92
O3 SO4 H . -4.70 -22.80 -17.59
O4 SO4 H . -3.75 -20.94 -18.65
S SO4 I . -21.11 -33.49 -28.96
O1 SO4 I . -21.17 -34.07 -30.28
O2 SO4 I . -21.49 -32.10 -29.03
O3 SO4 I . -22.00 -34.20 -28.08
O4 SO4 I . -19.76 -33.59 -28.46
CL CL J . 16.09 -0.14 -14.18
K K K . 17.24 -9.18 -14.01
N1 EPE L . 13.04 14.58 0.59
C2 EPE L . 13.82 15.78 0.32
C3 EPE L . 14.53 16.39 1.52
N4 EPE L . 15.27 15.39 2.25
C5 EPE L . 14.35 14.37 2.72
C6 EPE L . 13.69 13.66 1.53
C7 EPE L . 16.03 16.03 3.31
C8 EPE L . 16.99 15.08 4.05
O8 EPE L . 16.58 14.97 5.38
C9 EPE L . 12.59 14.00 -0.69
C10 EPE L . 12.46 12.48 -0.77
S EPE L . 13.86 11.77 -1.71
O1S EPE L . 13.92 10.26 -1.65
O2S EPE L . 13.64 11.97 -3.19
O3S EPE L . 15.16 12.36 -1.23
MG MG M . -36.75 -1.72 6.93
S SO4 N . -36.44 -2.08 3.45
O1 SO4 N . -36.87 -3.45 3.27
O2 SO4 N . -37.26 -1.21 2.64
O3 SO4 N . -36.60 -1.72 4.83
O4 SO4 N . -35.06 -1.95 3.08
C ACT O . 28.21 13.82 10.87
O ACT O . 27.90 13.61 12.05
OXT ACT O . 29.38 13.90 10.46
CH3 ACT O . 27.08 14.01 9.85
C ACT P . -17.83 15.86 28.94
O ACT P . -17.34 16.63 28.10
OXT ACT P . -17.31 15.61 30.05
CH3 ACT P . -19.15 15.16 28.59
PA NDP Q . 8.73 18.45 18.13
O1A NDP Q . 9.39 19.77 18.31
O2A NDP Q . 9.22 17.49 17.08
O5B NDP Q . 7.10 18.66 17.97
C5B NDP Q . 6.68 19.34 19.12
C4B NDP Q . 5.26 19.82 18.94
O4B NDP Q . 4.96 20.70 20.01
C3B NDP Q . 5.11 20.58 17.59
O3B NDP Q . 3.83 20.39 17.07
C2B NDP Q . 5.30 22.06 18.00
O2B NDP Q . 4.52 22.92 17.33
C1B NDP Q . 4.80 22.02 19.50
N9A NDP Q . 5.60 22.93 20.34
C8A NDP Q . 7.01 22.92 20.54
N7A NDP Q . 7.44 23.89 21.36
C5A NDP Q . 6.27 24.56 21.72
C6A NDP Q . 6.05 25.67 22.56
N6A NDP Q . 7.10 26.27 23.20
N1A NDP Q . 4.77 26.16 22.78
C2A NDP Q . 3.77 25.50 22.10
N3A NDP Q . 3.82 24.44 21.27
C4A NDP Q . 5.11 23.97 21.09
O3 NDP Q . 9.07 17.76 19.58
PN NDP Q . 8.51 16.26 19.64
O1N NDP Q . 7.30 16.08 18.81
O2N NDP Q . 9.60 15.22 19.75
O5D NDP Q . 7.81 16.20 21.26
C5D NDP Q . 7.17 15.01 21.44
C4D NDP Q . 7.16 14.70 22.93
O4D NDP Q . 7.44 13.29 23.10
C3D NDP Q . 8.32 15.45 23.67
O3D NDP Q . 8.03 15.50 25.03
C2D NDP Q . 9.47 14.51 23.38
O2D NDP Q . 10.52 14.61 24.29
C1D NDP Q . 8.76 13.15 23.61
N1N NDP Q . 9.42 12.02 22.90
C2N NDP Q . 10.31 12.20 21.83
C3N NDP Q . 10.59 11.10 21.09
C7N NDP Q . 11.12 11.31 19.73
O7N NDP Q . 11.88 10.51 19.16
N7N NDP Q . 10.76 12.46 19.04
C4N NDP Q . 10.70 9.75 21.72
C5N NDP Q . 9.98 9.72 23.01
C6N NDP Q . 9.13 10.71 23.32
P2B NDP Q . 5.23 23.47 15.71
O1X NDP Q . 4.86 22.26 14.94
O2X NDP Q . 4.46 24.77 15.43
O3X NDP Q . 6.67 23.62 16.13
S SO4 R . 12.64 17.11 24.60
O1 SO4 R . 12.41 16.49 23.33
O2 SO4 R . 11.43 17.71 25.07
O3 SO4 R . 13.08 16.12 25.54
O4 SO4 R . 13.65 18.12 24.46
S SO4 S . 8.63 8.72 26.59
O1 SO4 S . 7.62 9.03 25.60
O2 SO4 S . 8.09 8.96 27.91
O3 SO4 S . 9.78 9.56 26.38
O4 SO4 S . 9.00 7.34 26.48
N1 EPE T . -18.28 -0.30 -8.23
C2 EPE T . -19.47 0.31 -8.82
C3 EPE T . -20.23 -0.53 -9.85
N4 EPE T . -20.16 -1.94 -9.55
C5 EPE T . -18.78 -2.36 -9.56
C6 EPE T . -18.12 -1.75 -8.32
C7 EPE T . -20.97 -2.73 -10.46
C8 EPE T . -21.37 -4.05 -9.79
O8 EPE T . -21.02 -5.13 -10.61
C9 EPE T . -17.99 0.26 -6.90
C10 EPE T . -18.39 -0.70 -5.78
S EPE T . -18.35 0.02 -4.12
O1S EPE T . -18.37 1.53 -4.42
O2S EPE T . -19.59 -0.36 -3.49
O3S EPE T . -17.08 -0.34 -3.41
S SO4 U . 18.87 26.02 27.46
O1 SO4 U . 18.23 26.01 26.17
O2 SO4 U . 18.40 27.15 28.22
O3 SO4 U . 18.57 24.81 28.16
O4 SO4 U . 20.30 26.13 27.29
CL CL V . 17.22 24.81 -1.86
#